data_4DB1
#
_entry.id   4DB1
#
_cell.length_a   100.206
_cell.length_b   94.310
_cell.length_c   110.894
_cell.angle_alpha   90.000
_cell.angle_beta   112.290
_cell.angle_gamma   90.000
#
_symmetry.space_group_name_H-M   'P 1 21 1'
#
loop_
_entity.id
_entity.type
_entity.pdbx_description
1 polymer Myosin-7
2 non-polymer 'PHOSPHOAMINOPHOSPHONIC ACID-ADENYLATE ESTER'
3 non-polymer 'MANGANESE (II) ION'
4 water water
#
_entity_poly.entity_id   1
_entity_poly.type   'polypeptide(L)'
_entity_poly.pdbx_seq_one_letter_code
;GGDSEMAVFGAAAPYLRKSEKERLEAQTRPFDLKKDVFVPDDKQEFVKAKIVSREGGKVTAETEYGKTVTVKEDQVMQQN
PPKFDKIEDMAMLTFLHEPAVLYNLKDRYGSWMIYTYSGLFCVTVNPYKWLPVYTPEVVAAYRGKKRSEAPPHIFSISDN
AYQYMLTDRENQSILITGESGAGKTVNTKRVIQYFAVIAAIGDRSKKDQSPGKGTLEDQIIQANPALEAFGNAKTVRNDN
SSRFGKFIRIHFGATGKLASADIETYLLEKSRVIFQLKAERDYHIFYQILSNKKPELLDMLLITNNPYDYAFISQGETTV
ASIDDAEELMATDNAFDVLGFTSEEKNSMYKLTGAIMHFGNMKFKLKQREEQAEPDGTEEADKSAYLMGLNSADLLKGLC
HPRVKVGNEYVTKGQNVQQVIYATGALAKAVYERMFNWMVTRINATLETKQPRQYFIGVLDIAGFEIFDFNSFEQLCINF
TNEKLQQFFNHHMFVLEQEEYKKEGIEWTFIDFGMDLQACIDLIEKPMGIMSILEEECMFPKATDMTFKAKLFDNHLGKS
ANFQKPRNIKGKPEAHFSLIHYAGIVDYNIIGWLQKNKDPLNETVVGLYQKSSLKLLSTLFANYAGADAPIEKGKGKAKK
GSSFQTVSALHRENLNKLMTNLRSTHPHFVRCIIPNETKSPGVMDNPLVMHQLRCNGVLEGIRICRKGFPNRILYGDFRQ
RYRILNPAAIPEGQFIDSRKGAEKLLSSLDIDHNQYKFGHTKVFFKAGLLGLLEEMRDERLSR
;
_entity_poly.pdbx_strand_id   A,B
#
loop_
_chem_comp.id
_chem_comp.type
_chem_comp.name
_chem_comp.formula
ANP non-polymer 'PHOSPHOAMINOPHOSPHONIC ACID-ADENYLATE ESTER' 'C10 H17 N6 O12 P3'
MN non-polymer 'MANGANESE (II) ION' 'Mn 2'
#
# COMPACT_ATOMS: atom_id res chain seq x y z
N GLY A 1 -13.39 8.57 -20.62
CA GLY A 1 -13.83 10.00 -20.51
C GLY A 1 -12.67 10.91 -20.20
N GLY A 2 -12.97 12.18 -19.99
CA GLY A 2 -11.93 13.19 -19.71
C GLY A 2 -11.09 12.93 -18.48
N ASP A 3 -11.58 12.11 -17.56
CA ASP A 3 -10.84 11.85 -16.32
C ASP A 3 -10.04 10.56 -16.32
N SER A 4 -9.96 9.92 -17.49
CA SER A 4 -9.33 8.60 -17.61
C SER A 4 -7.91 8.57 -17.06
N GLU A 5 -7.23 9.72 -17.09
CA GLU A 5 -5.88 9.84 -16.55
C GLU A 5 -5.85 9.67 -15.05
N MET A 6 -7.01 9.81 -14.42
CA MET A 6 -7.11 9.70 -12.97
C MET A 6 -7.59 8.33 -12.50
N ALA A 7 -8.10 7.53 -13.42
CA ALA A 7 -8.74 6.25 -13.07
C ALA A 7 -7.87 5.35 -12.19
N VAL A 8 -6.56 5.33 -12.45
CA VAL A 8 -5.64 4.45 -11.72
C VAL A 8 -5.48 4.82 -10.25
N PHE A 9 -5.94 5.99 -9.86
CA PHE A 9 -5.84 6.41 -8.46
C PHE A 9 -7.07 6.00 -7.63
N GLY A 10 -8.08 5.47 -8.30
CA GLY A 10 -9.32 5.04 -7.64
C GLY A 10 -9.93 6.12 -6.78
N ALA A 11 -10.34 5.75 -5.56
CA ALA A 11 -11.01 6.67 -4.65
C ALA A 11 -10.10 7.80 -4.11
N ALA A 12 -8.82 7.79 -4.48
CA ALA A 12 -7.92 8.83 -4.01
C ALA A 12 -7.96 10.07 -4.90
N ALA A 13 -8.62 9.96 -6.06
CA ALA A 13 -8.62 11.01 -7.07
C ALA A 13 -9.18 12.35 -6.61
N PRO A 14 -10.37 12.36 -5.98
CA PRO A 14 -10.90 13.65 -5.52
C PRO A 14 -9.93 14.45 -4.64
N TYR A 15 -8.96 13.77 -4.04
CA TYR A 15 -7.99 14.40 -3.15
C TYR A 15 -6.65 14.67 -3.84
N LEU A 16 -6.57 14.36 -5.14
CA LEU A 16 -5.35 14.57 -5.90
C LEU A 16 -5.52 15.57 -7.03
N ARG A 17 -6.60 15.39 -7.80
CA ARG A 17 -6.92 16.30 -8.90
C ARG A 17 -8.43 16.34 -9.05
N LYS A 18 -8.98 17.55 -9.15
CA LYS A 18 -10.41 17.72 -9.39
C LYS A 18 -10.77 17.30 -10.81
N SER A 19 -12.03 16.91 -11.01
CA SER A 19 -12.46 16.35 -12.28
C SER A 19 -12.45 17.40 -13.40
N GLU A 20 -12.66 16.93 -14.62
CA GLU A 20 -12.72 17.82 -15.76
C GLU A 20 -13.99 18.68 -15.78
N LYS A 21 -15.11 18.13 -15.28
CA LYS A 21 -16.33 18.93 -15.15
C LYS A 21 -16.06 20.17 -14.28
N GLU A 22 -15.56 19.94 -13.07
CA GLU A 22 -15.25 21.03 -12.14
C GLU A 22 -14.22 21.99 -12.73
N ARG A 23 -13.22 21.45 -13.42
CA ARG A 23 -12.20 22.27 -14.07
C ARG A 23 -12.81 23.32 -15.00
N LEU A 24 -13.59 22.87 -15.98
CA LEU A 24 -14.18 23.75 -17.00
C LEU A 24 -15.22 24.72 -16.44
N GLU A 25 -15.88 24.33 -15.35
CA GLU A 25 -16.86 25.19 -14.69
C GLU A 25 -16.17 26.35 -13.96
N ALA A 26 -15.17 26.02 -13.15
CA ALA A 26 -14.31 27.01 -12.52
C ALA A 26 -13.79 28.04 -13.52
N GLN A 27 -13.42 27.58 -14.72
CA GLN A 27 -12.91 28.46 -15.78
C GLN A 27 -13.93 29.46 -16.33
N THR A 28 -15.23 29.15 -16.21
CA THR A 28 -16.25 30.09 -16.68
C THR A 28 -16.73 31.06 -15.62
N ARG A 29 -16.28 30.87 -14.37
CA ARG A 29 -16.69 31.77 -13.28
C ARG A 29 -16.43 33.23 -13.64
N PRO A 30 -17.30 34.14 -13.15
CA PRO A 30 -17.14 35.56 -13.47
C PRO A 30 -15.78 36.08 -13.04
N PHE A 31 -15.01 36.61 -14.01
CA PHE A 31 -13.72 37.20 -13.72
C PHE A 31 -13.39 38.38 -14.61
N ASP A 32 -13.48 39.57 -14.02
CA ASP A 32 -12.94 40.79 -14.61
C ASP A 32 -11.51 41.01 -14.07
N LEU A 33 -10.55 41.02 -14.98
CA LEU A 33 -9.15 41.22 -14.64
C LEU A 33 -8.88 42.51 -13.84
N LYS A 34 -9.52 43.61 -14.25
CA LYS A 34 -9.29 44.93 -13.65
C LYS A 34 -9.94 45.12 -12.27
N LYS A 35 -10.99 44.35 -11.98
CA LYS A 35 -11.77 44.52 -10.74
C LYS A 35 -11.34 43.57 -9.61
N ASP A 36 -10.95 42.35 -9.98
CA ASP A 36 -10.65 41.30 -9.00
C ASP A 36 -9.18 41.21 -8.62
N VAL A 37 -8.87 41.62 -7.39
CA VAL A 37 -7.48 41.85 -6.96
C VAL A 37 -7.23 41.40 -5.52
N PHE A 38 -5.97 41.54 -5.11
CA PHE A 38 -5.58 41.38 -3.72
C PHE A 38 -5.18 42.75 -3.15
N VAL A 39 -5.63 43.03 -1.93
CA VAL A 39 -5.14 44.19 -1.17
C VAL A 39 -4.65 43.71 0.20
N PRO A 40 -3.79 44.51 0.87
CA PRO A 40 -3.35 44.22 2.24
C PRO A 40 -4.49 44.25 3.24
N ASP A 41 -4.33 43.53 4.34
CA ASP A 41 -5.29 43.55 5.43
C ASP A 41 -4.54 43.48 6.75
N ASP A 42 -5.06 44.17 7.75
CA ASP A 42 -4.50 44.18 9.10
C ASP A 42 -4.54 42.78 9.68
N LYS A 43 -5.75 42.34 10.05
CA LYS A 43 -5.98 41.06 10.73
C LYS A 43 -5.58 39.80 9.94
N GLN A 44 -5.97 39.75 8.66
CA GLN A 44 -5.66 38.63 7.77
C GLN A 44 -4.80 39.12 6.61
N GLU A 45 -3.52 38.74 6.62
CA GLU A 45 -2.47 39.38 5.79
C GLU A 45 -2.92 40.04 4.47
N PHE A 46 -3.44 39.23 3.55
CA PHE A 46 -3.99 39.71 2.29
C PHE A 46 -5.41 39.17 2.12
N VAL A 47 -6.19 39.83 1.26
CA VAL A 47 -7.59 39.53 1.09
C VAL A 47 -8.00 39.84 -0.33
N LYS A 48 -8.80 38.94 -0.91
CA LYS A 48 -9.33 39.13 -2.27
C LYS A 48 -10.42 40.20 -2.23
N ALA A 49 -10.24 41.25 -3.03
CA ALA A 49 -11.19 42.36 -3.02
C ALA A 49 -11.66 42.70 -4.43
N LYS A 50 -12.85 43.31 -4.50
CA LYS A 50 -13.41 43.80 -5.76
C LYS A 50 -13.31 45.32 -5.81
N ILE A 51 -12.64 45.84 -6.84
CA ILE A 51 -12.43 47.30 -6.99
C ILE A 51 -13.74 48.04 -7.24
N VAL A 52 -14.06 48.97 -6.35
CA VAL A 52 -15.24 49.82 -6.51
C VAL A 52 -14.86 51.14 -7.19
N SER A 53 -13.81 51.80 -6.70
CA SER A 53 -13.41 53.12 -7.21
C SER A 53 -11.90 53.36 -7.21
N ARG A 54 -11.47 54.33 -8.02
CA ARG A 54 -10.10 54.85 -7.99
C ARG A 54 -10.13 56.32 -7.53
N GLU A 55 -8.98 56.78 -7.05
CA GLU A 55 -8.83 58.16 -6.56
C GLU A 55 -8.02 59.01 -7.53
N GLY A 56 -7.18 58.33 -8.33
CA GLY A 56 -6.16 58.99 -9.13
C GLY A 56 -4.81 58.77 -8.47
N GLY A 57 -4.85 58.32 -7.21
CA GLY A 57 -3.69 57.92 -6.44
C GLY A 57 -3.98 56.66 -5.63
N LYS A 58 -5.14 56.66 -4.97
CA LYS A 58 -5.59 55.54 -4.12
C LYS A 58 -6.67 54.68 -4.80
N VAL A 59 -6.93 53.50 -4.22
CA VAL A 59 -8.02 52.63 -4.66
C VAL A 59 -8.84 52.13 -3.46
N THR A 60 -10.16 52.16 -3.60
CA THR A 60 -11.07 51.56 -2.61
C THR A 60 -11.70 50.28 -3.19
N ALA A 61 -12.02 49.33 -2.31
CA ALA A 61 -12.56 48.05 -2.75
C ALA A 61 -13.48 47.39 -1.73
N GLU A 62 -14.20 46.36 -2.18
CA GLU A 62 -15.06 45.53 -1.33
C GLU A 62 -14.37 44.20 -0.98
N THR A 63 -13.91 44.13 0.27
CA THR A 63 -13.20 43.00 0.84
C THR A 63 -14.06 41.71 0.92
N GLU A 64 -13.45 40.56 0.66
CA GLU A 64 -14.01 39.28 1.08
C GLU A 64 -14.00 39.38 2.60
N TYR A 65 -15.07 38.89 3.25
CA TYR A 65 -15.33 39.19 4.67
C TYR A 65 -16.17 40.46 4.84
N GLY A 66 -16.57 41.06 3.71
CA GLY A 66 -17.52 42.18 3.68
C GLY A 66 -17.05 43.44 4.37
N LYS A 67 -16.09 44.13 3.75
CA LYS A 67 -15.53 45.37 4.28
C LYS A 67 -15.16 46.29 3.12
N THR A 68 -14.99 47.58 3.40
CA THR A 68 -14.49 48.52 2.40
C THR A 68 -13.11 49.05 2.83
N VAL A 69 -12.12 48.88 1.97
CA VAL A 69 -10.76 49.33 2.24
C VAL A 69 -10.32 50.40 1.25
N THR A 70 -9.46 51.30 1.71
CA THR A 70 -8.83 52.31 0.86
C THR A 70 -7.32 52.14 0.99
N VAL A 71 -6.67 51.80 -0.12
CA VAL A 71 -5.22 51.56 -0.12
C VAL A 71 -4.52 52.37 -1.22
N LYS A 72 -3.19 52.44 -1.12
CA LYS A 72 -2.37 53.05 -2.15
C LYS A 72 -2.33 52.10 -3.35
N GLU A 73 -2.36 52.65 -4.57
CA GLU A 73 -2.31 51.83 -5.79
C GLU A 73 -1.14 50.83 -5.78
N ASP A 74 0.01 51.29 -5.31
CA ASP A 74 1.21 50.47 -5.14
C ASP A 74 0.95 49.12 -4.45
N GLN A 75 -0.02 49.09 -3.54
CA GLN A 75 -0.26 47.91 -2.70
C GLN A 75 -1.20 46.90 -3.36
N VAL A 76 -1.89 47.31 -4.42
CA VAL A 76 -2.85 46.45 -5.13
C VAL A 76 -2.13 45.45 -6.04
N MET A 77 -2.59 44.21 -5.97
CA MET A 77 -1.90 43.11 -6.63
C MET A 77 -2.89 42.30 -7.44
N GLN A 78 -2.53 42.03 -8.69
CA GLN A 78 -3.44 41.35 -9.61
C GLN A 78 -3.66 39.87 -9.27
N GLN A 79 -4.89 39.40 -9.51
CA GLN A 79 -5.21 37.99 -9.38
C GLN A 79 -4.84 37.24 -10.64
N ASN A 80 -4.48 35.97 -10.46
CA ASN A 80 -4.39 35.06 -11.59
C ASN A 80 -5.79 34.72 -12.15
N PRO A 81 -5.91 34.62 -13.50
CA PRO A 81 -7.17 34.25 -14.17
C PRO A 81 -7.66 32.84 -13.76
N PRO A 82 -8.95 32.53 -13.99
CA PRO A 82 -9.51 31.24 -13.56
C PRO A 82 -8.81 30.01 -14.17
N LYS A 83 -8.25 30.20 -15.36
CA LYS A 83 -7.35 29.24 -16.00
C LYS A 83 -6.33 28.62 -15.02
N PHE A 84 -5.97 29.39 -14.00
CA PHE A 84 -4.87 29.04 -13.08
C PHE A 84 -5.35 28.55 -11.71
N ASP A 85 -6.66 28.48 -11.50
CA ASP A 85 -7.25 27.99 -10.24
C ASP A 85 -6.69 26.64 -9.83
N LYS A 86 -6.24 26.54 -8.58
CA LYS A 86 -5.71 25.30 -8.00
C LYS A 86 -4.62 24.64 -8.86
N ILE A 87 -3.79 25.47 -9.47
CA ILE A 87 -2.69 24.98 -10.31
C ILE A 87 -1.78 24.03 -9.54
N GLU A 88 -1.27 23.01 -10.21
CA GLU A 88 -0.48 21.96 -9.57
C GLU A 88 0.99 22.35 -9.37
N ASP A 89 1.51 23.17 -10.26
CA ASP A 89 2.84 23.73 -10.11
C ASP A 89 2.74 25.25 -10.21
N MET A 90 3.02 25.89 -9.07
CA MET A 90 2.86 27.32 -8.93
C MET A 90 3.84 28.16 -9.71
N ALA A 91 4.93 27.56 -10.17
CA ALA A 91 5.84 28.26 -11.07
C ALA A 91 5.15 28.60 -12.40
N MET A 92 4.02 27.96 -12.69
CA MET A 92 3.31 28.17 -13.96
C MET A 92 2.34 29.34 -13.88
N LEU A 93 2.14 29.89 -12.69
CA LEU A 93 1.30 31.07 -12.51
C LEU A 93 1.91 32.31 -13.18
N THR A 94 1.03 33.17 -13.71
CA THR A 94 1.46 34.45 -14.29
C THR A 94 1.96 35.41 -13.21
N PHE A 95 1.17 35.58 -12.16
CA PHE A 95 1.53 36.46 -11.06
C PHE A 95 2.00 35.60 -9.89
N LEU A 96 3.22 35.87 -9.42
CA LEU A 96 3.86 35.08 -8.38
C LEU A 96 4.18 35.88 -7.12
N HIS A 97 3.32 36.85 -6.80
CA HIS A 97 3.45 37.60 -5.54
C HIS A 97 2.89 36.80 -4.36
N GLU A 98 3.07 37.34 -3.16
CA GLU A 98 2.67 36.66 -1.93
C GLU A 98 1.21 36.15 -1.90
N PRO A 99 0.23 37.02 -2.24
CA PRO A 99 -1.16 36.56 -2.23
C PRO A 99 -1.46 35.43 -3.23
N ALA A 100 -0.99 35.56 -4.47
CA ALA A 100 -1.18 34.53 -5.51
C ALA A 100 -0.81 33.12 -5.05
N VAL A 101 0.35 33.02 -4.40
CA VAL A 101 0.86 31.78 -3.82
C VAL A 101 -0.02 31.31 -2.66
N LEU A 102 -0.26 32.19 -1.69
CA LEU A 102 -1.13 31.90 -0.55
C LEU A 102 -2.50 31.39 -0.98
N TYR A 103 -3.10 32.05 -1.96
CA TYR A 103 -4.43 31.68 -2.39
C TYR A 103 -4.49 30.42 -3.24
N ASN A 104 -3.44 30.12 -3.99
CA ASN A 104 -3.43 28.87 -4.73
C ASN A 104 -3.40 27.68 -3.76
N LEU A 105 -2.56 27.76 -2.74
CA LEU A 105 -2.50 26.73 -1.71
C LEU A 105 -3.78 26.66 -0.88
N LYS A 106 -4.40 27.82 -0.63
CA LYS A 106 -5.63 27.88 0.14
C LYS A 106 -6.79 27.25 -0.61
N ASP A 107 -6.86 27.51 -1.92
CA ASP A 107 -7.87 26.90 -2.78
C ASP A 107 -7.67 25.38 -2.92
N ARG A 108 -6.41 24.92 -2.99
CA ARG A 108 -6.16 23.47 -3.05
C ARG A 108 -6.60 22.84 -1.73
N TYR A 109 -6.23 23.48 -0.62
CA TYR A 109 -6.50 22.97 0.71
C TYR A 109 -7.98 22.96 1.01
N GLY A 110 -8.68 24.01 0.60
CA GLY A 110 -10.13 24.09 0.73
C GLY A 110 -10.79 22.90 0.08
N SER A 111 -10.23 22.48 -1.06
CA SER A 111 -10.69 21.32 -1.83
C SER A 111 -10.13 19.99 -1.33
N TRP A 112 -9.42 20.03 -0.21
CA TRP A 112 -8.85 18.84 0.42
C TRP A 112 -7.65 18.31 -0.34
N MET A 113 -7.05 19.15 -1.19
CA MET A 113 -5.85 18.78 -1.95
C MET A 113 -4.59 19.34 -1.28
N ILE A 114 -3.89 18.42 -0.61
CA ILE A 114 -2.85 18.70 0.38
C ILE A 114 -1.43 18.95 -0.20
N TYR A 115 -1.25 18.64 -1.49
CA TYR A 115 0.05 18.64 -2.13
C TYR A 115 0.10 19.61 -3.30
N THR A 116 1.16 20.41 -3.38
CA THR A 116 1.34 21.36 -4.48
C THR A 116 2.82 21.54 -4.75
N TYR A 117 3.21 21.63 -6.03
CA TYR A 117 4.57 22.00 -6.38
C TYR A 117 4.71 23.49 -6.59
N SER A 118 5.93 23.97 -6.33
CA SER A 118 6.30 25.35 -6.52
C SER A 118 7.75 25.33 -7.00
N GLY A 119 7.92 25.17 -8.32
CA GLY A 119 9.22 24.84 -8.90
C GLY A 119 9.65 23.52 -8.29
N LEU A 120 10.86 23.51 -7.70
CA LEU A 120 11.39 22.31 -7.08
C LEU A 120 10.66 21.84 -5.82
N PHE A 121 9.97 22.76 -5.14
CA PHE A 121 9.29 22.45 -3.89
C PHE A 121 8.02 21.63 -4.02
N CYS A 122 7.94 20.55 -3.24
CA CYS A 122 6.69 19.92 -2.90
C CYS A 122 6.19 20.57 -1.61
N VAL A 123 5.00 21.17 -1.65
CA VAL A 123 4.44 21.86 -0.49
C VAL A 123 3.30 21.04 0.08
N THR A 124 3.30 20.84 1.39
CA THR A 124 2.31 20.03 2.07
C THR A 124 1.64 20.83 3.18
N VAL A 125 0.32 20.90 3.14
CA VAL A 125 -0.44 21.57 4.19
C VAL A 125 -1.14 20.51 5.03
N ASN A 126 -0.84 20.48 6.33
CA ASN A 126 -1.41 19.50 7.25
C ASN A 126 -2.94 19.52 7.19
N PRO A 127 -3.53 18.38 6.78
CA PRO A 127 -4.99 18.26 6.77
C PRO A 127 -5.62 18.12 8.17
N TYR A 128 -4.88 17.64 9.16
CA TYR A 128 -5.45 17.23 10.47
C TYR A 128 -6.63 16.26 10.29
N LYS A 129 -6.52 15.42 9.27
CA LYS A 129 -7.57 14.47 8.90
C LYS A 129 -6.92 13.44 7.99
N TRP A 130 -7.14 12.17 8.30
CA TRP A 130 -6.71 11.04 7.47
CA TRP A 130 -6.61 11.14 7.43
C TRP A 130 -7.40 11.10 6.12
N LEU A 131 -6.64 11.08 5.03
CA LEU A 131 -7.15 11.09 3.67
C LEU A 131 -6.78 9.77 2.97
N PRO A 132 -7.64 9.29 2.06
CA PRO A 132 -7.40 7.99 1.45
C PRO A 132 -6.46 8.08 0.25
N VAL A 133 -5.24 8.54 0.48
CA VAL A 133 -4.27 8.74 -0.60
C VAL A 133 -2.97 7.95 -0.40
N TYR A 134 -2.93 7.07 0.59
CA TYR A 134 -1.73 6.30 0.91
C TYR A 134 -2.01 4.80 0.86
N THR A 135 -2.72 4.38 -0.20
CA THR A 135 -3.11 2.99 -0.43
C THR A 135 -2.17 2.36 -1.48
N PRO A 136 -2.16 1.02 -1.58
CA PRO A 136 -1.35 0.32 -2.58
C PRO A 136 -1.69 0.73 -4.00
N GLU A 137 -2.96 1.08 -4.21
CA GLU A 137 -3.45 1.53 -5.50
C GLU A 137 -2.72 2.81 -5.91
N VAL A 138 -2.66 3.78 -4.99
CA VAL A 138 -1.87 4.99 -5.22
C VAL A 138 -0.38 4.67 -5.39
N VAL A 139 0.15 3.72 -4.61
CA VAL A 139 1.57 3.37 -4.75
C VAL A 139 1.80 2.84 -6.17
N ALA A 140 1.05 1.81 -6.54
CA ALA A 140 1.10 1.25 -7.89
C ALA A 140 1.03 2.34 -8.97
N ALA A 141 0.25 3.38 -8.70
CA ALA A 141 0.01 4.44 -9.68
C ALA A 141 1.14 5.44 -9.78
N TYR A 142 2.03 5.47 -8.79
CA TYR A 142 3.17 6.37 -8.82
C TYR A 142 4.47 5.72 -9.29
N ARG A 143 4.49 4.39 -9.32
CA ARG A 143 5.68 3.66 -9.72
C ARG A 143 6.22 4.10 -11.07
N GLY A 144 7.41 4.68 -11.05
CA GLY A 144 8.14 4.97 -12.26
C GLY A 144 7.66 6.14 -13.05
N LYS A 145 6.82 6.98 -12.45
CA LYS A 145 6.32 8.17 -13.15
C LYS A 145 7.16 9.41 -12.86
N LYS A 146 7.24 10.28 -13.87
CA LYS A 146 7.88 11.58 -13.67
C LYS A 146 6.89 12.53 -12.98
N ARG A 147 7.44 13.54 -12.31
CA ARG A 147 6.63 14.58 -11.65
C ARG A 147 5.43 15.00 -12.49
N SER A 148 5.70 15.45 -13.71
CA SER A 148 4.67 16.00 -14.58
C SER A 148 3.64 14.96 -15.02
N GLU A 149 3.92 13.67 -14.77
CA GLU A 149 3.07 12.60 -15.27
C GLU A 149 2.01 12.16 -14.27
N ALA A 150 1.95 12.83 -13.12
CA ALA A 150 1.02 12.48 -12.06
C ALA A 150 0.75 13.73 -11.22
N PRO A 151 -0.43 13.80 -10.57
CA PRO A 151 -0.73 14.92 -9.65
C PRO A 151 0.27 14.97 -8.49
N PRO A 152 0.40 16.14 -7.82
CA PRO A 152 1.35 16.26 -6.72
C PRO A 152 1.05 15.26 -5.59
N HIS A 153 2.11 14.65 -5.07
CA HIS A 153 2.01 13.71 -3.96
C HIS A 153 3.41 13.52 -3.37
N ILE A 154 3.48 13.38 -2.05
CA ILE A 154 4.74 12.98 -1.40
C ILE A 154 5.35 11.71 -2.05
N PHE A 155 4.50 10.78 -2.48
CA PHE A 155 4.94 9.55 -3.20
C PHE A 155 5.76 9.84 -4.47
N SER A 156 5.57 11.02 -5.04
CA SER A 156 6.25 11.42 -6.25
C SER A 156 7.71 11.75 -5.97
N ILE A 157 7.94 12.43 -4.85
CA ILE A 157 9.30 12.72 -4.37
C ILE A 157 10.02 11.43 -4.08
N SER A 158 9.35 10.52 -3.38
CA SER A 158 9.95 9.24 -3.03
C SER A 158 10.34 8.39 -4.24
N ASP A 159 9.37 8.11 -5.10
CA ASP A 159 9.59 7.26 -6.26
C ASP A 159 10.66 7.85 -7.19
N ASN A 160 10.61 9.16 -7.38
CA ASN A 160 11.56 9.83 -8.27
C ASN A 160 12.95 9.82 -7.68
N ALA A 161 13.05 10.02 -6.38
CA ALA A 161 14.34 9.92 -5.71
C ALA A 161 14.93 8.52 -5.95
N TYR A 162 14.14 7.48 -5.66
CA TYR A 162 14.59 6.10 -5.81
C TYR A 162 14.99 5.85 -7.25
N GLN A 163 14.17 6.34 -8.18
CA GLN A 163 14.44 6.20 -9.61
C GLN A 163 15.65 7.00 -10.08
N TYR A 164 15.81 8.23 -9.61
CA TYR A 164 16.98 9.04 -9.95
C TYR A 164 18.26 8.34 -9.49
N MET A 165 18.20 7.68 -8.34
CA MET A 165 19.33 6.97 -7.77
C MET A 165 19.83 5.85 -8.68
N LEU A 166 18.89 5.11 -9.28
CA LEU A 166 19.21 4.00 -10.13
C LEU A 166 19.67 4.48 -11.51
N THR A 167 18.96 5.49 -12.03
CA THR A 167 19.21 6.04 -13.35
C THR A 167 20.52 6.83 -13.42
N ASP A 168 20.77 7.67 -12.42
CA ASP A 168 21.92 8.58 -12.47
C ASP A 168 23.12 8.08 -11.66
N ARG A 169 22.96 6.95 -10.97
CA ARG A 169 24.04 6.37 -10.17
C ARG A 169 24.54 7.35 -9.10
N GLU A 170 23.60 7.82 -8.27
CA GLU A 170 23.86 9.02 -7.51
C GLU A 170 23.07 9.06 -6.23
N ASN A 171 23.71 9.50 -5.15
CA ASN A 171 23.03 9.72 -3.89
C ASN A 171 21.90 10.71 -4.02
N GLN A 172 20.84 10.48 -3.27
CA GLN A 172 19.70 11.39 -3.25
C GLN A 172 19.46 11.88 -1.81
N SER A 173 18.60 12.89 -1.72
CA SER A 173 18.38 13.66 -0.50
C SER A 173 16.93 14.11 -0.44
N ILE A 174 16.27 13.94 0.69
CA ILE A 174 14.92 14.46 0.83
C ILE A 174 14.90 15.28 2.09
N LEU A 175 14.76 16.61 1.94
CA LEU A 175 14.77 17.55 3.06
C LEU A 175 13.35 17.97 3.43
N ILE A 176 12.90 17.52 4.60
CA ILE A 176 11.53 17.77 5.03
C ILE A 176 11.51 18.72 6.24
N THR A 177 11.21 19.99 5.97
CA THR A 177 11.27 21.01 7.02
C THR A 177 9.94 21.74 7.22
N GLY A 178 9.88 22.59 8.25
CA GLY A 178 8.64 23.27 8.62
C GLY A 178 8.49 23.47 10.12
N GLU A 179 7.44 24.17 10.52
CA GLU A 179 7.22 24.51 11.92
C GLU A 179 6.72 23.31 12.68
N SER A 180 6.76 23.40 14.01
CA SER A 180 6.18 22.36 14.84
C SER A 180 4.71 22.15 14.47
N GLY A 181 4.34 20.90 14.22
CA GLY A 181 2.97 20.54 13.87
C GLY A 181 2.64 20.56 12.39
N ALA A 182 3.65 20.82 11.56
CA ALA A 182 3.43 20.99 10.12
C ALA A 182 3.17 19.66 9.40
N GLY A 183 3.78 18.59 9.89
CA GLY A 183 3.64 17.30 9.23
C GLY A 183 4.95 16.62 8.84
N LYS A 184 6.07 17.18 9.27
CA LYS A 184 7.37 16.69 8.87
C LYS A 184 7.48 15.20 9.07
N THR A 185 7.15 14.75 10.27
CA THR A 185 7.34 13.37 10.67
C THR A 185 6.37 12.41 9.97
N VAL A 186 5.11 12.82 9.83
CA VAL A 186 4.15 12.04 9.08
C VAL A 186 4.69 11.78 7.67
N ASN A 187 5.14 12.82 6.99
CA ASN A 187 5.69 12.69 5.64
C ASN A 187 6.99 11.89 5.62
N THR A 188 7.84 12.09 6.62
CA THR A 188 9.09 11.32 6.74
C THR A 188 8.80 9.83 6.81
N LYS A 189 7.81 9.44 7.62
CA LYS A 189 7.42 8.04 7.74
C LYS A 189 6.90 7.46 6.44
N ARG A 190 6.03 8.21 5.76
CA ARG A 190 5.53 7.80 4.45
C ARG A 190 6.68 7.51 3.47
N VAL A 191 7.71 8.34 3.53
CA VAL A 191 8.83 8.29 2.59
C VAL A 191 9.65 7.03 2.87
N ILE A 192 9.94 6.77 4.15
CA ILE A 192 10.66 5.57 4.54
C ILE A 192 9.82 4.35 4.20
N GLN A 193 8.55 4.38 4.59
CA GLN A 193 7.64 3.28 4.30
C GLN A 193 7.61 2.96 2.80
N TYR A 194 7.62 4.00 1.96
CA TYR A 194 7.59 3.85 0.52
C TYR A 194 8.82 3.11 -0.03
N PHE A 195 10.01 3.48 0.47
CA PHE A 195 11.22 2.79 0.09
C PHE A 195 11.19 1.32 0.52
N ALA A 196 10.68 1.05 1.71
CA ALA A 196 10.62 -0.32 2.24
C ALA A 196 9.65 -1.15 1.41
N VAL A 197 8.64 -0.48 0.87
CA VAL A 197 7.66 -1.13 0.05
C VAL A 197 8.24 -1.48 -1.32
N ILE A 198 9.03 -0.58 -1.90
CA ILE A 198 9.47 -0.77 -3.29
C ILE A 198 10.87 -1.31 -3.45
N ALA A 199 11.73 -1.12 -2.45
CA ALA A 199 13.15 -1.48 -2.60
C ALA A 199 13.31 -2.96 -2.90
N ALA A 200 14.33 -3.29 -3.67
CA ALA A 200 14.65 -4.68 -3.97
C ALA A 200 15.27 -5.38 -2.73
N ILE A 201 15.23 -6.71 -2.74
CA ILE A 201 15.66 -7.51 -1.60
C ILE A 201 17.08 -8.02 -1.84
N GLY A 202 17.96 -7.75 -0.88
CA GLY A 202 19.36 -8.19 -0.96
C GLY A 202 19.57 -9.59 -0.40
N ASP A 203 20.74 -10.15 -0.66
CA ASP A 203 21.04 -11.55 -0.30
C ASP A 203 21.06 -11.78 1.21
N ARG A 204 20.33 -12.81 1.63
CA ARG A 204 19.98 -13.11 3.04
C ARG A 204 21.06 -12.81 4.10
N GLY A 212 19.07 -7.76 14.68
CA GLY A 212 17.91 -8.16 15.47
C GLY A 212 16.88 -9.02 14.73
N LYS A 213 15.60 -8.76 14.98
CA LYS A 213 14.51 -9.65 14.55
C LYS A 213 13.80 -9.18 13.26
N GLY A 214 13.40 -10.14 12.44
CA GLY A 214 12.76 -9.86 11.15
C GLY A 214 13.71 -9.37 10.07
N THR A 215 13.24 -8.43 9.27
CA THR A 215 14.00 -7.92 8.13
C THR A 215 14.50 -6.51 8.40
N LEU A 216 15.44 -6.08 7.59
CA LEU A 216 15.94 -4.71 7.60
C LEU A 216 14.78 -3.72 7.48
N GLU A 217 13.88 -3.97 6.52
CA GLU A 217 12.65 -3.16 6.38
C GLU A 217 11.92 -3.06 7.72
N ASP A 218 11.71 -4.19 8.39
CA ASP A 218 11.06 -4.22 9.69
C ASP A 218 11.84 -3.30 10.65
N GLN A 219 13.16 -3.49 10.65
CA GLN A 219 14.03 -2.82 11.60
C GLN A 219 14.14 -1.30 11.37
N ILE A 220 14.24 -0.89 10.12
CA ILE A 220 14.30 0.53 9.79
C ILE A 220 13.04 1.23 10.32
N ILE A 221 11.88 0.63 10.08
CA ILE A 221 10.59 1.22 10.46
C ILE A 221 10.40 1.16 11.98
N GLN A 222 10.88 0.07 12.60
CA GLN A 222 10.73 -0.08 14.03
C GLN A 222 11.66 0.85 14.82
N ALA A 223 12.51 1.59 14.11
CA ALA A 223 13.38 2.57 14.74
C ALA A 223 12.59 3.76 15.28
N ASN A 224 11.46 4.05 14.63
CA ASN A 224 10.64 5.19 15.02
C ASN A 224 10.00 5.14 16.41
N PRO A 225 9.20 4.08 16.71
CA PRO A 225 8.59 3.98 18.06
C PRO A 225 9.62 4.01 19.20
N ALA A 226 10.86 3.62 18.91
CA ALA A 226 11.93 3.64 19.90
C ALA A 226 12.46 5.05 20.16
N LEU A 227 12.83 5.77 19.10
CA LEU A 227 13.27 7.16 19.22
C LEU A 227 12.19 8.08 19.79
N GLU A 228 10.96 7.89 19.29
CA GLU A 228 9.83 8.73 19.67
C GLU A 228 9.54 8.70 21.17
N ALA A 229 9.63 7.51 21.77
CA ALA A 229 9.36 7.39 23.20
C ALA A 229 10.27 8.32 24.02
N PHE A 230 11.54 8.36 23.64
CA PHE A 230 12.55 9.09 24.40
C PHE A 230 12.77 10.51 23.89
N GLY A 231 12.40 10.77 22.64
CA GLY A 231 12.67 12.06 22.00
C GLY A 231 11.47 12.90 21.61
N ASN A 232 10.28 12.34 21.72
CA ASN A 232 9.06 13.09 21.44
C ASN A 232 8.28 13.45 22.69
N ALA A 233 7.49 14.51 22.59
CA ALA A 233 6.68 14.97 23.72
C ALA A 233 5.47 15.79 23.29
N LYS A 234 4.48 15.87 24.19
CA LYS A 234 3.34 16.77 24.04
C LYS A 234 3.79 18.21 24.24
N THR A 235 3.52 19.06 23.26
CA THR A 235 3.74 20.48 23.41
C THR A 235 2.42 21.15 23.11
N VAL A 236 2.39 22.47 23.22
CA VAL A 236 1.21 23.24 22.78
C VAL A 236 0.85 22.96 21.31
N ARG A 237 1.87 22.92 20.44
CA ARG A 237 1.67 22.83 19.01
C ARG A 237 1.31 21.43 18.54
N ASN A 238 1.83 20.42 19.23
CA ASN A 238 1.85 19.07 18.67
C ASN A 238 1.89 17.99 19.76
N ASP A 239 0.86 17.16 19.77
CA ASP A 239 0.77 16.01 20.66
C ASP A 239 1.97 15.04 20.57
N ASN A 240 2.54 14.89 19.38
CA ASN A 240 3.72 14.03 19.19
C ASN A 240 4.93 14.79 18.64
N SER A 241 5.27 15.90 19.29
CA SER A 241 6.35 16.77 18.83
C SER A 241 7.73 16.11 18.94
N SER A 242 8.48 16.11 17.83
CA SER A 242 9.88 15.66 17.83
C SER A 242 10.74 16.75 18.45
N ARG A 243 11.49 16.40 19.49
CA ARG A 243 12.33 17.37 20.18
C ARG A 243 13.81 17.18 19.86
N PHE A 244 14.09 16.67 18.67
CA PHE A 244 15.44 16.50 18.14
C PHE A 244 15.31 16.48 16.62
N GLY A 245 16.37 16.87 15.93
CA GLY A 245 16.40 16.79 14.47
C GLY A 245 16.91 15.41 14.10
N LYS A 246 16.61 14.96 12.90
CA LYS A 246 16.91 13.59 12.48
C LYS A 246 17.37 13.53 11.02
N PHE A 247 18.40 12.73 10.77
CA PHE A 247 18.86 12.45 9.40
C PHE A 247 19.06 10.94 9.19
N ILE A 248 18.26 10.34 8.33
CA ILE A 248 18.33 8.89 8.07
C ILE A 248 18.92 8.71 6.70
N ARG A 249 20.03 7.99 6.60
CA ARG A 249 20.54 7.55 5.30
C ARG A 249 20.15 6.10 5.11
N ILE A 250 19.34 5.83 4.09
CA ILE A 250 19.07 4.46 3.72
C ILE A 250 20.00 4.11 2.55
N HIS A 251 20.81 3.07 2.73
CA HIS A 251 21.81 2.66 1.73
C HIS A 251 21.28 1.55 0.84
N PHE A 252 21.57 1.65 -0.45
CA PHE A 252 21.14 0.67 -1.43
C PHE A 252 22.31 0.18 -2.28
N GLY A 253 22.18 -1.02 -2.82
CA GLY A 253 23.15 -1.60 -3.71
C GLY A 253 22.73 -1.37 -5.16
N ALA A 254 23.17 -2.27 -6.02
CA ALA A 254 23.12 -2.10 -7.47
C ALA A 254 21.74 -1.75 -8.07
N THR A 255 20.75 -2.61 -7.85
CA THR A 255 19.45 -2.43 -8.48
C THR A 255 18.42 -1.98 -7.49
N GLY A 256 18.85 -1.22 -6.49
CA GLY A 256 17.95 -0.79 -5.42
C GLY A 256 17.73 -1.82 -4.32
N LYS A 257 18.64 -2.78 -4.19
CA LYS A 257 18.67 -3.69 -3.03
C LYS A 257 18.89 -2.93 -1.69
N LEU A 258 17.91 -3.01 -0.80
CA LEU A 258 18.01 -2.40 0.54
C LEU A 258 19.22 -2.98 1.29
N ALA A 259 20.24 -2.14 1.50
CA ALA A 259 21.50 -2.62 2.03
C ALA A 259 21.75 -2.32 3.52
N SER A 260 21.50 -1.08 3.93
CA SER A 260 21.73 -0.65 5.32
C SER A 260 21.00 0.64 5.57
N ALA A 261 21.14 1.12 6.79
CA ALA A 261 20.65 2.44 7.16
C ALA A 261 21.47 2.94 8.34
N ASP A 262 21.57 4.26 8.49
CA ASP A 262 22.11 4.86 9.71
C ASP A 262 21.37 6.15 10.07
N ILE A 263 21.24 6.41 11.37
CA ILE A 263 20.49 7.54 11.86
C ILE A 263 21.41 8.52 12.59
N GLU A 264 21.23 9.81 12.33
CA GLU A 264 21.93 10.85 13.07
C GLU A 264 20.89 11.74 13.68
N THR A 265 21.08 12.04 14.95
CA THR A 265 20.15 12.89 15.69
C THR A 265 20.83 14.17 16.14
N TYR A 266 20.06 15.26 16.17
CA TYR A 266 20.62 16.58 16.47
C TYR A 266 19.85 17.28 17.58
N LEU A 267 20.58 17.90 18.51
CA LEU A 267 20.04 18.88 19.44
C LEU A 267 18.80 18.43 20.19
N LEU A 268 18.90 17.32 20.92
CA LEU A 268 17.84 16.93 21.84
C LEU A 268 17.57 18.05 22.86
N GLU A 269 16.30 18.23 23.22
CA GLU A 269 15.91 19.26 24.18
C GLU A 269 16.12 18.77 25.62
N LYS A 270 17.31 19.00 26.15
CA LYS A 270 17.62 18.57 27.51
C LYS A 270 16.70 19.19 28.56
N SER A 271 16.36 20.47 28.40
CA SER A 271 15.47 21.17 29.31
C SER A 271 14.19 20.42 29.67
N ARG A 272 13.61 19.72 28.70
CA ARG A 272 12.29 19.12 28.88
C ARG A 272 12.30 18.01 29.93
N VAL A 273 13.43 17.33 30.04
CA VAL A 273 13.64 16.27 31.03
C VAL A 273 13.18 16.69 32.43
N ILE A 274 13.49 17.94 32.80
CA ILE A 274 13.21 18.41 34.15
C ILE A 274 12.17 19.54 34.27
N PHE A 275 11.64 20.01 33.14
CA PHE A 275 10.77 21.18 33.15
C PHE A 275 9.70 21.13 32.06
N GLN A 276 8.47 21.50 32.41
CA GLN A 276 7.36 21.58 31.46
C GLN A 276 6.55 22.86 31.69
N LEU A 277 6.11 23.51 30.62
CA LEU A 277 5.19 24.63 30.73
C LEU A 277 3.78 24.10 31.02
N LYS A 278 2.91 24.95 31.56
CA LYS A 278 1.57 24.53 31.96
C LYS A 278 0.97 23.44 31.05
N ALA A 279 0.90 23.70 29.75
CA ALA A 279 0.18 22.81 28.85
C ALA A 279 1.10 21.82 28.10
N GLU A 280 2.17 21.39 28.76
CA GLU A 280 3.12 20.48 28.13
C GLU A 280 3.53 19.31 29.03
N ARG A 281 4.00 18.25 28.40
CA ARG A 281 4.51 17.07 29.09
C ARG A 281 6.03 16.91 28.95
N ASP A 282 6.58 15.98 29.73
CA ASP A 282 7.94 15.52 29.54
C ASP A 282 7.89 14.51 28.40
N TYR A 283 9.02 13.89 28.08
CA TYR A 283 9.06 12.84 27.07
C TYR A 283 8.09 11.68 27.33
N HIS A 284 7.59 11.08 26.24
CA HIS A 284 6.50 10.10 26.31
C HIS A 284 6.81 8.95 27.26
N ILE A 285 8.06 8.49 27.23
CA ILE A 285 8.48 7.29 27.94
C ILE A 285 8.06 7.27 29.41
N PHE A 286 8.10 8.44 30.06
CA PHE A 286 7.78 8.53 31.47
C PHE A 286 6.35 8.06 31.71
N TYR A 287 5.43 8.59 30.91
CA TYR A 287 4.01 8.25 31.00
C TYR A 287 3.71 6.87 30.40
N GLN A 288 4.54 6.42 29.47
CA GLN A 288 4.43 5.06 28.95
C GLN A 288 4.71 4.02 30.05
N ILE A 289 5.79 4.24 30.79
CA ILE A 289 6.17 3.41 31.94
C ILE A 289 5.12 3.44 33.05
N LEU A 290 4.55 4.63 33.29
CA LEU A 290 3.58 4.83 34.37
C LEU A 290 2.16 4.35 34.06
N SER A 291 1.90 4.05 32.80
CA SER A 291 0.60 3.56 32.36
C SER A 291 0.24 2.26 33.06
N ASN A 292 1.26 1.60 33.59
CA ASN A 292 1.15 0.30 34.27
C ASN A 292 0.89 -0.90 33.34
N LYS A 293 0.94 -0.66 32.03
CA LYS A 293 0.74 -1.72 31.03
C LYS A 293 1.69 -2.90 31.22
N LYS A 294 2.93 -2.61 31.61
CA LYS A 294 3.92 -3.64 32.01
C LYS A 294 4.20 -3.49 33.51
N PRO A 295 3.42 -4.19 34.36
CA PRO A 295 3.51 -4.01 35.83
C PRO A 295 4.87 -4.30 36.43
N GLU A 296 5.66 -5.15 35.78
CA GLU A 296 6.99 -5.52 36.29
C GLU A 296 7.96 -4.34 36.29
N LEU A 297 7.68 -3.32 35.46
CA LEU A 297 8.54 -2.16 35.38
C LEU A 297 8.41 -1.23 36.58
N LEU A 298 7.20 -1.10 37.13
CA LEU A 298 7.01 -0.24 38.31
C LEU A 298 7.82 -0.78 39.49
N ASP A 299 7.73 -2.09 39.70
CA ASP A 299 8.53 -2.78 40.71
C ASP A 299 10.03 -2.67 40.43
N MET A 300 10.44 -2.93 39.19
CA MET A 300 11.85 -2.79 38.82
C MET A 300 12.37 -1.34 39.01
N LEU A 301 11.51 -0.35 38.80
CA LEU A 301 11.93 1.05 38.94
C LEU A 301 11.62 1.65 40.30
N LEU A 302 11.05 0.84 41.20
CA LEU A 302 10.74 1.27 42.58
C LEU A 302 9.82 2.49 42.61
N ILE A 303 8.77 2.43 41.80
CA ILE A 303 7.99 3.59 41.43
C ILE A 303 6.46 3.38 41.58
N THR A 304 5.72 4.45 41.87
CA THR A 304 4.27 4.38 41.93
C THR A 304 3.71 4.60 40.52
N ASN A 305 2.38 4.53 40.37
CA ASN A 305 1.75 4.80 39.07
C ASN A 305 1.32 6.26 38.86
N ASN A 306 1.69 7.13 39.78
CA ASN A 306 1.22 8.52 39.78
C ASN A 306 2.31 9.51 39.39
N PRO A 307 2.17 10.12 38.20
CA PRO A 307 3.16 11.08 37.71
C PRO A 307 3.36 12.26 38.66
N TYR A 308 2.31 12.61 39.41
CA TYR A 308 2.35 13.73 40.36
C TYR A 308 3.22 13.45 41.57
N ASP A 309 3.62 12.20 41.73
CA ASP A 309 4.61 11.82 42.74
C ASP A 309 6.02 12.22 42.31
N TYR A 310 6.19 12.59 41.05
CA TYR A 310 7.51 12.88 40.48
C TYR A 310 7.63 14.29 39.92
N ALA A 311 8.40 15.10 40.63
CA ALA A 311 8.62 16.52 40.37
C ALA A 311 9.14 16.87 38.96
N PHE A 312 10.12 16.12 38.46
CA PHE A 312 10.67 16.38 37.12
C PHE A 312 9.66 16.27 35.99
N ILE A 313 8.60 15.47 36.17
CA ILE A 313 7.72 15.11 35.04
C ILE A 313 6.26 15.57 35.15
N SER A 314 5.92 16.30 36.21
CA SER A 314 4.52 16.65 36.49
C SER A 314 4.23 18.14 36.64
N GLN A 315 5.16 18.98 36.16
CA GLN A 315 5.02 20.44 36.28
C GLN A 315 3.97 21.01 35.32
N GLY A 316 3.62 20.24 34.29
CA GLY A 316 2.61 20.65 33.32
C GLY A 316 1.53 19.61 33.15
N GLU A 317 1.32 19.16 31.92
CA GLU A 317 0.29 18.16 31.65
C GLU A 317 0.81 16.78 31.99
N THR A 318 -0.14 15.84 32.10
CA THR A 318 0.15 14.49 32.54
C THR A 318 -0.44 13.47 31.54
N THR A 319 -1.61 13.80 31.02
CA THR A 319 -2.29 12.97 30.02
C THR A 319 -2.59 13.76 28.76
N VAL A 320 -2.87 13.05 27.68
CA VAL A 320 -3.29 13.68 26.44
C VAL A 320 -4.26 12.73 25.73
N ALA A 321 -5.44 13.25 25.42
CA ALA A 321 -6.53 12.45 24.87
C ALA A 321 -6.13 11.64 23.65
N SER A 322 -5.26 12.18 22.80
CA SER A 322 -4.93 11.49 21.55
C SER A 322 -3.95 10.33 21.74
N ILE A 323 -3.32 10.26 22.91
CA ILE A 323 -2.31 9.23 23.15
C ILE A 323 -2.78 8.25 24.21
N ASP A 324 -2.79 6.97 23.83
CA ASP A 324 -3.03 5.92 24.79
C ASP A 324 -1.66 5.42 25.25
N ASP A 325 -1.17 6.00 26.35
CA ASP A 325 0.19 5.75 26.84
C ASP A 325 0.51 4.28 27.03
N ALA A 326 -0.51 3.48 27.37
CA ALA A 326 -0.35 2.06 27.65
C ALA A 326 0.00 1.28 26.38
N GLU A 327 -0.77 1.51 25.32
CA GLU A 327 -0.49 0.91 24.01
C GLU A 327 0.88 1.31 23.47
N GLU A 328 1.30 2.55 23.74
CA GLU A 328 2.64 3.01 23.32
C GLU A 328 3.80 2.33 24.06
N LEU A 329 3.58 2.01 25.33
CA LEU A 329 4.60 1.29 26.07
C LEU A 329 4.92 -0.03 25.37
N MET A 330 3.87 -0.77 25.01
CA MET A 330 4.06 -2.00 24.23
C MET A 330 4.66 -1.71 22.85
N ALA A 331 4.30 -0.59 22.24
CA ALA A 331 4.93 -0.20 20.99
C ALA A 331 6.45 0.02 21.21
N THR A 332 6.80 0.76 22.27
CA THR A 332 8.20 1.03 22.58
C THR A 332 9.00 -0.27 22.85
N ASP A 333 8.49 -1.10 23.75
CA ASP A 333 9.12 -2.36 24.12
C ASP A 333 9.27 -3.31 22.93
N ASN A 334 8.21 -3.44 22.12
CA ASN A 334 8.25 -4.26 20.91
C ASN A 334 9.35 -3.83 19.97
N ALA A 335 9.44 -2.51 19.76
CA ALA A 335 10.45 -1.92 18.90
C ALA A 335 11.82 -2.38 19.33
N PHE A 336 12.12 -2.23 20.63
CA PHE A 336 13.41 -2.70 21.19
C PHE A 336 13.65 -4.18 20.97
N ASP A 337 12.61 -4.99 21.06
CA ASP A 337 12.74 -6.42 20.74
C ASP A 337 13.10 -6.60 19.26
N VAL A 338 12.30 -5.99 18.38
CA VAL A 338 12.53 -6.12 16.94
C VAL A 338 13.93 -5.63 16.59
N LEU A 339 14.36 -4.56 17.28
CA LEU A 339 15.68 -3.96 17.04
C LEU A 339 16.85 -4.75 17.62
N GLY A 340 16.57 -5.92 18.20
CA GLY A 340 17.61 -6.78 18.72
C GLY A 340 18.19 -6.46 20.09
N PHE A 341 17.65 -5.45 20.77
CA PHE A 341 18.08 -5.12 22.15
C PHE A 341 17.87 -6.31 23.10
N THR A 342 18.88 -6.63 23.90
CA THR A 342 18.75 -7.69 24.91
C THR A 342 17.92 -7.20 26.12
N SER A 343 17.48 -8.13 26.97
CA SER A 343 16.78 -7.78 28.21
C SER A 343 17.63 -6.83 29.06
N GLU A 344 18.92 -7.14 29.14
CA GLU A 344 19.86 -6.37 29.95
C GLU A 344 19.89 -4.92 29.46
N GLU A 345 19.89 -4.75 28.14
CA GLU A 345 19.88 -3.42 27.53
C GLU A 345 18.56 -2.67 27.74
N LYS A 346 17.43 -3.37 27.61
CA LYS A 346 16.13 -2.73 27.79
C LYS A 346 15.90 -2.33 29.25
N ASN A 347 16.18 -3.27 30.15
CA ASN A 347 16.08 -3.00 31.59
C ASN A 347 16.96 -1.85 32.05
N SER A 348 18.14 -1.72 31.45
CA SER A 348 19.07 -0.66 31.83
C SER A 348 18.54 0.74 31.52
N MET A 349 17.93 0.90 30.35
CA MET A 349 17.29 2.17 29.96
C MET A 349 16.06 2.51 30.79
N TYR A 350 15.25 1.48 31.07
CA TYR A 350 14.13 1.66 31.97
C TYR A 350 14.60 2.07 33.37
N LYS A 351 15.67 1.44 33.85
CA LYS A 351 16.20 1.72 35.18
C LYS A 351 16.63 3.17 35.23
N LEU A 352 17.41 3.59 34.23
CA LEU A 352 17.90 4.97 34.20
C LEU A 352 16.77 6.01 34.06
N THR A 353 15.75 5.68 33.27
CA THR A 353 14.55 6.51 33.22
C THR A 353 13.94 6.70 34.62
N GLY A 354 13.74 5.59 35.32
CA GLY A 354 13.26 5.60 36.70
C GLY A 354 14.17 6.36 37.65
N ALA A 355 15.48 6.27 37.43
CA ALA A 355 16.46 6.93 38.28
C ALA A 355 16.34 8.45 38.18
N ILE A 356 16.16 8.94 36.95
CA ILE A 356 15.92 10.36 36.70
C ILE A 356 14.65 10.77 37.46
N MET A 357 13.62 9.93 37.41
CA MET A 357 12.37 10.15 38.15
C MET A 357 12.60 10.36 39.66
N HIS A 358 13.40 9.49 40.27
CA HIS A 358 13.69 9.62 41.71
C HIS A 358 14.65 10.76 42.00
N PHE A 359 15.56 11.02 41.06
CA PHE A 359 16.60 12.03 41.20
C PHE A 359 15.96 13.38 41.51
N GLY A 360 14.90 13.71 40.78
CA GLY A 360 14.16 14.96 40.96
C GLY A 360 13.32 15.08 42.21
N ASN A 361 13.31 14.05 43.04
CA ASN A 361 12.54 14.05 44.29
C ASN A 361 13.44 14.16 45.52
N MET A 362 14.75 14.26 45.29
CA MET A 362 15.72 14.48 46.36
C MET A 362 15.61 15.90 46.91
N LYS A 363 15.25 16.01 48.18
CA LYS A 363 15.05 17.31 48.81
C LYS A 363 16.28 17.69 49.62
N PHE A 364 16.53 18.99 49.73
CA PHE A 364 17.67 19.49 50.49
C PHE A 364 17.27 20.64 51.40
N LYS A 365 17.97 20.77 52.52
CA LYS A 365 17.74 21.83 53.49
C LYS A 365 19.05 22.46 53.89
N LEU A 366 18.98 23.64 54.51
CA LEU A 366 20.16 24.31 55.00
C LEU A 366 20.58 23.80 56.38
N LYS A 367 21.89 23.68 56.57
CA LYS A 367 22.46 23.39 57.89
C LYS A 367 22.05 24.53 58.81
N GLN A 368 21.59 24.19 60.01
CA GLN A 368 21.04 25.19 60.92
C GLN A 368 21.99 26.38 61.11
N ARG A 369 23.25 26.10 61.44
CA ARG A 369 24.23 27.14 61.75
C ARG A 369 25.19 27.48 60.59
N GLU A 370 24.85 27.06 59.37
CA GLU A 370 25.71 27.27 58.19
C GLU A 370 24.91 27.55 56.91
N GLU A 371 25.57 28.15 55.91
CA GLU A 371 24.92 28.46 54.64
C GLU A 371 25.06 27.30 53.66
N GLN A 372 24.96 26.09 54.17
CA GLN A 372 25.33 24.86 53.46
C GLN A 372 24.16 23.85 53.38
N ALA A 373 24.06 23.16 52.24
CA ALA A 373 23.00 22.19 52.02
C ALA A 373 23.35 20.81 52.55
N GLU A 374 22.33 20.14 53.10
CA GLU A 374 22.39 18.73 53.51
C GLU A 374 21.10 18.02 53.05
N PRO A 375 21.09 16.68 53.01
CA PRO A 375 19.89 16.00 52.51
C PRO A 375 18.73 16.08 53.49
N ASP A 376 17.51 16.16 52.97
CA ASP A 376 16.34 16.26 53.82
C ASP A 376 15.42 15.08 53.54
N GLY A 377 15.67 13.97 54.21
CA GLY A 377 15.17 12.66 53.82
C GLY A 377 16.12 12.12 52.79
N THR A 378 16.25 10.79 52.70
CA THR A 378 17.16 10.17 51.72
C THR A 378 16.58 8.94 50.97
N GLU A 379 15.29 8.67 51.17
CA GLU A 379 14.65 7.53 50.51
C GLU A 379 14.76 7.59 48.97
N GLU A 380 14.47 8.77 48.39
CA GLU A 380 14.49 8.93 46.93
C GLU A 380 15.91 8.86 46.39
N ALA A 381 16.87 9.38 47.16
CA ALA A 381 18.28 9.21 46.84
C ALA A 381 18.66 7.72 46.79
N ASP A 382 18.24 6.95 47.80
CA ASP A 382 18.50 5.50 47.87
C ASP A 382 18.02 4.79 46.60
N LYS A 383 16.80 5.10 46.18
CA LYS A 383 16.21 4.51 44.97
C LYS A 383 16.97 4.90 43.70
N SER A 384 17.48 6.13 43.66
CA SER A 384 18.26 6.59 42.50
C SER A 384 19.59 5.86 42.46
N ALA A 385 20.23 5.76 43.62
CA ALA A 385 21.53 5.15 43.73
C ALA A 385 21.49 3.66 43.40
N TYR A 386 20.44 2.98 43.85
CA TYR A 386 20.34 1.57 43.59
C TYR A 386 20.19 1.30 42.10
N LEU A 387 19.34 2.10 41.46
CA LEU A 387 19.09 1.99 40.02
C LEU A 387 20.29 2.38 39.18
N MET A 388 21.06 3.37 39.64
CA MET A 388 22.26 3.81 38.94
C MET A 388 23.53 3.04 39.33
N GLY A 389 23.36 2.01 40.16
CA GLY A 389 24.49 1.24 40.66
C GLY A 389 25.54 2.13 41.31
N LEU A 390 25.09 2.95 42.26
CA LEU A 390 25.95 3.88 43.00
C LEU A 390 25.74 3.71 44.48
N ASN A 391 26.62 4.32 45.26
CA ASN A 391 26.49 4.39 46.70
C ASN A 391 25.74 5.67 47.10
N SER A 392 24.59 5.49 47.76
CA SER A 392 23.77 6.58 48.31
C SER A 392 24.54 7.69 48.99
N ALA A 393 25.41 7.29 49.92
CA ALA A 393 26.15 8.22 50.75
C ALA A 393 27.12 9.02 49.90
N ASP A 394 27.80 8.33 48.99
CA ASP A 394 28.77 8.97 48.11
C ASP A 394 28.11 10.00 47.20
N LEU A 395 26.99 9.59 46.60
CA LEU A 395 26.19 10.45 45.75
C LEU A 395 25.87 11.76 46.47
N LEU A 396 25.25 11.64 47.64
CA LEU A 396 24.80 12.80 48.41
C LEU A 396 25.96 13.65 48.93
N LYS A 397 27.06 13.00 49.31
CA LYS A 397 28.31 13.68 49.64
C LYS A 397 28.81 14.50 48.47
N GLY A 398 28.78 13.88 47.29
CA GLY A 398 29.22 14.53 46.06
C GLY A 398 28.42 15.77 45.74
N LEU A 399 27.11 15.65 45.83
CA LEU A 399 26.20 16.76 45.55
C LEU A 399 26.32 17.89 46.55
N CYS A 400 26.61 17.57 47.80
CA CYS A 400 26.71 18.60 48.81
C CYS A 400 28.09 19.27 48.84
N HIS A 401 29.13 18.46 48.61
CA HIS A 401 30.53 18.92 48.71
C HIS A 401 31.37 18.51 47.49
N PRO A 402 31.16 19.16 46.33
CA PRO A 402 31.94 18.82 45.13
C PRO A 402 33.43 19.05 45.33
N ARG A 403 34.23 18.10 44.83
CA ARG A 403 35.68 18.05 45.08
C ARG A 403 36.47 18.37 43.81
N TYR A 410 42.61 17.80 45.19
CA TYR A 410 41.74 18.88 44.73
C TYR A 410 41.16 19.70 45.89
N VAL A 411 40.42 20.77 45.55
CA VAL A 411 39.78 21.63 46.57
C VAL A 411 38.27 21.33 46.67
N THR A 412 37.72 21.51 47.88
CA THR A 412 36.32 21.16 48.17
C THR A 412 35.42 22.39 48.35
N LYS A 413 34.40 22.48 47.49
CA LYS A 413 33.47 23.62 47.46
C LYS A 413 32.17 23.34 48.21
N GLY A 414 31.59 24.39 48.81
CA GLY A 414 30.30 24.30 49.47
C GLY A 414 29.14 24.50 48.50
N GLN A 415 27.92 24.23 48.95
CA GLN A 415 26.74 24.39 48.11
C GLN A 415 25.52 24.71 48.97
N ASN A 416 24.82 25.78 48.64
CA ASN A 416 23.47 25.99 49.18
C ASN A 416 22.49 25.09 48.43
N VAL A 417 21.23 25.09 48.90
CA VAL A 417 20.18 24.29 48.29
C VAL A 417 20.01 24.56 46.78
N GLN A 418 19.95 25.84 46.40
CA GLN A 418 19.78 26.24 45.00
C GLN A 418 20.85 25.67 44.09
N GLN A 419 22.10 25.68 44.57
CA GLN A 419 23.21 25.14 43.83
C GLN A 419 23.08 23.63 43.65
N VAL A 420 22.76 22.92 44.73
CA VAL A 420 22.57 21.47 44.67
C VAL A 420 21.39 21.09 43.78
N ILE A 421 20.28 21.80 43.94
CA ILE A 421 19.11 21.60 43.05
C ILE A 421 19.51 21.83 41.58
N TYR A 422 20.24 22.90 41.32
CA TYR A 422 20.74 23.15 39.96
C TYR A 422 21.61 22.00 39.45
N ALA A 423 22.58 21.60 40.27
CA ALA A 423 23.50 20.54 39.89
C ALA A 423 22.75 19.23 39.64
N THR A 424 21.76 18.94 40.49
CA THR A 424 20.94 17.75 40.34
C THR A 424 20.29 17.73 38.95
N GLY A 425 19.56 18.80 38.60
CA GLY A 425 18.95 18.96 37.29
C GLY A 425 19.89 18.85 36.10
N ALA A 426 21.10 19.40 36.24
CA ALA A 426 22.06 19.34 35.14
C ALA A 426 22.54 17.91 34.93
N LEU A 427 22.76 17.19 36.03
CA LEU A 427 23.18 15.79 35.92
C LEU A 427 22.10 14.90 35.30
N ALA A 428 20.84 15.12 35.69
CA ALA A 428 19.72 14.35 35.15
C ALA A 428 19.58 14.53 33.65
N LYS A 429 19.70 15.78 33.19
CA LYS A 429 19.67 16.14 31.78
C LYS A 429 20.82 15.48 31.01
N ALA A 430 22.03 15.55 31.57
CA ALA A 430 23.20 14.96 30.96
C ALA A 430 23.02 13.45 30.81
N VAL A 431 22.54 12.79 31.86
CA VAL A 431 22.29 11.35 31.81
C VAL A 431 21.25 11.02 30.73
N TYR A 432 20.14 11.75 30.71
CA TYR A 432 19.10 11.50 29.72
C TYR A 432 19.62 11.67 28.30
N GLU A 433 20.27 12.81 28.03
CA GLU A 433 20.85 13.07 26.70
C GLU A 433 21.81 11.95 26.26
N ARG A 434 22.68 11.52 27.16
CA ARG A 434 23.68 10.51 26.80
C ARG A 434 22.99 9.19 26.51
N MET A 435 21.97 8.85 27.29
CA MET A 435 21.22 7.63 27.05
C MET A 435 20.57 7.62 25.65
N PHE A 436 19.98 8.76 25.28
CA PHE A 436 19.36 8.92 23.97
C PHE A 436 20.39 8.74 22.85
N ASN A 437 21.56 9.37 22.99
CA ASN A 437 22.65 9.18 22.03
C ASN A 437 23.05 7.71 21.97
N TRP A 438 23.24 7.08 23.12
CA TRP A 438 23.64 5.69 23.15
C TRP A 438 22.62 4.78 22.46
N MET A 439 21.34 5.04 22.70
CA MET A 439 20.26 4.29 22.10
C MET A 439 20.31 4.38 20.56
N VAL A 440 20.56 5.58 20.06
CA VAL A 440 20.66 5.82 18.61
C VAL A 440 21.84 5.07 18.02
N THR A 441 22.96 5.11 18.75
CA THR A 441 24.21 4.38 18.45
C THR A 441 23.95 2.88 18.43
N ARG A 442 23.13 2.41 19.34
CA ARG A 442 22.84 1.00 19.41
C ARG A 442 21.92 0.55 18.26
N ILE A 443 20.90 1.36 17.95
CA ILE A 443 20.03 1.10 16.79
C ILE A 443 20.86 1.07 15.51
N ASN A 444 21.87 1.94 15.43
CA ASN A 444 22.80 1.93 14.29
C ASN A 444 23.59 0.65 14.14
N ALA A 445 23.92 0.02 15.26
CA ALA A 445 24.60 -1.27 15.24
C ALA A 445 23.71 -2.35 14.63
N THR A 446 22.41 -2.29 14.91
CA THR A 446 21.46 -3.26 14.39
C THR A 446 21.28 -3.03 12.90
N LEU A 447 21.16 -1.78 12.50
CA LEU A 447 20.94 -1.40 11.10
C LEU A 447 22.18 -1.57 10.20
N GLU A 448 23.36 -1.68 10.81
CA GLU A 448 24.59 -1.99 10.07
C GLU A 448 24.49 -3.43 9.63
N THR A 449 24.85 -3.70 8.39
CA THR A 449 24.86 -5.07 7.85
C THR A 449 26.13 -5.26 7.03
N LYS A 450 26.41 -6.49 6.63
CA LYS A 450 27.55 -6.75 5.74
C LYS A 450 27.20 -6.51 4.26
N GLN A 451 25.94 -6.21 3.96
CA GLN A 451 25.48 -6.01 2.58
C GLN A 451 26.23 -4.89 1.83
N PRO A 452 26.54 -5.12 0.53
CA PRO A 452 27.22 -4.13 -0.32
C PRO A 452 26.39 -2.87 -0.62
N ARG A 453 27.03 -1.69 -0.55
CA ARG A 453 26.35 -0.42 -0.83
C ARG A 453 26.98 0.35 -1.98
N GLN A 454 26.13 1.07 -2.72
CA GLN A 454 26.58 1.96 -3.79
C GLN A 454 26.13 3.40 -3.53
N TYR A 455 24.86 3.55 -3.18
CA TYR A 455 24.26 4.87 -3.07
C TYR A 455 23.45 4.89 -1.82
N PHE A 456 23.11 6.08 -1.38
CA PHE A 456 22.12 6.21 -0.32
C PHE A 456 21.06 7.23 -0.68
N ILE A 457 19.93 7.18 0.02
CA ILE A 457 18.98 8.28 0.01
C ILE A 457 18.85 8.76 1.45
N GLY A 458 19.23 10.03 1.66
CA GLY A 458 19.19 10.64 2.98
C GLY A 458 17.90 11.40 3.20
N VAL A 459 17.20 11.11 4.29
CA VAL A 459 15.95 11.80 4.64
C VAL A 459 16.17 12.67 5.90
N LEU A 460 15.95 13.97 5.75
CA LEU A 460 16.18 14.91 6.83
C LEU A 460 14.83 15.45 7.36
N ASP A 461 14.68 15.39 8.68
CA ASP A 461 13.44 15.76 9.39
C ASP A 461 13.86 16.67 10.55
N ILE A 462 13.93 17.98 10.28
CA ILE A 462 14.21 18.97 11.33
C ILE A 462 13.27 20.15 11.18
N ALA A 463 13.02 20.82 12.30
CA ALA A 463 12.28 22.08 12.29
C ALA A 463 12.97 23.10 11.37
N GLY A 464 12.15 23.85 10.64
CA GLY A 464 12.64 24.92 9.79
C GLY A 464 12.99 26.15 10.62
N PHE A 465 12.92 27.30 9.96
CA PHE A 465 13.31 28.55 10.55
C PHE A 465 12.32 29.05 11.58
N GLU A 466 12.87 29.48 12.74
CA GLU A 466 12.12 29.82 13.94
C GLU A 466 12.24 31.29 14.32
N ILE A 467 11.14 32.04 14.20
CA ILE A 467 11.07 33.38 14.78
C ILE A 467 10.00 33.46 15.89
N PHE A 468 10.44 33.38 17.15
CA PHE A 468 9.53 33.42 18.31
C PHE A 468 9.52 34.78 19.02
N ASP A 469 8.68 34.91 20.05
CA ASP A 469 8.67 36.14 20.88
C ASP A 469 9.96 36.26 21.68
N PHE A 470 10.56 35.10 21.96
CA PHE A 470 11.81 35.02 22.70
C PHE A 470 12.72 34.10 21.92
N ASN A 471 13.85 34.63 21.48
CA ASN A 471 14.83 33.85 20.71
C ASN A 471 16.18 33.79 21.42
N SER A 472 16.58 32.56 21.75
CA SER A 472 17.80 32.36 22.51
C SER A 472 18.76 31.50 21.71
N PHE A 473 19.73 30.89 22.40
CA PHE A 473 20.79 30.09 21.80
C PHE A 473 20.26 28.96 20.92
N GLU A 474 19.27 28.24 21.42
CA GLU A 474 18.67 27.14 20.69
C GLU A 474 18.19 27.63 19.32
N GLN A 475 17.48 28.76 19.31
CA GLN A 475 17.02 29.40 18.06
C GLN A 475 18.16 29.74 17.10
N LEU A 476 19.26 30.29 17.63
CA LEU A 476 20.39 30.59 16.78
C LEU A 476 20.87 29.32 16.09
N CYS A 477 20.99 28.24 16.85
CA CYS A 477 21.51 26.98 16.31
C CYS A 477 20.67 26.48 15.15
N ILE A 478 19.36 26.35 15.35
CA ILE A 478 18.49 25.84 14.30
C ILE A 478 18.36 26.82 13.12
N ASN A 479 18.40 28.11 13.41
CA ASN A 479 18.35 29.11 12.34
C ASN A 479 19.63 29.10 11.52
N PHE A 480 20.76 28.78 12.18
CA PHE A 480 22.03 28.62 11.49
C PHE A 480 21.95 27.42 10.52
N THR A 481 21.32 26.34 10.97
CA THR A 481 21.17 25.16 10.14
C THR A 481 20.34 25.47 8.89
N ASN A 482 19.18 26.10 9.09
CA ASN A 482 18.30 26.46 7.99
C ASN A 482 18.91 27.47 7.02
N GLU A 483 19.83 28.30 7.51
CA GLU A 483 20.61 29.17 6.63
C GLU A 483 21.45 28.34 5.67
N LYS A 484 22.14 27.33 6.20
CA LYS A 484 22.98 26.47 5.36
C LYS A 484 22.12 25.64 4.42
N LEU A 485 20.93 25.24 4.89
CA LEU A 485 20.03 24.44 4.08
C LEU A 485 19.41 25.27 2.97
N GLN A 486 19.09 26.53 3.27
CA GLN A 486 18.51 27.43 2.26
C GLN A 486 19.56 27.82 1.23
N GLN A 487 20.80 27.96 1.68
CA GLN A 487 21.91 28.21 0.76
C GLN A 487 22.07 26.98 -0.14
N PHE A 488 22.03 25.80 0.47
CA PHE A 488 22.11 24.54 -0.26
C PHE A 488 21.04 24.47 -1.35
N PHE A 489 19.82 24.88 -1.01
CA PHE A 489 18.75 24.99 -1.99
C PHE A 489 19.08 26.00 -3.10
N ASN A 490 19.48 27.22 -2.69
CA ASN A 490 19.75 28.31 -3.64
C ASN A 490 20.83 27.93 -4.64
N HIS A 491 21.85 27.23 -4.16
CA HIS A 491 22.94 26.79 -5.01
C HIS A 491 22.45 25.79 -6.04
N HIS A 492 21.65 24.84 -5.58
CA HIS A 492 21.02 23.84 -6.46
C HIS A 492 20.12 24.50 -7.51
N MET A 493 19.37 25.52 -7.09
CA MET A 493 18.48 26.25 -7.98
C MET A 493 19.28 27.02 -9.03
N PHE A 494 20.46 27.48 -8.65
CA PHE A 494 21.31 28.31 -9.51
C PHE A 494 21.92 27.47 -10.62
N VAL A 495 22.34 26.25 -10.26
CA VAL A 495 22.94 25.32 -11.20
C VAL A 495 21.90 24.87 -12.24
N LEU A 496 20.65 24.70 -11.80
CA LEU A 496 19.58 24.26 -12.70
C LEU A 496 19.19 25.36 -13.66
N GLU A 497 19.01 26.57 -13.12
CA GLU A 497 18.67 27.73 -13.94
C GLU A 497 19.74 27.94 -14.98
N GLN A 498 21.00 27.73 -14.59
CA GLN A 498 22.14 27.82 -15.51
C GLN A 498 22.13 26.80 -16.64
N GLU A 499 21.94 25.52 -16.30
CA GLU A 499 21.84 24.47 -17.32
C GLU A 499 20.74 24.80 -18.33
N GLU A 500 19.65 25.35 -17.82
CA GLU A 500 18.49 25.73 -18.61
C GLU A 500 18.77 26.89 -19.57
N TYR A 501 19.32 27.99 -19.07
CA TYR A 501 19.70 29.12 -19.94
C TYR A 501 20.74 28.69 -20.98
N LYS A 502 21.66 27.80 -20.58
CA LYS A 502 22.68 27.27 -21.50
C LYS A 502 22.07 26.39 -22.59
N LYS A 503 21.21 25.45 -22.19
CA LYS A 503 20.52 24.56 -23.14
C LYS A 503 19.69 25.31 -24.19
N GLU A 504 18.96 26.34 -23.76
CA GLU A 504 18.07 27.09 -24.67
C GLU A 504 18.80 28.22 -25.41
N GLY A 505 20.04 28.49 -25.00
CA GLY A 505 20.89 29.46 -25.70
C GLY A 505 20.67 30.91 -25.31
N ILE A 506 20.58 31.16 -24.00
CA ILE A 506 20.43 32.51 -23.47
C ILE A 506 21.61 32.85 -22.55
N GLU A 507 22.35 33.90 -22.92
CA GLU A 507 23.50 34.36 -22.13
C GLU A 507 23.03 35.05 -20.85
N TRP A 508 23.23 34.39 -19.72
CA TRP A 508 22.82 34.93 -18.42
C TRP A 508 23.97 34.85 -17.42
N THR A 509 24.01 35.82 -16.50
CA THR A 509 25.26 36.21 -15.85
C THR A 509 25.41 36.05 -14.33
N PHE A 510 24.32 36.26 -13.59
CA PHE A 510 24.39 36.56 -12.14
C PHE A 510 25.24 35.62 -11.25
N ILE A 511 25.64 36.15 -10.09
CA ILE A 511 26.37 35.39 -9.08
C ILE A 511 25.51 34.27 -8.49
N ASP A 512 26.18 33.17 -8.10
CA ASP A 512 25.57 32.02 -7.46
C ASP A 512 24.54 32.44 -6.44
N PHE A 513 23.33 31.88 -6.55
CA PHE A 513 22.24 32.26 -5.64
C PHE A 513 22.57 31.92 -4.19
N GLY A 514 23.35 30.86 -3.99
CA GLY A 514 23.85 30.50 -2.66
C GLY A 514 24.68 31.58 -1.97
N MET A 515 25.31 32.44 -2.75
CA MET A 515 26.19 33.47 -2.21
C MET A 515 25.44 34.52 -1.42
N ASP A 516 24.20 34.75 -1.82
CA ASP A 516 23.30 35.67 -1.13
C ASP A 516 23.10 35.36 0.36
N LEU A 517 23.62 34.24 0.82
CA LEU A 517 23.46 33.86 2.22
C LEU A 517 24.75 33.79 3.02
N GLN A 518 25.87 34.04 2.34
CA GLN A 518 27.20 33.98 2.96
C GLN A 518 27.44 34.93 4.12
N ALA A 519 27.09 36.20 3.91
CA ALA A 519 27.36 37.25 4.91
C ALA A 519 26.77 36.89 6.28
N CYS A 520 25.55 36.36 6.29
CA CYS A 520 24.91 35.90 7.51
C CYS A 520 25.62 34.68 8.09
N ILE A 521 25.89 33.69 7.25
CA ILE A 521 26.64 32.50 7.65
C ILE A 521 28.03 32.86 8.21
N ASP A 522 28.77 33.72 7.52
CA ASP A 522 30.10 34.16 7.98
C ASP A 522 30.03 34.76 9.38
N LEU A 523 29.03 35.62 9.60
CA LEU A 523 28.81 36.24 10.89
C LEU A 523 28.66 35.21 12.00
N ILE A 524 28.03 34.09 11.67
CA ILE A 524 27.82 32.99 12.60
C ILE A 524 29.02 32.07 12.65
N GLU A 525 29.52 31.70 11.47
CA GLU A 525 30.42 30.56 11.30
C GLU A 525 31.90 30.89 11.39
N LYS A 526 32.28 32.08 10.95
CA LYS A 526 33.70 32.40 10.77
C LYS A 526 34.50 32.51 12.09
N PRO A 527 35.84 32.43 12.01
CA PRO A 527 36.70 32.77 13.17
C PRO A 527 36.45 34.21 13.62
N MET A 528 36.23 34.39 14.91
CA MET A 528 35.79 35.68 15.49
C MET A 528 34.32 36.00 15.17
N GLY A 529 33.58 35.02 14.66
CA GLY A 529 32.15 35.15 14.48
C GLY A 529 31.42 34.83 15.77
N ILE A 530 30.09 34.95 15.73
CA ILE A 530 29.25 34.74 16.91
C ILE A 530 29.58 33.46 17.68
N MET A 531 29.65 32.33 16.99
CA MET A 531 30.00 31.05 17.64
C MET A 531 31.41 31.08 18.22
N SER A 532 32.34 31.65 17.47
CA SER A 532 33.73 31.69 17.87
C SER A 532 33.90 32.54 19.15
N ILE A 533 33.27 33.72 19.16
CA ILE A 533 33.26 34.62 20.32
C ILE A 533 32.65 33.93 21.54
N LEU A 534 31.56 33.19 21.30
CA LEU A 534 30.90 32.43 22.35
C LEU A 534 31.82 31.37 22.95
N GLU A 535 32.57 30.68 22.09
CA GLU A 535 33.47 29.61 22.51
C GLU A 535 34.75 30.12 23.17
N GLU A 536 35.21 31.30 22.74
CA GLU A 536 36.38 31.96 23.31
C GLU A 536 36.11 32.45 24.74
N GLU A 537 34.88 32.94 24.95
CA GLU A 537 34.44 33.40 26.25
C GLU A 537 34.29 32.24 27.22
N CYS A 538 33.90 31.08 26.69
CA CYS A 538 33.75 29.87 27.49
C CYS A 538 35.08 29.38 28.06
N MET A 539 36.19 29.91 27.54
CA MET A 539 37.52 29.61 28.05
C MET A 539 37.85 30.39 29.32
N PHE A 540 37.16 31.52 29.54
CA PHE A 540 37.41 32.38 30.69
C PHE A 540 36.40 32.10 31.82
N PRO A 541 36.88 31.66 32.99
CA PRO A 541 36.00 31.54 34.16
C PRO A 541 35.47 32.89 34.65
N LYS A 542 36.21 33.96 34.35
CA LYS A 542 35.76 35.32 34.70
C LYS A 542 34.65 35.84 33.78
N ALA A 543 34.53 35.28 32.57
CA ALA A 543 33.58 35.79 31.56
C ALA A 543 32.14 35.72 32.03
N THR A 544 31.33 36.70 31.60
CA THR A 544 29.91 36.75 31.92
C THR A 544 29.03 36.99 30.68
N ASP A 545 27.71 36.90 30.87
CA ASP A 545 26.74 37.26 29.85
C ASP A 545 26.98 38.65 29.25
N MET A 546 27.20 39.65 30.11
CA MET A 546 27.47 41.02 29.66
C MET A 546 28.85 41.22 29.03
N THR A 547 29.86 40.48 29.48
CA THR A 547 31.18 40.52 28.82
C THR A 547 31.14 39.87 27.44
N PHE A 548 30.29 38.84 27.30
CA PHE A 548 30.05 38.18 26.02
C PHE A 548 29.35 39.14 25.06
N LYS A 549 28.35 39.86 25.59
CA LYS A 549 27.54 40.77 24.78
C LYS A 549 28.36 41.98 24.37
N ALA A 550 29.26 42.41 25.24
CA ALA A 550 30.25 43.43 24.92
C ALA A 550 31.17 42.98 23.78
N LYS A 551 31.64 41.73 23.84
CA LYS A 551 32.60 41.22 22.87
C LYS A 551 32.01 41.08 21.46
N LEU A 552 30.76 40.61 21.38
CA LEU A 552 30.06 40.57 20.10
C LEU A 552 29.94 41.97 19.49
N PHE A 553 29.36 42.89 20.27
CA PHE A 553 29.20 44.29 19.85
C PHE A 553 30.52 44.90 19.38
N ASP A 554 31.57 44.75 20.19
CA ASP A 554 32.91 45.27 19.89
C ASP A 554 33.49 44.76 18.59
N ASN A 555 33.07 43.57 18.17
CA ASN A 555 33.58 42.94 16.96
C ASN A 555 32.69 43.12 15.72
N HIS A 556 31.44 43.51 15.94
CA HIS A 556 30.48 43.42 14.87
C HIS A 556 29.63 44.64 14.59
N LEU A 557 29.22 45.37 15.63
CA LEU A 557 28.26 46.48 15.45
C LEU A 557 28.72 47.51 14.42
N GLY A 558 29.99 47.83 14.41
CA GLY A 558 30.54 48.59 13.30
C GLY A 558 30.65 47.71 12.07
N LYS A 559 31.24 46.53 12.23
CA LYS A 559 31.85 45.75 11.14
C LYS A 559 30.96 44.86 10.26
N SER A 560 29.89 44.30 10.81
CA SER A 560 29.04 43.35 10.05
C SER A 560 27.59 43.81 9.88
N ALA A 561 27.23 44.13 8.64
CA ALA A 561 25.90 44.64 8.30
C ALA A 561 24.76 43.76 8.80
N ASN A 562 24.97 42.44 8.83
CA ASN A 562 23.96 41.51 9.33
C ASN A 562 23.78 41.50 10.86
N PHE A 563 24.62 42.27 11.57
CA PHE A 563 24.56 42.38 13.02
C PHE A 563 24.08 43.78 13.42
N GLN A 564 22.96 43.85 14.13
CA GLN A 564 22.34 45.13 14.48
C GLN A 564 21.93 45.25 15.96
N LYS A 565 21.64 46.48 16.39
CA LYS A 565 20.99 46.72 17.68
C LYS A 565 19.64 45.97 17.72
N PRO A 566 19.14 45.65 18.93
CA PRO A 566 17.85 44.94 19.01
C PRO A 566 16.63 45.87 18.92
N ARG A 567 15.65 45.47 18.12
CA ARG A 567 14.40 46.23 17.99
C ARG A 567 13.54 46.10 19.25
N ASN A 568 13.07 47.22 19.78
CA ASN A 568 12.22 47.22 20.98
C ASN A 568 10.72 47.18 20.69
N PRO A 573 9.78 41.34 25.48
CA PRO A 573 10.86 40.49 26.00
C PRO A 573 12.23 40.94 25.50
N GLU A 574 13.16 41.12 26.44
CA GLU A 574 14.47 41.74 26.18
C GLU A 574 15.37 40.94 25.22
N ALA A 575 15.76 41.64 24.15
CA ALA A 575 16.72 41.12 23.19
C ALA A 575 18.02 41.92 23.23
N HIS A 576 19.10 41.32 22.74
CA HIS A 576 20.43 41.92 22.84
C HIS A 576 21.00 42.33 21.49
N PHE A 577 20.70 41.57 20.45
CA PHE A 577 21.10 41.95 19.09
C PHE A 577 20.15 41.36 18.05
N SER A 578 20.19 41.93 16.86
CA SER A 578 19.44 41.44 15.72
C SER A 578 20.39 40.73 14.77
N LEU A 579 19.93 39.65 14.15
CA LEU A 579 20.58 39.10 12.99
C LEU A 579 19.65 39.24 11.81
N ILE A 580 20.18 39.73 10.70
CA ILE A 580 19.44 39.67 9.45
C ILE A 580 19.74 38.31 8.81
N HIS A 581 18.75 37.43 8.88
CA HIS A 581 18.77 36.17 8.18
C HIS A 581 17.99 36.34 6.89
N TYR A 582 18.12 35.37 5.98
CA TYR A 582 17.32 35.34 4.76
C TYR A 582 15.83 35.44 5.05
N ALA A 583 15.42 34.97 6.24
CA ALA A 583 14.01 34.82 6.56
C ALA A 583 13.44 36.03 7.29
N GLY A 584 14.31 36.98 7.62
CA GLY A 584 13.91 38.19 8.33
C GLY A 584 14.84 38.57 9.46
N ILE A 585 14.50 39.66 10.14
CA ILE A 585 15.29 40.17 11.25
C ILE A 585 14.83 39.43 12.50
N VAL A 586 15.78 38.76 13.16
CA VAL A 586 15.51 38.02 14.40
C VAL A 586 16.24 38.67 15.58
N ASP A 587 15.50 39.01 16.62
CA ASP A 587 16.08 39.55 17.85
C ASP A 587 16.47 38.43 18.79
N TYR A 588 17.70 38.48 19.32
CA TYR A 588 18.20 37.42 20.21
C TYR A 588 18.40 37.88 21.64
N ASN A 589 17.93 37.06 22.58
CA ASN A 589 18.26 37.22 23.99
C ASN A 589 19.47 36.37 24.29
N ILE A 590 20.39 36.92 25.06
CA ILE A 590 21.71 36.34 25.19
C ILE A 590 21.99 35.74 26.58
N ILE A 591 21.06 35.96 27.51
CA ILE A 591 21.19 35.43 28.87
C ILE A 591 21.37 33.90 28.88
N GLY A 592 22.38 33.46 29.63
CA GLY A 592 22.61 32.04 29.87
C GLY A 592 23.33 31.27 28.80
N TRP A 593 23.78 31.95 27.74
CA TRP A 593 24.39 31.26 26.60
C TRP A 593 25.67 30.53 26.99
N LEU A 594 26.48 31.18 27.82
CA LEU A 594 27.69 30.58 28.37
C LEU A 594 27.45 29.25 29.10
N GLN A 595 26.46 29.23 29.98
CA GLN A 595 26.09 28.01 30.70
C GLN A 595 25.50 26.97 29.76
N LYS A 596 24.54 27.39 28.93
CA LYS A 596 23.99 26.51 27.90
C LYS A 596 25.12 25.85 27.12
N ASN A 597 26.13 26.64 26.78
CA ASN A 597 27.23 26.16 25.95
C ASN A 597 28.21 25.23 26.66
N LYS A 598 28.54 25.55 27.91
CA LYS A 598 29.50 24.75 28.66
C LYS A 598 28.88 23.51 29.33
N ASP A 599 27.68 23.68 29.89
CA ASP A 599 26.97 22.61 30.58
C ASP A 599 27.79 22.03 31.73
N PRO A 600 28.34 22.88 32.62
CA PRO A 600 29.20 22.30 33.66
C PRO A 600 28.44 21.30 34.54
N LEU A 601 29.10 20.19 34.88
CA LEU A 601 28.51 19.20 35.77
C LEU A 601 29.29 19.05 37.08
N ASN A 602 28.65 18.44 38.07
CA ASN A 602 29.34 18.06 39.30
C ASN A 602 30.29 16.92 38.95
N GLU A 603 31.57 17.21 38.93
CA GLU A 603 32.59 16.25 38.51
C GLU A 603 32.73 15.10 39.49
N THR A 604 32.49 15.34 40.78
CA THR A 604 32.59 14.29 41.79
C THR A 604 31.54 13.21 41.51
N VAL A 605 30.35 13.65 41.13
CA VAL A 605 29.25 12.72 40.83
C VAL A 605 29.47 12.01 39.49
N VAL A 606 30.01 12.73 38.50
CA VAL A 606 30.38 12.11 37.21
C VAL A 606 31.42 11.01 37.43
N GLY A 607 32.35 11.27 38.35
CA GLY A 607 33.33 10.27 38.77
C GLY A 607 32.67 9.01 39.30
N LEU A 608 31.55 9.19 40.01
CA LEU A 608 30.79 8.06 40.52
C LEU A 608 30.06 7.32 39.40
N TYR A 609 29.52 8.08 38.45
CA TYR A 609 28.82 7.49 37.30
C TYR A 609 29.77 6.58 36.52
N GLN A 610 31.01 7.05 36.37
CA GLN A 610 32.06 6.31 35.67
C GLN A 610 32.37 4.99 36.32
N LYS A 611 32.17 4.92 37.64
CA LYS A 611 32.53 3.75 38.43
C LYS A 611 31.33 2.89 38.82
N SER A 612 30.19 3.17 38.19
CA SER A 612 28.94 2.50 38.45
C SER A 612 29.00 1.00 38.17
N SER A 613 28.24 0.23 38.93
CA SER A 613 28.09 -1.20 38.68
C SER A 613 27.10 -1.49 37.55
N LEU A 614 26.35 -0.48 37.13
CA LEU A 614 25.47 -0.57 35.96
C LEU A 614 26.27 -0.24 34.69
N LYS A 615 26.52 -1.27 33.87
CA LYS A 615 27.34 -1.12 32.66
C LYS A 615 26.96 0.06 31.78
N LEU A 616 25.65 0.30 31.60
CA LEU A 616 25.17 1.40 30.76
C LEU A 616 25.65 2.76 31.27
N LEU A 617 25.41 3.03 32.56
CA LEU A 617 25.77 4.30 33.16
C LEU A 617 27.26 4.55 32.97
N SER A 618 28.05 3.52 33.29
CA SER A 618 29.48 3.55 33.08
C SER A 618 29.82 3.96 31.65
N THR A 619 29.22 3.26 30.68
CA THR A 619 29.42 3.53 29.26
C THR A 619 29.13 4.99 28.86
N LEU A 620 28.01 5.51 29.34
CA LEU A 620 27.58 6.88 29.02
C LEU A 620 28.56 7.97 29.43
N PHE A 621 29.46 7.67 30.37
CA PHE A 621 30.38 8.67 30.89
C PHE A 621 31.84 8.27 30.80
N ALA A 622 32.11 7.12 30.18
CA ALA A 622 33.48 6.65 29.93
C ALA A 622 34.28 7.74 29.22
N ASN A 623 33.76 8.18 28.07
CA ASN A 623 34.31 9.31 27.35
C ASN A 623 33.68 10.60 27.88
N TYR A 624 34.34 11.23 28.86
CA TYR A 624 33.81 12.48 29.42
C TYR A 624 34.83 13.58 29.75
N ALA A 625 34.54 14.78 29.24
CA ALA A 625 35.21 16.04 29.61
C ALA A 625 35.82 16.02 31.00
N PHE A 644 37.16 18.85 26.42
CA PHE A 644 35.71 18.77 26.36
C PHE A 644 35.20 19.05 24.93
N GLN A 645 33.88 19.15 24.79
CA GLN A 645 33.26 19.68 23.58
C GLN A 645 32.00 20.45 23.96
N THR A 646 31.97 21.72 23.57
CA THR A 646 30.82 22.60 23.80
C THR A 646 29.67 22.35 22.79
N VAL A 647 28.44 22.62 23.24
CA VAL A 647 27.22 22.46 22.41
C VAL A 647 27.37 23.06 21.00
N SER A 648 27.97 24.24 20.96
CA SER A 648 28.29 24.99 19.74
C SER A 648 29.22 24.23 18.78
N ALA A 649 30.30 23.68 19.32
CA ALA A 649 31.29 22.95 18.52
C ALA A 649 30.74 21.60 18.07
N LEU A 650 29.92 20.97 18.92
CA LEU A 650 29.28 19.73 18.54
C LEU A 650 28.28 20.01 17.42
N HIS A 651 27.55 21.11 17.55
CA HIS A 651 26.60 21.54 16.53
C HIS A 651 27.31 21.80 15.21
N ARG A 652 28.49 22.44 15.27
CA ARG A 652 29.29 22.71 14.07
C ARG A 652 29.82 21.43 13.44
N GLU A 653 30.20 20.47 14.27
CA GLU A 653 30.71 19.19 13.77
C GLU A 653 29.59 18.41 13.05
N ASN A 654 28.39 18.42 13.65
CA ASN A 654 27.27 17.70 13.08
C ASN A 654 26.76 18.31 11.77
N LEU A 655 26.65 19.64 11.77
CA LEU A 655 26.22 20.40 10.60
C LEU A 655 27.19 20.21 9.42
N ASN A 656 28.49 20.22 9.69
CA ASN A 656 29.47 19.93 8.66
C ASN A 656 29.24 18.53 8.06
N LYS A 657 29.07 17.52 8.92
CA LYS A 657 28.81 16.15 8.45
C LYS A 657 27.56 16.13 7.58
N LEU A 658 26.48 16.72 8.07
CA LEU A 658 25.25 16.83 7.32
C LEU A 658 25.49 17.41 5.94
N MET A 659 26.20 18.55 5.88
CA MET A 659 26.36 19.28 4.65
C MET A 659 27.19 18.52 3.64
N THR A 660 28.17 17.78 4.15
CA THR A 660 29.03 16.98 3.29
C THR A 660 28.22 15.85 2.64
N ASN A 661 27.33 15.24 3.42
CA ASN A 661 26.45 14.23 2.85
C ASN A 661 25.51 14.82 1.82
N LEU A 662 24.76 15.85 2.22
CA LEU A 662 23.83 16.54 1.32
C LEU A 662 24.49 17.01 0.02
N ARG A 663 25.71 17.53 0.10
CA ARG A 663 26.42 17.99 -1.09
C ARG A 663 26.85 16.88 -2.03
N SER A 664 26.86 15.64 -1.55
CA SER A 664 27.19 14.48 -2.37
C SER A 664 25.90 13.89 -2.94
N THR A 665 24.89 14.73 -3.11
CA THR A 665 23.52 14.27 -3.26
C THR A 665 22.72 15.08 -4.29
N HIS A 666 21.79 14.42 -4.98
CA HIS A 666 20.72 15.13 -5.69
C HIS A 666 19.58 15.39 -4.69
N PRO A 667 19.32 16.67 -4.39
CA PRO A 667 18.36 16.95 -3.36
C PRO A 667 16.92 17.14 -3.85
N HIS A 668 15.98 16.96 -2.95
CA HIS A 668 14.56 17.11 -3.24
C HIS A 668 13.97 17.82 -2.06
N PHE A 669 13.08 18.75 -2.30
CA PHE A 669 12.71 19.68 -1.25
C PHE A 669 11.23 19.63 -0.88
N VAL A 670 10.98 19.29 0.37
CA VAL A 670 9.61 19.11 0.86
C VAL A 670 9.33 20.13 1.95
N ARG A 671 8.35 21.00 1.71
CA ARG A 671 8.00 22.06 2.65
C ARG A 671 6.66 21.85 3.34
N CYS A 672 6.70 21.60 4.63
CA CYS A 672 5.48 21.36 5.39
C CYS A 672 4.94 22.64 5.98
N ILE A 673 3.62 22.83 5.88
CA ILE A 673 2.93 23.99 6.40
C ILE A 673 1.82 23.55 7.37
N ILE A 674 1.75 24.23 8.52
CA ILE A 674 0.64 24.07 9.45
C ILE A 674 -0.38 25.19 9.14
N PRO A 675 -1.67 24.83 8.92
CA PRO A 675 -2.64 25.84 8.49
C PRO A 675 -3.26 26.67 9.61
N ASN A 676 -3.26 26.17 10.84
CA ASN A 676 -3.90 26.86 11.96
C ASN A 676 -3.35 26.47 13.33
N GLU A 677 -3.78 27.20 14.36
CA GLU A 677 -3.36 26.97 15.73
C GLU A 677 -4.24 25.99 16.51
N THR A 678 -5.41 25.67 15.97
CA THR A 678 -6.43 24.91 16.69
C THR A 678 -6.69 23.48 16.20
N LYS A 679 -5.74 22.90 15.45
CA LYS A 679 -5.88 21.53 14.88
C LYS A 679 -7.14 21.33 14.01
N SER A 680 -7.64 22.41 13.43
CA SER A 680 -8.89 22.37 12.68
C SER A 680 -8.63 21.99 11.24
N PRO A 681 -9.16 20.83 10.81
CA PRO A 681 -9.03 20.35 9.44
C PRO A 681 -9.67 21.30 8.43
N GLY A 682 -9.00 21.50 7.30
CA GLY A 682 -9.54 22.32 6.21
C GLY A 682 -9.66 23.81 6.49
N VAL A 683 -9.08 24.26 7.60
CA VAL A 683 -9.12 25.67 7.99
C VAL A 683 -7.75 26.29 7.92
N MET A 684 -7.66 27.45 7.25
CA MET A 684 -6.39 28.11 7.04
C MET A 684 -6.33 29.53 7.58
N ASP A 685 -5.35 29.79 8.43
CA ASP A 685 -5.06 31.14 8.90
C ASP A 685 -4.01 31.77 7.97
N ASN A 686 -4.40 32.86 7.31
CA ASN A 686 -3.55 33.56 6.33
C ASN A 686 -2.23 34.12 6.86
N PRO A 687 -2.26 34.88 7.98
CA PRO A 687 -0.98 35.42 8.44
C PRO A 687 0.02 34.32 8.83
N LEU A 688 -0.50 33.21 9.34
CA LEU A 688 0.34 32.09 9.76
C LEU A 688 0.95 31.38 8.55
N VAL A 689 0.15 31.17 7.50
CA VAL A 689 0.71 30.51 6.32
C VAL A 689 1.71 31.46 5.64
N MET A 690 1.35 32.73 5.59
CA MET A 690 2.24 33.76 5.06
C MET A 690 3.59 33.82 5.78
N HIS A 691 3.57 33.71 7.11
CA HIS A 691 4.83 33.68 7.86
C HIS A 691 5.72 32.51 7.44
N GLN A 692 5.12 31.32 7.32
CA GLN A 692 5.86 30.13 6.90
C GLN A 692 6.47 30.29 5.50
N LEU A 693 5.68 30.81 4.56
CA LEU A 693 6.13 31.02 3.19
C LEU A 693 7.32 31.98 3.11
N ARG A 694 7.31 33.00 3.95
CA ARG A 694 8.43 33.92 4.06
C ARG A 694 9.69 33.27 4.65
N CYS A 695 9.51 32.29 5.53
CA CYS A 695 10.63 31.65 6.23
C CYS A 695 11.14 30.32 5.65
N ASN A 696 10.36 29.66 4.80
CA ASN A 696 10.70 28.30 4.37
C ASN A 696 11.38 28.12 3.01
N GLY A 697 11.62 29.21 2.29
CA GLY A 697 12.24 29.12 0.96
C GLY A 697 11.33 29.23 -0.26
N VAL A 698 10.02 29.03 -0.08
CA VAL A 698 9.08 29.08 -1.20
C VAL A 698 9.08 30.46 -1.87
N LEU A 699 8.96 31.51 -1.06
CA LEU A 699 9.09 32.88 -1.58
C LEU A 699 10.54 33.22 -1.98
N GLU A 700 11.50 32.69 -1.22
CA GLU A 700 12.92 32.84 -1.57
C GLU A 700 13.25 32.31 -2.96
N GLY A 701 12.77 31.10 -3.27
CA GLY A 701 12.98 30.48 -4.58
C GLY A 701 12.36 31.29 -5.68
N ILE A 702 11.18 31.86 -5.40
CA ILE A 702 10.49 32.72 -6.36
C ILE A 702 11.31 33.99 -6.64
N ARG A 703 11.85 34.57 -5.57
CA ARG A 703 12.64 35.79 -5.65
C ARG A 703 13.90 35.64 -6.51
N ILE A 704 14.64 34.55 -6.29
CA ILE A 704 15.91 34.32 -7.03
C ILE A 704 15.71 33.97 -8.52
N CYS A 705 14.63 33.28 -8.85
CA CYS A 705 14.29 33.05 -10.24
C CYS A 705 13.86 34.33 -10.93
N ARG A 706 13.35 35.29 -10.15
CA ARG A 706 12.95 36.61 -10.67
C ARG A 706 14.15 37.40 -11.22
N LYS A 707 15.35 37.13 -10.69
CA LYS A 707 16.57 37.77 -11.17
C LYS A 707 16.80 37.49 -12.65
N GLY A 708 16.48 36.26 -13.08
CA GLY A 708 16.60 35.86 -14.48
C GLY A 708 15.34 36.12 -15.26
N PHE A 709 14.95 35.16 -16.10
CA PHE A 709 13.72 35.25 -16.87
C PHE A 709 12.79 34.11 -16.46
N PRO A 710 11.90 34.36 -15.47
CA PRO A 710 11.08 33.29 -14.87
C PRO A 710 9.99 32.71 -15.80
N ASN A 711 9.10 33.56 -16.32
CA ASN A 711 8.09 33.13 -17.28
C ASN A 711 8.75 32.72 -18.60
N ARG A 712 8.56 31.46 -18.99
CA ARG A 712 9.03 31.02 -20.30
C ARG A 712 7.96 30.21 -21.04
N ILE A 713 7.58 30.70 -22.23
CA ILE A 713 6.50 30.12 -23.01
C ILE A 713 7.01 29.62 -24.37
N LEU A 714 6.49 28.48 -24.81
CA LEU A 714 6.80 27.93 -26.12
C LEU A 714 5.96 28.62 -27.21
N TYR A 715 6.51 28.73 -28.42
CA TYR A 715 5.93 29.50 -29.52
C TYR A 715 4.48 29.11 -29.84
N ALA A 742 8.37 34.79 -35.87
CA ALA A 742 8.30 34.44 -34.45
C ALA A 742 8.69 35.61 -33.54
N GLU A 743 9.70 36.36 -33.97
CA GLU A 743 10.22 37.51 -33.21
C GLU A 743 9.59 38.81 -33.69
N LYS A 744 8.87 38.71 -34.81
CA LYS A 744 8.24 39.86 -35.46
C LYS A 744 7.04 40.40 -34.67
N LEU A 745 6.26 39.50 -34.08
CA LEU A 745 5.07 39.87 -33.34
C LEU A 745 5.42 40.76 -32.14
N LEU A 746 6.46 40.35 -31.40
CA LEU A 746 6.96 41.10 -30.24
C LEU A 746 7.57 42.44 -30.64
N SER A 747 8.40 42.43 -31.68
CA SER A 747 9.00 43.65 -32.22
C SER A 747 7.95 44.62 -32.75
N SER A 748 6.72 44.12 -32.92
CA SER A 748 5.57 44.93 -33.33
C SER A 748 4.68 45.27 -32.14
N LEU A 749 5.25 46.00 -31.17
CA LEU A 749 4.55 46.46 -29.96
C LEU A 749 5.41 47.52 -29.26
N ASP A 750 4.77 48.59 -28.77
CA ASP A 750 5.48 49.65 -28.01
C ASP A 750 6.07 49.13 -26.70
N ILE A 751 5.88 47.83 -26.45
CA ILE A 751 6.39 47.10 -25.29
C ILE A 751 7.91 47.28 -25.10
N ASP A 752 8.32 47.32 -23.82
CA ASP A 752 9.73 47.40 -23.43
C ASP A 752 10.51 46.19 -23.98
N HIS A 753 11.54 46.49 -24.78
CA HIS A 753 12.23 45.45 -25.57
C HIS A 753 13.34 44.69 -24.83
N ASN A 754 13.73 45.18 -23.65
CA ASN A 754 14.73 44.52 -22.83
C ASN A 754 14.10 43.49 -21.89
N GLN A 755 12.78 43.38 -21.95
CA GLN A 755 12.02 42.50 -21.06
C GLN A 755 11.93 41.05 -21.54
N TYR A 756 12.48 40.76 -22.72
CA TYR A 756 12.40 39.41 -23.31
C TYR A 756 13.64 38.97 -24.09
N LYS A 757 13.87 37.66 -24.12
CA LYS A 757 14.93 37.04 -24.92
C LYS A 757 14.42 35.80 -25.66
N PHE A 758 15.09 35.45 -26.76
CA PHE A 758 14.66 34.31 -27.61
C PHE A 758 15.53 33.07 -27.43
N GLY A 759 14.88 31.95 -27.12
CA GLY A 759 15.56 30.66 -26.99
C GLY A 759 15.21 29.69 -28.09
N HIS A 760 15.82 28.51 -28.05
CA HIS A 760 15.64 27.47 -29.07
C HIS A 760 14.20 26.95 -29.08
N THR A 761 13.72 26.49 -27.92
CA THR A 761 12.36 26.00 -27.80
C THR A 761 11.36 27.08 -27.37
N LYS A 762 11.80 27.99 -26.49
CA LYS A 762 10.90 28.96 -25.87
C LYS A 762 11.41 30.41 -25.93
N VAL A 763 10.50 31.35 -25.65
CA VAL A 763 10.86 32.75 -25.42
C VAL A 763 10.85 33.03 -23.92
N PHE A 764 11.92 33.64 -23.42
CA PHE A 764 12.07 33.93 -22.01
C PHE A 764 11.61 35.33 -21.64
N PHE A 765 10.77 35.43 -20.62
CA PHE A 765 10.21 36.71 -20.19
C PHE A 765 10.68 37.12 -18.80
N LYS A 766 10.98 38.39 -18.63
CA LYS A 766 11.15 39.00 -17.32
C LYS A 766 9.76 39.10 -16.69
N ALA A 767 9.66 38.88 -15.38
CA ALA A 767 8.36 38.92 -14.70
C ALA A 767 7.66 40.26 -14.89
N GLY A 768 6.40 40.22 -15.32
CA GLY A 768 5.62 41.43 -15.53
C GLY A 768 5.36 41.80 -16.98
N LEU A 769 5.99 41.06 -17.90
CA LEU A 769 5.72 41.22 -19.33
C LEU A 769 4.42 40.52 -19.69
N LEU A 770 4.28 39.26 -19.27
CA LEU A 770 3.03 38.51 -19.42
C LEU A 770 1.87 39.18 -18.71
N GLY A 771 2.19 39.85 -17.59
CA GLY A 771 1.21 40.64 -16.85
C GLY A 771 0.63 41.74 -17.71
N LEU A 772 1.48 42.34 -18.55
CA LEU A 772 1.06 43.41 -19.47
C LEU A 772 0.63 42.87 -20.84
N LEU A 773 0.95 41.60 -21.09
CA LEU A 773 0.61 40.95 -22.35
C LEU A 773 -0.82 40.38 -22.31
N GLU A 774 -1.08 39.50 -21.35
CA GLU A 774 -2.43 38.94 -21.16
C GLU A 774 -3.46 40.00 -20.74
N GLU A 775 -2.99 41.10 -20.13
CA GLU A 775 -3.84 42.25 -19.82
C GLU A 775 -4.40 42.89 -21.09
N MET A 776 -3.50 43.16 -22.04
CA MET A 776 -3.89 43.72 -23.35
C MET A 776 -4.86 42.80 -24.08
N ARG A 777 -4.75 41.49 -23.83
CA ARG A 777 -5.67 40.48 -24.37
C ARG A 777 -7.01 40.54 -23.64
N GLY B 1 7.74 -6.82 24.20
CA GLY B 1 6.78 -7.87 24.66
C GLY B 1 6.74 -9.10 23.78
N GLY B 2 5.91 -10.07 24.18
CA GLY B 2 5.76 -11.34 23.46
C GLY B 2 5.08 -11.23 22.11
N ASP B 3 4.55 -10.06 21.79
CA ASP B 3 3.91 -9.82 20.51
C ASP B 3 4.79 -8.98 19.59
N SER B 4 6.05 -8.84 19.96
CA SER B 4 6.98 -8.01 19.20
C SER B 4 7.10 -8.42 17.73
N GLU B 5 7.12 -9.73 17.46
CA GLU B 5 7.26 -10.23 16.09
C GLU B 5 6.12 -9.70 15.26
N MET B 6 4.97 -9.50 15.91
CA MET B 6 3.77 -9.04 15.19
C MET B 6 3.66 -7.54 15.08
N ALA B 7 4.49 -6.79 15.82
CA ALA B 7 4.39 -5.32 15.86
C ALA B 7 4.49 -4.64 14.50
N VAL B 8 5.19 -5.29 13.58
CA VAL B 8 5.47 -4.72 12.27
C VAL B 8 4.23 -4.64 11.37
N PHE B 9 3.19 -5.39 11.72
CA PHE B 9 1.97 -5.43 10.92
C PHE B 9 0.93 -4.37 11.31
N GLY B 10 1.27 -3.57 12.32
CA GLY B 10 0.39 -2.53 12.84
C GLY B 10 -1.04 -2.97 13.09
N ALA B 11 -1.98 -2.29 12.43
CA ALA B 11 -3.41 -2.53 12.60
C ALA B 11 -3.85 -3.90 12.07
N ALA B 12 -3.09 -4.44 11.13
CA ALA B 12 -3.36 -5.76 10.55
C ALA B 12 -3.13 -6.91 11.54
N ALA B 13 -2.42 -6.65 12.64
CA ALA B 13 -1.96 -7.70 13.55
C ALA B 13 -3.03 -8.70 14.03
N PRO B 14 -4.14 -8.23 14.66
CA PRO B 14 -5.16 -9.18 15.12
C PRO B 14 -5.88 -9.96 14.01
N TYR B 15 -5.69 -9.57 12.75
CA TYR B 15 -6.33 -10.22 11.61
C TYR B 15 -5.42 -11.24 10.95
N LEU B 16 -4.21 -11.38 11.48
CA LEU B 16 -3.20 -12.26 10.91
C LEU B 16 -2.71 -13.31 11.89
N ARG B 17 -2.56 -12.92 13.16
CA ARG B 17 -2.11 -13.83 14.21
C ARG B 17 -2.67 -13.34 15.54
N LYS B 18 -3.19 -14.27 16.33
CA LYS B 18 -3.78 -13.92 17.64
C LYS B 18 -2.68 -13.59 18.67
N SER B 19 -3.03 -12.85 19.71
CA SER B 19 -2.03 -12.38 20.68
C SER B 19 -1.38 -13.51 21.48
N GLU B 20 -0.26 -13.22 22.13
CA GLU B 20 0.41 -14.17 23.00
C GLU B 20 -0.47 -14.54 24.19
N LYS B 21 -1.14 -13.54 24.77
CA LYS B 21 -2.08 -13.79 25.87
C LYS B 21 -3.16 -14.78 25.42
N GLU B 22 -3.68 -14.60 24.20
CA GLU B 22 -4.69 -15.50 23.66
C GLU B 22 -4.16 -16.91 23.43
N ARG B 23 -2.96 -17.02 22.86
CA ARG B 23 -2.34 -18.33 22.62
C ARG B 23 -2.09 -19.07 23.94
N LEU B 24 -1.59 -18.35 24.97
CA LEU B 24 -1.42 -18.94 26.30
C LEU B 24 -2.71 -19.56 26.84
N GLU B 25 -3.78 -18.77 26.86
CA GLU B 25 -5.09 -19.19 27.39
C GLU B 25 -5.69 -20.41 26.69
N ALA B 26 -5.61 -20.43 25.36
CA ALA B 26 -6.11 -21.55 24.57
C ALA B 26 -5.31 -22.84 24.82
N GLN B 27 -4.03 -22.69 25.14
CA GLN B 27 -3.20 -23.83 25.52
C GLN B 27 -3.57 -24.37 26.91
N THR B 28 -4.28 -23.57 27.70
CA THR B 28 -4.70 -24.00 29.03
C THR B 28 -6.15 -24.53 29.06
N ARG B 29 -6.90 -24.30 27.98
CA ARG B 29 -8.31 -24.68 27.98
C ARG B 29 -8.48 -26.18 28.30
N PRO B 30 -9.48 -26.51 29.15
CA PRO B 30 -9.73 -27.89 29.58
C PRO B 30 -9.86 -28.84 28.38
N PHE B 31 -9.12 -29.94 28.43
CA PHE B 31 -9.14 -30.92 27.34
C PHE B 31 -8.80 -32.34 27.80
N ASP B 32 -9.69 -33.26 27.42
CA ASP B 32 -9.51 -34.68 27.64
C ASP B 32 -9.57 -35.35 26.26
N LEU B 33 -8.51 -36.08 25.91
CA LEU B 33 -8.41 -36.76 24.60
C LEU B 33 -9.50 -37.81 24.40
N LYS B 34 -9.79 -38.58 25.45
CA LYS B 34 -10.80 -39.65 25.40
C LYS B 34 -12.25 -39.16 25.46
N LYS B 35 -12.45 -37.87 25.71
CA LYS B 35 -13.79 -37.32 25.91
C LYS B 35 -14.21 -36.33 24.81
N ASP B 36 -13.33 -35.41 24.45
CA ASP B 36 -13.66 -34.37 23.45
C ASP B 36 -13.40 -34.85 22.01
N VAL B 37 -14.48 -34.98 21.26
CA VAL B 37 -14.45 -35.70 19.98
C VAL B 37 -15.28 -35.02 18.89
N PHE B 38 -15.21 -35.55 17.68
CA PHE B 38 -16.12 -35.19 16.60
C PHE B 38 -17.11 -36.33 16.35
N VAL B 39 -18.39 -35.99 16.19
CA VAL B 39 -19.42 -36.94 15.80
C VAL B 39 -20.25 -36.34 14.65
N PRO B 40 -20.94 -37.21 13.87
CA PRO B 40 -21.75 -36.73 12.75
C PRO B 40 -23.05 -36.06 13.21
N ASP B 41 -23.51 -35.08 12.42
CA ASP B 41 -24.79 -34.43 12.64
C ASP B 41 -25.58 -34.34 11.33
N ASP B 42 -26.91 -34.46 11.43
CA ASP B 42 -27.80 -34.44 10.26
C ASP B 42 -27.69 -33.12 9.46
N LYS B 43 -27.96 -32.00 10.11
CA LYS B 43 -27.90 -30.68 9.49
C LYS B 43 -26.46 -30.24 9.20
N GLN B 44 -25.71 -29.83 10.23
CA GLN B 44 -24.30 -29.47 10.10
C GLN B 44 -23.48 -30.75 9.97
N GLU B 45 -22.48 -30.76 9.09
CA GLU B 45 -21.78 -32.01 8.73
C GLU B 45 -21.24 -32.79 9.95
N PHE B 46 -20.55 -32.08 10.83
CA PHE B 46 -20.00 -32.68 12.04
C PHE B 46 -20.18 -31.73 13.21
N VAL B 47 -19.84 -32.19 14.40
CA VAL B 47 -19.90 -31.35 15.58
C VAL B 47 -18.88 -31.81 16.61
N LYS B 48 -18.25 -30.84 17.27
CA LYS B 48 -17.49 -31.12 18.50
C LYS B 48 -18.50 -31.65 19.51
N ALA B 49 -18.04 -32.46 20.45
CA ALA B 49 -18.92 -33.12 21.42
C ALA B 49 -18.15 -33.75 22.56
N LYS B 50 -18.85 -34.03 23.65
CA LYS B 50 -18.25 -34.65 24.83
C LYS B 50 -18.88 -36.01 25.13
N ILE B 51 -18.04 -37.03 25.23
CA ILE B 51 -18.48 -38.42 25.43
C ILE B 51 -19.04 -38.63 26.83
N VAL B 52 -20.30 -39.06 26.89
CA VAL B 52 -20.99 -39.30 28.16
C VAL B 52 -21.03 -40.81 28.50
N SER B 53 -21.59 -41.61 27.61
CA SER B 53 -21.72 -43.05 27.82
C SER B 53 -21.21 -43.87 26.63
N ARG B 54 -20.56 -44.99 26.94
CA ARG B 54 -20.06 -45.92 25.92
C ARG B 54 -20.76 -47.27 26.12
N GLU B 55 -21.73 -47.57 25.24
CA GLU B 55 -22.64 -48.71 25.42
C GLU B 55 -22.13 -50.05 24.86
N GLY B 56 -20.81 -50.15 24.65
CA GLY B 56 -20.20 -51.34 24.07
C GLY B 56 -20.21 -51.27 22.54
N GLY B 57 -21.41 -51.20 21.98
CA GLY B 57 -21.57 -50.99 20.54
C GLY B 57 -21.44 -49.52 20.16
N LYS B 58 -22.31 -48.69 20.72
CA LYS B 58 -22.39 -47.27 20.37
C LYS B 58 -21.82 -46.35 21.45
N VAL B 59 -21.87 -45.05 21.19
CA VAL B 59 -21.51 -44.01 22.17
C VAL B 59 -22.57 -42.90 22.12
N THR B 60 -22.95 -42.37 23.27
CA THR B 60 -23.78 -41.16 23.33
C THR B 60 -22.93 -39.99 23.81
N ALA B 61 -23.32 -38.77 23.43
CA ALA B 61 -22.52 -37.57 23.72
C ALA B 61 -23.31 -36.25 23.66
N GLU B 62 -22.63 -35.17 24.03
CA GLU B 62 -23.25 -33.84 24.10
C GLU B 62 -22.74 -32.88 23.01
N THR B 63 -23.67 -32.36 22.23
CA THR B 63 -23.39 -31.45 21.13
C THR B 63 -22.78 -30.11 21.61
N GLU B 64 -22.04 -29.44 20.70
CA GLU B 64 -21.64 -28.06 20.91
C GLU B 64 -22.84 -27.13 20.69
N TYR B 65 -23.82 -27.61 19.93
CA TYR B 65 -25.13 -26.97 19.85
C TYR B 65 -26.03 -27.37 21.04
N GLY B 66 -25.55 -28.27 21.92
CA GLY B 66 -26.22 -28.56 23.21
C GLY B 66 -26.98 -29.87 23.39
N LYS B 67 -27.36 -30.48 22.27
CA LYS B 67 -28.17 -31.71 22.19
C LYS B 67 -27.45 -32.97 22.71
N THR B 68 -28.21 -33.93 23.23
CA THR B 68 -27.64 -35.23 23.62
C THR B 68 -27.92 -36.28 22.54
N VAL B 69 -26.89 -36.63 21.79
CA VAL B 69 -27.02 -37.57 20.68
C VAL B 69 -26.34 -38.91 20.97
N THR B 70 -26.83 -39.97 20.32
CA THR B 70 -26.22 -41.29 20.37
C THR B 70 -25.86 -41.72 18.94
N VAL B 71 -24.63 -42.18 18.75
CA VAL B 71 -24.15 -42.63 17.44
C VAL B 71 -23.27 -43.86 17.57
N LYS B 72 -22.91 -44.45 16.43
CA LYS B 72 -21.98 -45.56 16.41
C LYS B 72 -20.60 -45.11 16.82
N GLU B 73 -20.06 -45.88 17.78
CA GLU B 73 -18.63 -45.80 18.06
C GLU B 73 -17.89 -45.66 16.74
N ASP B 74 -18.34 -46.46 15.77
CA ASP B 74 -17.87 -46.45 14.39
C ASP B 74 -17.39 -45.06 13.93
N GLN B 75 -18.25 -44.06 14.07
CA GLN B 75 -18.13 -42.78 13.38
C GLN B 75 -17.55 -41.63 14.22
N VAL B 76 -16.82 -41.97 15.28
CA VAL B 76 -16.27 -40.97 16.20
C VAL B 76 -14.84 -40.61 15.82
N MET B 77 -14.58 -39.32 15.66
CA MET B 77 -13.24 -38.85 15.31
C MET B 77 -12.65 -38.02 16.45
N GLN B 78 -11.33 -37.94 16.53
CA GLN B 78 -10.66 -37.23 17.61
C GLN B 78 -10.42 -35.75 17.28
N GLN B 79 -10.58 -34.91 18.30
CA GLN B 79 -10.21 -33.50 18.19
C GLN B 79 -8.72 -33.37 18.35
N ASN B 80 -8.13 -32.42 17.64
CA ASN B 80 -6.76 -32.02 17.94
C ASN B 80 -6.72 -31.34 19.31
N PRO B 81 -5.66 -31.59 20.09
CA PRO B 81 -5.44 -30.92 21.38
C PRO B 81 -5.33 -29.39 21.24
N PRO B 82 -5.54 -28.65 22.35
CA PRO B 82 -5.53 -27.18 22.39
C PRO B 82 -4.27 -26.50 21.80
N LYS B 83 -3.11 -27.13 21.91
CA LYS B 83 -1.87 -26.55 21.35
C LYS B 83 -1.97 -26.32 19.84
N PHE B 84 -2.88 -27.05 19.20
CA PHE B 84 -3.10 -26.94 17.76
C PHE B 84 -4.21 -25.96 17.38
N ASP B 85 -4.74 -25.21 18.35
CA ASP B 85 -5.80 -24.23 18.08
C ASP B 85 -5.38 -23.20 17.05
N LYS B 86 -6.22 -23.03 16.03
CA LYS B 86 -6.03 -22.05 14.96
C LYS B 86 -4.62 -22.08 14.37
N ILE B 87 -4.17 -23.26 13.98
CA ILE B 87 -2.82 -23.43 13.49
C ILE B 87 -2.67 -22.88 12.07
N GLU B 88 -1.46 -22.39 11.75
CA GLU B 88 -1.19 -21.66 10.50
C GLU B 88 -0.87 -22.55 9.30
N ASP B 89 -0.29 -23.72 9.56
CA ASP B 89 -0.13 -24.73 8.53
C ASP B 89 -0.75 -26.04 9.03
N MET B 90 -1.84 -26.45 8.39
CA MET B 90 -2.63 -27.57 8.89
C MET B 90 -1.97 -28.91 8.68
N ALA B 91 -0.84 -28.91 7.98
CA ALA B 91 -0.03 -30.11 7.80
C ALA B 91 0.61 -30.51 9.12
N MET B 92 0.58 -29.60 10.10
CA MET B 92 1.11 -29.84 11.45
C MET B 92 0.11 -30.51 12.38
N LEU B 93 -1.16 -30.57 11.99
CA LEU B 93 -2.18 -31.20 12.82
C LEU B 93 -1.93 -32.71 12.97
N THR B 94 -2.12 -33.21 14.18
CA THR B 94 -2.06 -34.66 14.42
C THR B 94 -3.11 -35.37 13.59
N PHE B 95 -4.35 -34.93 13.73
CA PHE B 95 -5.48 -35.55 13.04
C PHE B 95 -5.86 -34.72 11.83
N LEU B 96 -5.99 -35.41 10.71
CA LEU B 96 -6.18 -34.75 9.43
C LEU B 96 -7.38 -35.28 8.66
N HIS B 97 -8.30 -35.90 9.40
CA HIS B 97 -9.63 -36.18 8.88
C HIS B 97 -10.37 -34.86 8.64
N GLU B 98 -11.53 -34.95 8.03
CA GLU B 98 -12.21 -33.76 7.50
C GLU B 98 -12.76 -32.75 8.53
N PRO B 99 -13.34 -33.21 9.66
CA PRO B 99 -13.76 -32.23 10.67
C PRO B 99 -12.61 -31.39 11.25
N ALA B 100 -11.49 -32.04 11.56
CA ALA B 100 -10.30 -31.36 12.07
C ALA B 100 -9.91 -30.18 11.19
N VAL B 101 -9.92 -30.42 9.87
CA VAL B 101 -9.55 -29.40 8.89
C VAL B 101 -10.58 -28.26 8.88
N LEU B 102 -11.85 -28.64 8.70
CA LEU B 102 -12.97 -27.70 8.76
C LEU B 102 -12.91 -26.81 10.01
N TYR B 103 -12.81 -27.41 11.20
CA TYR B 103 -12.87 -26.64 12.43
C TYR B 103 -11.68 -25.71 12.67
N ASN B 104 -10.49 -26.12 12.22
CA ASN B 104 -9.33 -25.25 12.29
C ASN B 104 -9.57 -24.00 11.44
N LEU B 105 -10.07 -24.20 10.21
CA LEU B 105 -10.52 -23.13 9.35
C LEU B 105 -11.69 -22.31 9.94
N LYS B 106 -12.60 -22.98 10.66
CA LYS B 106 -13.77 -22.32 11.25
C LYS B 106 -13.34 -21.41 12.41
N ASP B 107 -12.40 -21.88 13.22
CA ASP B 107 -11.91 -21.13 14.36
C ASP B 107 -11.14 -19.91 13.91
N ARG B 108 -10.30 -20.07 12.90
CA ARG B 108 -9.54 -18.95 12.34
C ARG B 108 -10.46 -17.91 11.73
N TYR B 109 -11.48 -18.37 11.01
CA TYR B 109 -12.42 -17.50 10.31
C TYR B 109 -13.26 -16.69 11.30
N GLY B 110 -13.61 -17.31 12.42
CA GLY B 110 -14.36 -16.65 13.46
C GLY B 110 -13.53 -15.63 14.21
N SER B 111 -12.22 -15.65 13.98
CA SER B 111 -11.31 -14.65 14.50
C SER B 111 -10.84 -13.71 13.38
N TRP B 112 -11.62 -13.66 12.30
CA TRP B 112 -11.33 -12.78 11.17
C TRP B 112 -9.97 -13.02 10.50
N MET B 113 -9.39 -14.18 10.78
CA MET B 113 -8.17 -14.63 10.09
C MET B 113 -8.60 -15.50 8.90
N ILE B 114 -8.52 -14.94 7.71
CA ILE B 114 -9.07 -15.57 6.52
C ILE B 114 -8.05 -16.39 5.72
N TYR B 115 -6.79 -16.35 6.11
CA TYR B 115 -5.72 -17.08 5.42
C TYR B 115 -5.16 -18.22 6.27
N THR B 116 -4.94 -19.39 5.68
CA THR B 116 -4.35 -20.56 6.37
C THR B 116 -3.57 -21.37 5.34
N TYR B 117 -2.46 -21.99 5.75
CA TYR B 117 -1.71 -22.88 4.85
C TYR B 117 -2.08 -24.33 5.12
N SER B 118 -1.91 -25.18 4.11
CA SER B 118 -2.18 -26.60 4.24
C SER B 118 -1.22 -27.35 3.32
N GLY B 119 -0.03 -27.68 3.87
CA GLY B 119 1.09 -28.10 3.04
C GLY B 119 1.43 -26.97 2.09
N LEU B 120 1.41 -27.25 0.78
CA LEU B 120 1.73 -26.24 -0.22
C LEU B 120 0.60 -25.22 -0.41
N PHE B 121 -0.61 -25.58 -0.02
CA PHE B 121 -1.77 -24.74 -0.35
C PHE B 121 -1.81 -23.52 0.53
N CYS B 122 -2.22 -22.40 -0.08
CA CYS B 122 -2.70 -21.23 0.64
C CYS B 122 -4.23 -21.27 0.58
N VAL B 123 -4.89 -21.40 1.73
CA VAL B 123 -6.35 -21.43 1.76
C VAL B 123 -6.91 -20.08 2.23
N THR B 124 -7.89 -19.57 1.49
CA THR B 124 -8.59 -18.33 1.84
C THR B 124 -10.09 -18.60 2.02
N VAL B 125 -10.67 -18.01 3.07
CA VAL B 125 -12.11 -18.01 3.20
C VAL B 125 -12.61 -16.58 3.02
N ASN B 126 -13.54 -16.39 2.08
CA ASN B 126 -14.16 -15.08 1.85
C ASN B 126 -14.70 -14.46 3.15
N PRO B 127 -14.18 -13.28 3.53
CA PRO B 127 -14.67 -12.57 4.72
C PRO B 127 -16.01 -11.86 4.51
N TYR B 128 -16.31 -11.44 3.28
CA TYR B 128 -17.47 -10.59 2.95
C TYR B 128 -17.47 -9.29 3.76
N LYS B 129 -16.28 -8.81 4.10
CA LYS B 129 -16.11 -7.49 4.68
C LYS B 129 -14.68 -7.08 4.46
N TRP B 130 -14.49 -5.78 4.28
CA TRP B 130 -13.16 -5.17 4.16
CA TRP B 130 -13.14 -5.33 4.11
C TRP B 130 -12.41 -5.37 5.46
N LEU B 131 -11.26 -6.04 5.42
CA LEU B 131 -10.37 -6.18 6.56
C LEU B 131 -9.11 -5.37 6.26
N PRO B 132 -8.46 -4.80 7.29
CA PRO B 132 -7.30 -3.93 7.08
C PRO B 132 -5.97 -4.66 6.90
N VAL B 133 -5.94 -5.64 6.01
CA VAL B 133 -4.75 -6.47 5.84
C VAL B 133 -4.03 -6.23 4.51
N TYR B 134 -4.51 -5.29 3.71
CA TYR B 134 -3.92 -5.05 2.39
C TYR B 134 -3.39 -3.62 2.28
N THR B 135 -2.69 -3.16 3.32
CA THR B 135 -2.15 -1.78 3.36
C THR B 135 -0.64 -1.74 3.10
N PRO B 136 -0.09 -0.56 2.73
CA PRO B 136 1.36 -0.47 2.48
C PRO B 136 2.20 -0.98 3.64
N GLU B 137 1.73 -0.73 4.86
CA GLU B 137 2.33 -1.28 6.05
C GLU B 137 2.49 -2.81 5.97
N VAL B 138 1.46 -3.50 5.47
CA VAL B 138 1.50 -4.95 5.39
C VAL B 138 2.39 -5.39 4.22
N VAL B 139 2.35 -4.62 3.14
CA VAL B 139 3.22 -4.88 2.01
C VAL B 139 4.68 -4.75 2.47
N ALA B 140 4.99 -3.66 3.14
CA ALA B 140 6.34 -3.45 3.63
C ALA B 140 6.77 -4.64 4.48
N ALA B 141 5.82 -5.22 5.21
CA ALA B 141 6.15 -6.23 6.20
C ALA B 141 6.31 -7.62 5.61
N TYR B 142 5.90 -7.78 4.35
CA TYR B 142 6.03 -9.08 3.69
C TYR B 142 7.20 -9.12 2.72
N ARG B 143 7.79 -7.95 2.44
CA ARG B 143 8.91 -7.86 1.51
C ARG B 143 10.05 -8.77 1.93
N GLY B 144 10.37 -9.71 1.06
CA GLY B 144 11.57 -10.52 1.21
C GLY B 144 11.50 -11.59 2.28
N LYS B 145 10.30 -11.84 2.81
CA LYS B 145 10.14 -12.88 3.83
C LYS B 145 9.77 -14.22 3.24
N LYS B 146 10.26 -15.28 3.87
CA LYS B 146 9.89 -16.63 3.54
C LYS B 146 8.57 -16.91 4.22
N ARG B 147 7.83 -17.89 3.69
CA ARG B 147 6.52 -18.24 4.23
C ARG B 147 6.56 -18.40 5.77
N SER B 148 7.50 -19.20 6.26
CA SER B 148 7.57 -19.52 7.69
C SER B 148 7.87 -18.29 8.56
N GLU B 149 8.27 -17.20 7.92
CA GLU B 149 8.72 -16.02 8.66
C GLU B 149 7.62 -14.98 8.85
N ALA B 150 6.39 -15.33 8.47
CA ALA B 150 5.23 -14.46 8.65
C ALA B 150 3.92 -15.26 8.72
N PRO B 151 2.84 -14.65 9.26
CA PRO B 151 1.51 -15.28 9.24
C PRO B 151 1.02 -15.60 7.82
N PRO B 152 0.05 -16.53 7.68
CA PRO B 152 -0.42 -16.77 6.32
C PRO B 152 -1.07 -15.52 5.72
N HIS B 153 -0.81 -15.29 4.43
CA HIS B 153 -1.34 -14.15 3.70
C HIS B 153 -1.10 -14.35 2.23
N ILE B 154 -1.98 -13.84 1.40
CA ILE B 154 -1.81 -13.91 -0.05
C ILE B 154 -0.48 -13.26 -0.51
N PHE B 155 -0.06 -12.22 0.22
CA PHE B 155 1.15 -11.46 -0.09
C PHE B 155 2.40 -12.33 -0.05
N SER B 156 2.37 -13.33 0.83
CA SER B 156 3.45 -14.29 0.98
C SER B 156 3.62 -15.14 -0.27
N ILE B 157 2.51 -15.46 -0.92
CA ILE B 157 2.54 -16.24 -2.15
C ILE B 157 3.17 -15.38 -3.24
N SER B 158 2.69 -14.15 -3.36
CA SER B 158 3.16 -13.25 -4.40
C SER B 158 4.63 -12.84 -4.24
N ASP B 159 5.04 -12.46 -3.02
CA ASP B 159 6.41 -12.03 -2.75
C ASP B 159 7.38 -13.17 -2.97
N ASN B 160 7.00 -14.38 -2.57
CA ASN B 160 7.88 -15.52 -2.81
C ASN B 160 7.97 -15.88 -4.28
N ALA B 161 6.83 -15.82 -4.98
CA ALA B 161 6.81 -16.03 -6.43
C ALA B 161 7.85 -15.13 -7.10
N TYR B 162 7.80 -13.84 -6.75
CA TYR B 162 8.72 -12.84 -7.25
C TYR B 162 10.15 -13.21 -6.90
N GLN B 163 10.42 -13.51 -5.63
CA GLN B 163 11.81 -13.78 -5.22
C GLN B 163 12.33 -15.06 -5.83
N TYR B 164 11.52 -16.13 -5.73
CA TYR B 164 11.82 -17.40 -6.40
C TYR B 164 12.18 -17.18 -7.88
N MET B 165 11.38 -16.37 -8.56
CA MET B 165 11.68 -15.99 -9.93
C MET B 165 13.11 -15.48 -10.09
N LEU B 166 13.49 -14.51 -9.24
CA LEU B 166 14.77 -13.85 -9.38
C LEU B 166 15.94 -14.72 -8.94
N THR B 167 15.75 -15.47 -7.85
CA THR B 167 16.80 -16.33 -7.27
C THR B 167 17.09 -17.59 -8.10
N ASP B 168 16.06 -18.35 -8.41
CA ASP B 168 16.17 -19.59 -9.18
C ASP B 168 16.15 -19.37 -10.69
N ARG B 169 15.97 -18.11 -11.11
CA ARG B 169 15.84 -17.75 -12.54
C ARG B 169 14.78 -18.56 -13.28
N GLU B 170 13.61 -18.74 -12.68
CA GLU B 170 12.58 -19.56 -13.28
C GLU B 170 11.27 -18.82 -13.44
N ASN B 171 10.49 -19.22 -14.44
CA ASN B 171 9.08 -18.91 -14.54
C ASN B 171 8.34 -19.41 -13.30
N GLN B 172 7.27 -18.72 -12.95
CA GLN B 172 6.46 -19.07 -11.80
C GLN B 172 5.00 -19.02 -12.22
N SER B 173 4.13 -19.72 -11.50
CA SER B 173 2.69 -19.59 -11.68
C SER B 173 1.96 -19.60 -10.34
N ILE B 174 0.78 -18.96 -10.31
CA ILE B 174 -0.04 -18.87 -9.12
C ILE B 174 -1.45 -19.27 -9.54
N LEU B 175 -1.87 -20.46 -9.13
CA LEU B 175 -3.18 -20.98 -9.51
C LEU B 175 -4.19 -20.68 -8.42
N ILE B 176 -5.20 -19.90 -8.78
CA ILE B 176 -6.20 -19.45 -7.83
C ILE B 176 -7.53 -20.03 -8.30
N THR B 177 -7.99 -21.07 -7.60
CA THR B 177 -9.21 -21.79 -7.95
C THR B 177 -10.22 -21.83 -6.80
N GLY B 178 -11.43 -22.30 -7.08
CA GLY B 178 -12.52 -22.29 -6.12
C GLY B 178 -13.87 -22.10 -6.76
N GLU B 179 -14.92 -22.25 -5.95
CA GLU B 179 -16.30 -22.12 -6.41
C GLU B 179 -16.64 -20.67 -6.73
N SER B 180 -17.71 -20.47 -7.48
CA SER B 180 -18.23 -19.12 -7.68
C SER B 180 -18.49 -18.46 -6.33
N GLY B 181 -17.93 -17.28 -6.14
CA GLY B 181 -18.16 -16.49 -4.94
C GLY B 181 -17.08 -16.68 -3.90
N ALA B 182 -16.15 -17.57 -4.18
CA ALA B 182 -15.13 -17.94 -3.21
C ALA B 182 -14.10 -16.82 -2.97
N GLY B 183 -13.83 -16.01 -3.99
CA GLY B 183 -12.89 -14.89 -3.83
C GLY B 183 -11.66 -14.95 -4.72
N LYS B 184 -11.73 -15.71 -5.80
CA LYS B 184 -10.62 -15.89 -6.70
C LYS B 184 -10.18 -14.57 -7.31
N THR B 185 -11.15 -13.77 -7.75
CA THR B 185 -10.84 -12.56 -8.50
C THR B 185 -10.29 -11.49 -7.56
N VAL B 186 -10.79 -11.43 -6.34
CA VAL B 186 -10.25 -10.48 -5.37
C VAL B 186 -8.75 -10.75 -5.14
N ASN B 187 -8.41 -12.02 -4.93
CA ASN B 187 -7.04 -12.41 -4.68
C ASN B 187 -6.16 -12.25 -5.91
N THR B 188 -6.75 -12.55 -7.07
CA THR B 188 -6.05 -12.40 -8.35
C THR B 188 -5.62 -10.95 -8.50
N LYS B 189 -6.51 -10.03 -8.12
CA LYS B 189 -6.24 -8.60 -8.27
C LYS B 189 -5.19 -8.11 -7.28
N ARG B 190 -5.24 -8.67 -6.08
CA ARG B 190 -4.25 -8.35 -5.06
C ARG B 190 -2.86 -8.85 -5.46
N VAL B 191 -2.81 -9.99 -6.11
CA VAL B 191 -1.56 -10.54 -6.63
C VAL B 191 -0.98 -9.65 -7.75
N ILE B 192 -1.85 -9.19 -8.65
CA ILE B 192 -1.40 -8.35 -9.75
C ILE B 192 -0.94 -7.01 -9.23
N GLN B 193 -1.75 -6.42 -8.36
CA GLN B 193 -1.44 -5.16 -7.72
C GLN B 193 -0.15 -5.26 -6.92
N TYR B 194 0.08 -6.38 -6.22
CA TYR B 194 1.32 -6.56 -5.46
C TYR B 194 2.57 -6.47 -6.35
N PHE B 195 2.56 -7.17 -7.49
CA PHE B 195 3.68 -7.13 -8.42
C PHE B 195 3.88 -5.73 -8.96
N ALA B 196 2.77 -5.08 -9.30
CA ALA B 196 2.81 -3.72 -9.83
C ALA B 196 3.46 -2.81 -8.81
N VAL B 197 3.18 -3.08 -7.55
CA VAL B 197 3.74 -2.31 -6.47
C VAL B 197 5.24 -2.55 -6.32
N ILE B 198 5.69 -3.79 -6.48
CA ILE B 198 7.06 -4.13 -6.12
C ILE B 198 8.06 -4.25 -7.27
N ALA B 199 7.58 -4.65 -8.44
CA ALA B 199 8.45 -4.86 -9.59
C ALA B 199 9.28 -3.62 -9.87
N ALA B 200 10.48 -3.85 -10.37
CA ALA B 200 11.33 -2.76 -10.83
C ALA B 200 10.74 -2.09 -12.08
N ILE B 201 11.16 -0.85 -12.32
CA ILE B 201 10.68 -0.05 -13.42
C ILE B 201 11.53 -0.35 -14.67
N GLY B 202 10.84 -0.75 -15.73
CA GLY B 202 11.45 -0.95 -17.05
C GLY B 202 11.96 0.37 -17.63
N ASP B 203 12.72 0.27 -18.70
CA ASP B 203 13.41 1.44 -19.23
C ASP B 203 12.55 2.28 -20.16
N ARG B 204 12.85 3.58 -20.22
CA ARG B 204 12.08 4.52 -21.06
C ARG B 204 12.79 4.88 -22.39
N GLY B 212 -0.79 2.81 -25.70
CA GLY B 212 -1.47 3.09 -24.44
C GLY B 212 -1.06 4.37 -23.69
N LYS B 213 -1.93 4.84 -22.80
CA LYS B 213 -1.64 5.98 -21.92
C LYS B 213 -1.14 5.54 -20.52
N GLY B 214 -0.25 6.34 -19.92
CA GLY B 214 0.32 6.03 -18.60
C GLY B 214 1.42 4.97 -18.64
N THR B 215 1.47 4.14 -17.60
CA THR B 215 2.51 3.13 -17.48
C THR B 215 1.97 1.73 -17.71
N LEU B 216 2.90 0.79 -17.88
CA LEU B 216 2.59 -0.61 -18.00
C LEU B 216 1.86 -1.12 -16.75
N GLU B 217 2.29 -0.66 -15.57
CA GLU B 217 1.58 -0.90 -14.32
C GLU B 217 0.11 -0.49 -14.44
N ASP B 218 -0.13 0.76 -14.79
CA ASP B 218 -1.49 1.27 -15.01
C ASP B 218 -2.27 0.37 -15.98
N GLN B 219 -1.63 0.00 -17.09
CA GLN B 219 -2.29 -0.72 -18.16
C GLN B 219 -2.70 -2.15 -17.78
N ILE B 220 -1.81 -2.88 -17.08
CA ILE B 220 -2.12 -4.23 -16.61
C ILE B 220 -3.35 -4.19 -15.70
N ILE B 221 -3.33 -3.26 -14.73
CA ILE B 221 -4.42 -3.11 -13.78
C ILE B 221 -5.71 -2.72 -14.50
N GLN B 222 -5.61 -1.85 -15.49
CA GLN B 222 -6.80 -1.35 -16.18
C GLN B 222 -7.41 -2.35 -17.14
N ALA B 223 -6.64 -3.35 -17.54
CA ALA B 223 -7.18 -4.40 -18.39
C ALA B 223 -8.37 -5.07 -17.71
N ASN B 224 -8.39 -5.01 -16.38
CA ASN B 224 -9.41 -5.72 -15.63
C ASN B 224 -10.82 -5.14 -15.78
N PRO B 225 -10.99 -3.82 -15.53
CA PRO B 225 -12.32 -3.22 -15.77
C PRO B 225 -12.85 -3.33 -17.21
N ALA B 226 -11.97 -3.53 -18.19
CA ALA B 226 -12.39 -3.75 -19.58
C ALA B 226 -12.93 -5.16 -19.76
N LEU B 227 -12.24 -6.13 -19.20
CA LEU B 227 -12.64 -7.53 -19.31
C LEU B 227 -13.95 -7.79 -18.58
N GLU B 228 -14.07 -7.23 -17.37
CA GLU B 228 -15.23 -7.48 -16.51
C GLU B 228 -16.53 -6.90 -17.04
N ALA B 229 -16.43 -5.80 -17.79
CA ALA B 229 -17.61 -5.18 -18.37
C ALA B 229 -18.31 -6.15 -19.33
N PHE B 230 -17.52 -6.80 -20.18
CA PHE B 230 -18.05 -7.69 -21.20
C PHE B 230 -18.06 -9.14 -20.75
N GLY B 231 -17.28 -9.47 -19.73
CA GLY B 231 -17.12 -10.87 -19.32
C GLY B 231 -17.69 -11.25 -17.96
N ASN B 232 -18.14 -10.26 -17.18
CA ASN B 232 -18.73 -10.51 -15.88
C ASN B 232 -20.23 -10.21 -15.82
N ALA B 233 -20.93 -10.93 -14.95
CA ALA B 233 -22.37 -10.77 -14.76
C ALA B 233 -22.77 -11.12 -13.34
N LYS B 234 -23.87 -10.53 -12.86
CA LYS B 234 -24.45 -10.91 -11.56
C LYS B 234 -25.22 -12.22 -11.69
N THR B 235 -24.84 -13.18 -10.85
CA THR B 235 -25.47 -14.48 -10.76
C THR B 235 -26.03 -14.58 -9.37
N VAL B 236 -26.66 -15.72 -9.05
CA VAL B 236 -27.16 -15.96 -7.70
C VAL B 236 -26.01 -15.90 -6.69
N ARG B 237 -24.94 -16.61 -7.00
CA ARG B 237 -23.80 -16.77 -6.08
C ARG B 237 -22.97 -15.52 -5.87
N ASN B 238 -22.82 -14.71 -6.92
CA ASN B 238 -21.84 -13.62 -6.94
C ASN B 238 -22.32 -12.47 -7.81
N ASP B 239 -22.31 -11.27 -7.24
CA ASP B 239 -22.69 -10.05 -7.93
C ASP B 239 -21.78 -9.72 -9.11
N ASN B 240 -20.54 -10.17 -9.01
CA ASN B 240 -19.56 -9.83 -10.01
C ASN B 240 -18.84 -11.10 -10.47
N SER B 241 -19.60 -12.02 -11.04
CA SER B 241 -19.10 -13.33 -11.43
C SER B 241 -18.35 -13.30 -12.76
N SER B 242 -17.17 -13.92 -12.77
CA SER B 242 -16.39 -14.09 -14.00
C SER B 242 -17.02 -15.21 -14.82
N ARG B 243 -17.40 -14.92 -16.06
CA ARG B 243 -18.05 -15.92 -16.90
C ARG B 243 -17.09 -16.43 -17.97
N PHE B 244 -15.82 -16.26 -17.65
CA PHE B 244 -14.73 -16.76 -18.46
C PHE B 244 -13.60 -17.07 -17.48
N GLY B 245 -12.68 -17.92 -17.91
CA GLY B 245 -11.49 -18.22 -17.14
C GLY B 245 -10.33 -17.42 -17.68
N LYS B 246 -9.39 -17.07 -16.80
CA LYS B 246 -8.38 -16.08 -17.14
C LYS B 246 -6.98 -16.58 -16.78
N PHE B 247 -6.01 -16.34 -17.65
CA PHE B 247 -4.60 -16.62 -17.37
C PHE B 247 -3.75 -15.43 -17.82
N ILE B 248 -3.08 -14.79 -16.86
CA ILE B 248 -2.26 -13.60 -17.12
C ILE B 248 -0.79 -13.97 -16.99
N ARG B 249 0.00 -13.72 -18.02
CA ARG B 249 1.43 -13.83 -17.86
C ARG B 249 1.97 -12.43 -17.77
N ILE B 250 2.56 -12.11 -16.61
CA ILE B 250 3.33 -10.89 -16.47
C ILE B 250 4.78 -11.27 -16.70
N HIS B 251 5.41 -10.63 -17.68
CA HIS B 251 6.80 -10.90 -18.00
C HIS B 251 7.76 -9.94 -17.28
N PHE B 252 8.96 -10.44 -16.99
CA PHE B 252 9.99 -9.68 -16.26
C PHE B 252 11.37 -9.88 -16.86
N GLY B 253 12.22 -8.86 -16.68
CA GLY B 253 13.62 -8.95 -17.01
C GLY B 253 14.39 -9.60 -15.88
N ALA B 254 15.69 -9.79 -16.07
CA ALA B 254 16.50 -10.55 -15.11
C ALA B 254 16.53 -9.98 -13.70
N THR B 255 16.34 -8.67 -13.57
CA THR B 255 16.45 -8.01 -12.27
C THR B 255 15.08 -7.58 -11.73
N GLY B 256 14.02 -8.15 -12.31
CA GLY B 256 12.66 -7.91 -11.87
C GLY B 256 11.96 -6.72 -12.51
N LYS B 257 12.54 -6.18 -13.58
CA LYS B 257 11.89 -5.10 -14.30
C LYS B 257 10.62 -5.60 -15.00
N LEU B 258 9.51 -4.90 -14.77
CA LEU B 258 8.25 -5.22 -15.42
C LEU B 258 8.41 -4.95 -16.91
N ALA B 259 8.15 -5.96 -17.72
CA ALA B 259 8.48 -5.89 -19.14
C ALA B 259 7.25 -5.86 -20.04
N SER B 260 6.25 -6.67 -19.70
CA SER B 260 5.20 -7.00 -20.66
C SER B 260 4.13 -7.84 -19.97
N ALA B 261 2.97 -7.97 -20.61
CA ALA B 261 1.90 -8.86 -20.12
C ALA B 261 1.05 -9.41 -21.25
N ASP B 262 0.55 -10.63 -21.09
CA ASP B 262 -0.43 -11.17 -22.04
C ASP B 262 -1.51 -11.95 -21.30
N ILE B 263 -2.74 -11.85 -21.81
CA ILE B 263 -3.91 -12.45 -21.19
C ILE B 263 -4.51 -13.51 -22.11
N GLU B 264 -4.83 -14.68 -21.56
CA GLU B 264 -5.60 -15.70 -22.26
C GLU B 264 -6.92 -15.85 -21.55
N THR B 265 -7.99 -16.01 -22.32
CA THR B 265 -9.31 -16.22 -21.76
C THR B 265 -9.94 -17.52 -22.28
N TYR B 266 -10.81 -18.12 -21.48
CA TYR B 266 -11.31 -19.46 -21.73
C TYR B 266 -12.80 -19.51 -21.53
N LEU B 267 -13.48 -20.29 -22.37
CA LEU B 267 -14.88 -20.68 -22.19
C LEU B 267 -15.83 -19.60 -21.68
N LEU B 268 -15.87 -18.47 -22.40
CA LEU B 268 -16.87 -17.43 -22.15
C LEU B 268 -18.29 -17.98 -22.27
N GLU B 269 -19.12 -17.71 -21.27
CA GLU B 269 -20.52 -18.16 -21.25
C GLU B 269 -21.36 -17.43 -22.31
N LYS B 270 -21.28 -17.90 -23.55
CA LYS B 270 -22.02 -17.31 -24.68
C LYS B 270 -23.51 -17.17 -24.40
N SER B 271 -24.10 -18.24 -23.86
CA SER B 271 -25.54 -18.29 -23.58
C SER B 271 -26.07 -17.15 -22.72
N ARG B 272 -25.23 -16.56 -21.87
CA ARG B 272 -25.68 -15.43 -21.05
C ARG B 272 -26.11 -14.21 -21.88
N VAL B 273 -25.46 -14.02 -23.03
CA VAL B 273 -25.73 -12.94 -23.96
C VAL B 273 -27.22 -12.79 -24.28
N ILE B 274 -27.91 -13.93 -24.37
CA ILE B 274 -29.28 -13.93 -24.84
C ILE B 274 -30.27 -14.53 -23.84
N PHE B 275 -29.77 -15.00 -22.70
CA PHE B 275 -30.60 -15.69 -21.72
C PHE B 275 -30.18 -15.39 -20.27
N GLN B 276 -31.16 -15.24 -19.39
CA GLN B 276 -30.92 -15.15 -17.94
C GLN B 276 -31.99 -15.91 -17.18
N LEU B 277 -31.59 -16.55 -16.09
CA LEU B 277 -32.55 -17.01 -15.10
C LEU B 277 -33.12 -15.79 -14.40
N LYS B 278 -34.27 -15.96 -13.75
CA LYS B 278 -34.96 -14.80 -13.19
C LYS B 278 -34.13 -13.96 -12.22
N ALA B 279 -33.19 -14.58 -11.51
CA ALA B 279 -32.44 -13.89 -10.46
C ALA B 279 -31.05 -13.43 -10.91
N GLU B 280 -30.83 -13.43 -12.22
CA GLU B 280 -29.52 -13.13 -12.77
C GLU B 280 -29.61 -12.04 -13.83
N ARG B 281 -28.44 -11.62 -14.33
CA ARG B 281 -28.33 -10.55 -15.31
C ARG B 281 -27.50 -10.99 -16.54
N ASP B 282 -27.57 -10.20 -17.61
CA ASP B 282 -26.61 -10.32 -18.69
C ASP B 282 -25.30 -9.66 -18.23
N TYR B 283 -24.32 -9.59 -19.12
CA TYR B 283 -23.05 -8.96 -18.81
C TYR B 283 -23.20 -7.48 -18.41
N HIS B 284 -22.37 -7.03 -17.47
CA HIS B 284 -22.47 -5.67 -16.93
C HIS B 284 -22.60 -4.59 -18.01
N ILE B 285 -21.89 -4.76 -19.13
CA ILE B 285 -21.80 -3.72 -20.17
C ILE B 285 -23.15 -3.12 -20.60
N PHE B 286 -24.15 -3.97 -20.81
CA PHE B 286 -25.48 -3.49 -21.25
C PHE B 286 -26.07 -2.47 -20.28
N TYR B 287 -25.97 -2.77 -18.99
CA TYR B 287 -26.55 -1.93 -17.96
C TYR B 287 -25.65 -0.74 -17.65
N GLN B 288 -24.37 -0.88 -17.95
CA GLN B 288 -23.44 0.23 -17.88
C GLN B 288 -23.81 1.27 -18.94
N ILE B 289 -23.99 0.83 -20.18
CA ILE B 289 -24.43 1.71 -21.25
C ILE B 289 -25.78 2.39 -20.97
N LEU B 290 -26.78 1.59 -20.56
CA LEU B 290 -28.12 2.11 -20.34
C LEU B 290 -28.18 3.10 -19.19
N SER B 291 -27.12 3.15 -18.39
CA SER B 291 -27.10 3.94 -17.16
C SER B 291 -27.27 5.42 -17.43
N ASN B 292 -26.96 5.84 -18.65
CA ASN B 292 -27.02 7.26 -19.05
C ASN B 292 -25.91 8.13 -18.44
N LYS B 293 -24.85 7.51 -17.94
CA LYS B 293 -23.70 8.26 -17.48
C LYS B 293 -23.03 9.00 -18.63
N LYS B 294 -22.97 8.35 -19.81
CA LYS B 294 -22.55 9.00 -21.05
C LYS B 294 -23.75 9.05 -22.02
N PRO B 295 -24.61 10.08 -21.90
CA PRO B 295 -25.82 10.26 -22.72
C PRO B 295 -25.61 10.13 -24.22
N GLU B 296 -24.44 10.53 -24.72
CA GLU B 296 -24.16 10.44 -26.15
C GLU B 296 -24.12 8.99 -26.71
N LEU B 297 -23.87 8.01 -25.85
CA LEU B 297 -23.87 6.60 -26.28
C LEU B 297 -25.28 6.05 -26.58
N LEU B 298 -26.27 6.53 -25.85
CA LEU B 298 -27.66 6.16 -26.13
C LEU B 298 -28.10 6.71 -27.48
N ASP B 299 -27.75 7.97 -27.74
CA ASP B 299 -27.96 8.58 -29.06
C ASP B 299 -27.31 7.71 -30.13
N MET B 300 -26.00 7.49 -29.98
CA MET B 300 -25.22 6.70 -30.94
C MET B 300 -25.82 5.32 -31.19
N LEU B 301 -26.29 4.64 -30.14
CA LEU B 301 -26.78 3.27 -30.29
C LEU B 301 -28.26 3.14 -30.62
N LEU B 302 -28.99 4.26 -30.59
CA LEU B 302 -30.40 4.28 -30.98
C LEU B 302 -31.27 3.54 -29.97
N ILE B 303 -30.85 3.59 -28.70
CA ILE B 303 -31.55 2.87 -27.63
C ILE B 303 -32.14 3.83 -26.62
N THR B 304 -33.16 3.35 -25.91
CA THR B 304 -33.70 4.06 -24.76
C THR B 304 -32.75 3.80 -23.61
N ASN B 305 -33.13 4.23 -22.40
CA ASN B 305 -32.38 3.89 -21.19
C ASN B 305 -33.12 2.86 -20.37
N ASN B 306 -34.10 2.20 -20.99
CA ASN B 306 -34.88 1.18 -20.31
C ASN B 306 -34.49 -0.23 -20.74
N PRO B 307 -33.89 -0.99 -19.82
CA PRO B 307 -33.45 -2.36 -20.10
C PRO B 307 -34.58 -3.27 -20.58
N TYR B 308 -35.79 -3.09 -20.06
CA TYR B 308 -36.88 -4.02 -20.37
C TYR B 308 -37.35 -3.88 -21.81
N ASP B 309 -36.95 -2.78 -22.44
CA ASP B 309 -37.12 -2.59 -23.87
C ASP B 309 -36.29 -3.55 -24.71
N TYR B 310 -35.36 -4.28 -24.07
CA TYR B 310 -34.48 -5.20 -24.82
C TYR B 310 -34.60 -6.66 -24.34
N ALA B 311 -35.23 -7.48 -25.18
CA ALA B 311 -35.57 -8.87 -24.83
C ALA B 311 -34.37 -9.72 -24.40
N PHE B 312 -33.26 -9.58 -25.12
CA PHE B 312 -32.04 -10.33 -24.85
C PHE B 312 -31.48 -10.18 -23.43
N ILE B 313 -31.65 -9.00 -22.82
CA ILE B 313 -30.92 -8.63 -21.60
C ILE B 313 -31.76 -8.45 -20.34
N SER B 314 -33.07 -8.65 -20.46
CA SER B 314 -34.00 -8.32 -19.37
C SER B 314 -34.99 -9.42 -19.00
N GLN B 315 -34.56 -10.68 -19.14
CA GLN B 315 -35.40 -11.83 -18.74
C GLN B 315 -35.26 -12.15 -17.25
N GLY B 316 -34.24 -11.59 -16.61
CA GLY B 316 -34.06 -11.75 -15.16
C GLY B 316 -34.01 -10.43 -14.42
N GLU B 317 -32.94 -10.23 -13.64
CA GLU B 317 -32.70 -8.96 -12.96
C GLU B 317 -32.12 -7.95 -13.93
N THR B 318 -32.15 -6.69 -13.52
CA THR B 318 -31.73 -5.57 -14.35
C THR B 318 -30.81 -4.63 -13.54
N THR B 319 -30.93 -4.66 -12.21
CA THR B 319 -30.06 -3.90 -11.34
C THR B 319 -29.54 -4.75 -10.19
N VAL B 320 -28.44 -4.32 -9.59
CA VAL B 320 -27.83 -5.00 -8.48
C VAL B 320 -27.57 -3.98 -7.37
N ALA B 321 -28.06 -4.26 -6.17
CA ALA B 321 -27.92 -3.34 -5.05
C ALA B 321 -26.48 -2.86 -4.83
N SER B 322 -25.52 -3.76 -5.02
CA SER B 322 -24.13 -3.48 -4.70
C SER B 322 -23.32 -2.88 -5.86
N ILE B 323 -23.91 -2.79 -7.05
CA ILE B 323 -23.20 -2.24 -8.20
C ILE B 323 -23.81 -0.90 -8.64
N ASP B 324 -22.97 0.11 -8.86
CA ASP B 324 -23.43 1.34 -9.47
C ASP B 324 -23.00 1.36 -10.94
N ASP B 325 -23.96 1.06 -11.83
CA ASP B 325 -23.67 0.90 -13.25
C ASP B 325 -23.16 2.19 -13.89
N ALA B 326 -23.63 3.33 -13.40
CA ALA B 326 -23.17 4.64 -13.87
C ALA B 326 -21.68 4.85 -13.61
N GLU B 327 -21.24 4.60 -12.38
CA GLU B 327 -19.80 4.65 -12.06
C GLU B 327 -19.01 3.63 -12.87
N GLU B 328 -19.59 2.45 -13.07
CA GLU B 328 -18.86 1.39 -13.75
C GLU B 328 -18.69 1.68 -15.23
N LEU B 329 -19.70 2.30 -15.85
CA LEU B 329 -19.56 2.73 -17.23
C LEU B 329 -18.29 3.57 -17.41
N MET B 330 -18.15 4.61 -16.60
CA MET B 330 -16.97 5.46 -16.66
C MET B 330 -15.68 4.70 -16.40
N ALA B 331 -15.72 3.70 -15.52
CA ALA B 331 -14.53 2.90 -15.26
C ALA B 331 -14.19 2.11 -16.53
N THR B 332 -15.21 1.52 -17.16
CA THR B 332 -15.02 0.85 -18.43
C THR B 332 -14.49 1.81 -19.50
N ASP B 333 -15.16 2.95 -19.69
CA ASP B 333 -14.72 3.90 -20.72
C ASP B 333 -13.30 4.41 -20.45
N ASN B 334 -12.99 4.66 -19.18
CA ASN B 334 -11.65 5.05 -18.74
C ASN B 334 -10.59 4.00 -19.03
N ALA B 335 -10.92 2.76 -18.72
CA ALA B 335 -10.01 1.64 -18.91
C ALA B 335 -9.58 1.56 -20.38
N PHE B 336 -10.55 1.63 -21.29
CA PHE B 336 -10.28 1.70 -22.74
C PHE B 336 -9.38 2.89 -23.15
N ASP B 337 -9.54 4.02 -22.47
CA ASP B 337 -8.64 5.16 -22.73
C ASP B 337 -7.22 4.86 -22.28
N VAL B 338 -7.07 4.32 -21.07
CA VAL B 338 -5.72 4.03 -20.54
C VAL B 338 -5.05 2.98 -21.42
N LEU B 339 -5.84 2.02 -21.92
CA LEU B 339 -5.33 0.94 -22.76
C LEU B 339 -5.14 1.40 -24.20
N GLY B 340 -5.35 2.69 -24.43
CA GLY B 340 -5.01 3.31 -25.70
C GLY B 340 -5.88 2.94 -26.87
N PHE B 341 -7.11 2.49 -26.60
CA PHE B 341 -8.09 2.23 -27.66
C PHE B 341 -8.50 3.56 -28.31
N THR B 342 -8.59 3.59 -29.64
CA THR B 342 -9.02 4.80 -30.34
C THR B 342 -10.54 5.00 -30.21
N SER B 343 -10.99 6.22 -30.49
CA SER B 343 -12.41 6.52 -30.62
C SER B 343 -13.16 5.51 -31.47
N GLU B 344 -12.61 5.19 -32.64
CA GLU B 344 -13.26 4.34 -33.60
C GLU B 344 -13.36 2.91 -33.06
N GLU B 345 -12.34 2.49 -32.32
CA GLU B 345 -12.36 1.21 -31.61
C GLU B 345 -13.38 1.14 -30.47
N LYS B 346 -13.41 2.16 -29.62
CA LYS B 346 -14.36 2.18 -28.51
C LYS B 346 -15.78 2.16 -29.08
N ASN B 347 -16.09 3.17 -29.88
CA ASN B 347 -17.41 3.32 -30.50
C ASN B 347 -17.91 2.10 -31.26
N SER B 348 -16.98 1.36 -31.87
CA SER B 348 -17.31 0.14 -32.59
C SER B 348 -17.85 -0.90 -31.64
N MET B 349 -17.17 -1.06 -30.50
CA MET B 349 -17.61 -2.03 -29.50
C MET B 349 -18.94 -1.63 -28.89
N TYR B 350 -19.09 -0.33 -28.61
CA TYR B 350 -20.36 0.19 -28.11
C TYR B 350 -21.48 -0.08 -29.11
N LYS B 351 -21.16 0.11 -30.40
CA LYS B 351 -22.14 -0.03 -31.46
C LYS B 351 -22.61 -1.47 -31.64
N LEU B 352 -21.67 -2.42 -31.62
CA LEU B 352 -22.06 -3.83 -31.76
C LEU B 352 -22.81 -4.30 -30.54
N THR B 353 -22.46 -3.76 -29.37
CA THR B 353 -23.22 -4.08 -28.14
C THR B 353 -24.67 -3.59 -28.28
N GLY B 354 -24.84 -2.36 -28.74
CA GLY B 354 -26.17 -1.84 -29.09
C GLY B 354 -26.88 -2.61 -30.19
N ALA B 355 -26.13 -3.07 -31.18
CA ALA B 355 -26.73 -3.79 -32.30
C ALA B 355 -27.30 -5.12 -31.82
N ILE B 356 -26.61 -5.74 -30.86
CA ILE B 356 -27.10 -6.97 -30.22
C ILE B 356 -28.40 -6.73 -29.46
N MET B 357 -28.51 -5.59 -28.79
CA MET B 357 -29.72 -5.24 -28.07
C MET B 357 -30.94 -5.15 -29.00
N HIS B 358 -30.76 -4.53 -30.16
CA HIS B 358 -31.84 -4.43 -31.14
C HIS B 358 -32.10 -5.76 -31.81
N PHE B 359 -31.06 -6.54 -32.02
CA PHE B 359 -31.18 -7.80 -32.73
C PHE B 359 -32.24 -8.69 -32.06
N GLY B 360 -32.20 -8.73 -30.73
CA GLY B 360 -33.12 -9.54 -29.94
C GLY B 360 -34.55 -9.06 -29.89
N ASN B 361 -34.81 -7.88 -30.47
CA ASN B 361 -36.15 -7.31 -30.52
C ASN B 361 -36.89 -7.51 -31.82
N MET B 362 -36.26 -8.20 -32.77
CA MET B 362 -36.88 -8.48 -34.06
C MET B 362 -37.94 -9.54 -33.87
N LYS B 363 -39.16 -9.26 -34.31
CA LYS B 363 -40.26 -10.22 -34.20
C LYS B 363 -40.53 -10.80 -35.59
N PHE B 364 -41.11 -12.00 -35.60
CA PHE B 364 -41.41 -12.68 -36.84
C PHE B 364 -42.79 -13.32 -36.76
N LYS B 365 -43.45 -13.36 -37.93
CA LYS B 365 -44.79 -13.91 -38.10
C LYS B 365 -44.74 -15.12 -39.01
N LEU B 366 -45.63 -16.09 -38.79
CA LEU B 366 -45.92 -17.09 -39.80
C LEU B 366 -46.75 -16.42 -40.88
N LYS B 367 -46.37 -16.64 -42.14
CA LYS B 367 -47.16 -16.13 -43.27
C LYS B 367 -48.56 -16.75 -43.34
N GLN B 368 -49.47 -16.04 -44.00
CA GLN B 368 -50.91 -16.35 -44.00
C GLN B 368 -51.26 -17.83 -44.06
N ARG B 369 -51.03 -18.48 -45.19
CA ARG B 369 -51.34 -19.90 -45.37
C ARG B 369 -50.07 -20.72 -45.71
N GLU B 370 -49.01 -20.37 -45.02
CA GLU B 370 -47.68 -20.95 -45.21
C GLU B 370 -47.07 -21.16 -43.82
N GLU B 371 -46.14 -22.10 -43.72
CA GLU B 371 -45.43 -22.34 -42.46
C GLU B 371 -44.07 -21.65 -42.47
N GLN B 372 -44.00 -20.53 -43.20
CA GLN B 372 -42.78 -19.78 -43.38
C GLN B 372 -42.85 -18.46 -42.63
N ALA B 373 -41.77 -18.15 -41.92
CA ALA B 373 -41.68 -16.93 -41.14
C ALA B 373 -41.47 -15.73 -42.05
N GLU B 374 -41.79 -14.57 -41.49
CA GLU B 374 -41.89 -13.30 -42.19
C GLU B 374 -41.65 -12.23 -41.13
N PRO B 375 -40.98 -11.12 -41.48
CA PRO B 375 -40.78 -10.06 -40.46
C PRO B 375 -42.12 -9.51 -39.93
N ASP B 376 -42.11 -9.01 -38.70
CA ASP B 376 -43.29 -8.44 -38.06
C ASP B 376 -42.93 -7.10 -37.41
N GLY B 377 -43.10 -6.02 -38.16
CA GLY B 377 -42.45 -4.74 -37.84
C GLY B 377 -41.00 -4.87 -38.25
N THR B 378 -40.31 -3.74 -38.43
CA THR B 378 -38.89 -3.76 -38.84
C THR B 378 -38.04 -2.62 -38.27
N GLU B 379 -38.62 -1.83 -37.36
CA GLU B 379 -37.89 -0.72 -36.75
C GLU B 379 -36.59 -1.24 -36.14
N GLU B 380 -36.69 -2.32 -35.37
CA GLU B 380 -35.54 -2.86 -34.63
C GLU B 380 -34.46 -3.45 -35.53
N ALA B 381 -34.87 -4.15 -36.58
CA ALA B 381 -33.96 -4.64 -37.61
C ALA B 381 -33.20 -3.50 -38.28
N ASP B 382 -33.89 -2.38 -38.54
CA ASP B 382 -33.28 -1.17 -39.13
C ASP B 382 -32.14 -0.63 -38.28
N LYS B 383 -32.41 -0.46 -36.99
CA LYS B 383 -31.43 0.06 -36.04
C LYS B 383 -30.26 -0.89 -35.95
N SER B 384 -30.57 -2.18 -35.91
CA SER B 384 -29.57 -3.24 -35.79
C SER B 384 -28.66 -3.27 -37.02
N ALA B 385 -29.28 -3.30 -38.20
CA ALA B 385 -28.56 -3.24 -39.48
C ALA B 385 -27.69 -2.00 -39.61
N TYR B 386 -28.18 -0.86 -39.13
CA TYR B 386 -27.46 0.41 -39.30
C TYR B 386 -26.17 0.42 -38.48
N LEU B 387 -26.23 -0.06 -37.25
CA LEU B 387 -25.03 -0.16 -36.41
C LEU B 387 -24.08 -1.25 -36.91
N MET B 388 -24.61 -2.36 -37.38
CA MET B 388 -23.79 -3.42 -37.98
C MET B 388 -23.30 -3.08 -39.39
N GLY B 389 -23.73 -1.94 -39.92
CA GLY B 389 -23.38 -1.51 -41.27
C GLY B 389 -23.83 -2.51 -42.34
N LEU B 390 -25.09 -2.92 -42.30
CA LEU B 390 -25.63 -3.88 -43.24
C LEU B 390 -26.90 -3.33 -43.87
N ASN B 391 -27.37 -3.97 -44.93
CA ASN B 391 -28.65 -3.64 -45.50
C ASN B 391 -29.76 -4.37 -44.73
N SER B 392 -30.69 -3.58 -44.23
CA SER B 392 -31.82 -4.07 -43.46
C SER B 392 -32.60 -5.23 -44.11
N ALA B 393 -32.95 -5.05 -45.39
CA ALA B 393 -33.71 -6.06 -46.13
C ALA B 393 -32.88 -7.31 -46.38
N ASP B 394 -31.63 -7.12 -46.77
CA ASP B 394 -30.69 -8.23 -46.98
C ASP B 394 -30.64 -9.14 -45.76
N LEU B 395 -30.58 -8.52 -44.59
CA LEU B 395 -30.46 -9.20 -43.31
C LEU B 395 -31.68 -10.06 -43.04
N LEU B 396 -32.85 -9.46 -43.15
CA LEU B 396 -34.11 -10.13 -42.87
C LEU B 396 -34.40 -11.23 -43.89
N LYS B 397 -34.15 -10.95 -45.16
CA LYS B 397 -34.27 -11.97 -46.20
C LYS B 397 -33.30 -13.12 -45.91
N GLY B 398 -32.13 -12.78 -45.37
CA GLY B 398 -31.10 -13.77 -45.04
C GLY B 398 -31.49 -14.69 -43.91
N LEU B 399 -32.18 -14.13 -42.92
CA LEU B 399 -32.67 -14.91 -41.79
C LEU B 399 -33.83 -15.78 -42.21
N CYS B 400 -34.71 -15.23 -43.04
CA CYS B 400 -35.92 -15.95 -43.44
C CYS B 400 -35.66 -17.00 -44.52
N HIS B 401 -34.66 -16.76 -45.37
CA HIS B 401 -34.38 -17.64 -46.49
C HIS B 401 -32.87 -17.87 -46.67
N PRO B 402 -32.25 -18.64 -45.76
CA PRO B 402 -30.79 -18.88 -45.84
C PRO B 402 -30.36 -19.79 -46.99
N ARG B 403 -29.15 -19.59 -47.51
CA ARG B 403 -28.58 -20.51 -48.51
C ARG B 403 -27.74 -21.59 -47.84
N TYR B 410 -26.27 -22.05 -54.26
CA TYR B 410 -26.69 -23.24 -53.53
C TYR B 410 -28.21 -23.41 -53.65
N VAL B 411 -28.86 -23.72 -52.53
CA VAL B 411 -30.33 -23.83 -52.46
C VAL B 411 -30.89 -23.05 -51.26
N THR B 412 -32.10 -22.50 -51.43
CA THR B 412 -32.80 -21.74 -50.38
C THR B 412 -33.56 -22.68 -49.44
N LYS B 413 -33.46 -22.43 -48.14
CA LYS B 413 -34.17 -23.21 -47.14
C LYS B 413 -35.23 -22.35 -46.43
N GLY B 414 -36.43 -22.91 -46.28
CA GLY B 414 -37.50 -22.26 -45.50
C GLY B 414 -37.21 -22.24 -44.01
N GLN B 415 -37.87 -21.33 -43.29
CA GLN B 415 -37.71 -21.21 -41.85
C GLN B 415 -39.03 -20.83 -41.18
N ASN B 416 -39.40 -21.55 -40.11
CA ASN B 416 -40.51 -21.12 -39.26
C ASN B 416 -40.00 -20.09 -38.25
N VAL B 417 -40.92 -19.50 -37.48
CA VAL B 417 -40.58 -18.48 -36.50
C VAL B 417 -39.59 -19.01 -35.49
N GLN B 418 -39.81 -20.25 -35.01
CA GLN B 418 -38.88 -20.88 -34.06
C GLN B 418 -37.47 -20.94 -34.66
N GLN B 419 -37.39 -21.36 -35.91
CA GLN B 419 -36.12 -21.47 -36.60
C GLN B 419 -35.40 -20.13 -36.79
N VAL B 420 -36.15 -19.08 -37.10
CA VAL B 420 -35.55 -17.74 -37.19
C VAL B 420 -35.10 -17.29 -35.82
N ILE B 421 -36.00 -17.33 -34.84
CA ILE B 421 -35.64 -16.95 -33.46
C ILE B 421 -34.30 -17.59 -33.04
N TYR B 422 -34.19 -18.90 -33.22
CA TYR B 422 -32.98 -19.63 -32.86
C TYR B 422 -31.75 -19.08 -33.58
N ALA B 423 -31.87 -18.87 -34.89
CA ALA B 423 -30.75 -18.41 -35.70
C ALA B 423 -30.26 -17.00 -35.31
N THR B 424 -31.17 -16.13 -34.89
CA THR B 424 -30.77 -14.78 -34.48
C THR B 424 -29.97 -14.87 -33.16
N GLY B 425 -30.43 -15.73 -32.25
CA GLY B 425 -29.77 -15.96 -30.98
C GLY B 425 -28.35 -16.48 -31.14
N ALA B 426 -28.18 -17.46 -32.04
CA ALA B 426 -26.85 -17.99 -32.36
C ALA B 426 -25.96 -16.92 -32.97
N LEU B 427 -26.52 -16.12 -33.87
CA LEU B 427 -25.77 -15.06 -34.50
C LEU B 427 -25.32 -14.02 -33.47
N ALA B 428 -26.25 -13.63 -32.59
CA ALA B 428 -25.98 -12.65 -31.53
C ALA B 428 -24.87 -13.12 -30.58
N LYS B 429 -24.92 -14.39 -30.20
CA LYS B 429 -23.96 -14.98 -29.28
C LYS B 429 -22.55 -15.06 -29.86
N ALA B 430 -22.48 -15.37 -31.15
CA ALA B 430 -21.21 -15.49 -31.86
C ALA B 430 -20.58 -14.12 -32.04
N VAL B 431 -21.38 -13.12 -32.41
CA VAL B 431 -20.90 -11.75 -32.60
C VAL B 431 -20.28 -11.25 -31.31
N TYR B 432 -20.95 -11.55 -30.20
CA TYR B 432 -20.49 -11.08 -28.90
C TYR B 432 -19.18 -11.74 -28.51
N GLU B 433 -19.10 -13.06 -28.64
CA GLU B 433 -17.94 -13.79 -28.23
C GLU B 433 -16.72 -13.33 -29.03
N ARG B 434 -16.89 -13.25 -30.35
CA ARG B 434 -15.83 -12.77 -31.22
C ARG B 434 -15.41 -11.35 -30.85
N MET B 435 -16.38 -10.50 -30.50
CA MET B 435 -16.05 -9.16 -30.02
C MET B 435 -15.17 -9.20 -28.76
N PHE B 436 -15.54 -10.09 -27.83
CA PHE B 436 -14.79 -10.30 -26.60
C PHE B 436 -13.37 -10.72 -26.90
N ASN B 437 -13.21 -11.73 -27.76
CA ASN B 437 -11.90 -12.25 -28.15
C ASN B 437 -11.04 -11.20 -28.84
N TRP B 438 -11.66 -10.41 -29.72
CA TRP B 438 -10.98 -9.31 -30.38
C TRP B 438 -10.55 -8.27 -29.33
N MET B 439 -11.42 -7.99 -28.36
CA MET B 439 -11.07 -7.06 -27.30
C MET B 439 -9.80 -7.52 -26.54
N VAL B 440 -9.77 -8.79 -26.15
CA VAL B 440 -8.62 -9.36 -25.45
C VAL B 440 -7.35 -9.23 -26.30
N THR B 441 -7.45 -9.66 -27.55
CA THR B 441 -6.36 -9.56 -28.50
C THR B 441 -5.89 -8.13 -28.59
N ARG B 442 -6.82 -7.19 -28.58
CA ARG B 442 -6.48 -5.79 -28.65
C ARG B 442 -5.72 -5.27 -27.40
N ILE B 443 -6.16 -5.70 -26.21
CA ILE B 443 -5.44 -5.47 -24.95
C ILE B 443 -4.00 -6.00 -25.03
N ASN B 444 -3.88 -7.24 -25.53
CA ASN B 444 -2.59 -7.88 -25.65
C ASN B 444 -1.64 -7.05 -26.49
N ALA B 445 -2.19 -6.37 -27.50
CA ALA B 445 -1.40 -5.51 -28.38
C ALA B 445 -0.88 -4.32 -27.59
N THR B 446 -1.71 -3.75 -26.73
CA THR B 446 -1.27 -2.68 -25.84
C THR B 446 -0.20 -3.19 -24.90
N LEU B 447 -0.45 -4.34 -24.27
CA LEU B 447 0.45 -4.85 -23.25
C LEU B 447 1.71 -5.51 -23.82
N GLU B 448 1.81 -5.58 -25.16
CA GLU B 448 3.06 -5.97 -25.85
C GLU B 448 4.00 -4.78 -25.81
N THR B 449 5.27 -5.01 -25.48
CA THR B 449 6.25 -3.91 -25.46
C THR B 449 7.56 -4.34 -26.08
N LYS B 450 8.45 -3.39 -26.29
CA LYS B 450 9.81 -3.71 -26.78
C LYS B 450 10.75 -4.09 -25.63
N GLN B 451 10.24 -4.07 -24.39
CA GLN B 451 11.07 -4.44 -23.23
C GLN B 451 11.52 -5.89 -23.35
N PRO B 452 12.83 -6.12 -23.15
CA PRO B 452 13.39 -7.46 -23.09
C PRO B 452 12.90 -8.14 -21.83
N ARG B 453 12.62 -9.44 -21.91
CA ARG B 453 12.19 -10.21 -20.76
C ARG B 453 12.82 -11.62 -20.71
N GLN B 454 12.98 -12.15 -19.50
CA GLN B 454 13.58 -13.48 -19.27
C GLN B 454 12.54 -14.47 -18.73
N TYR B 455 11.63 -13.99 -17.87
CA TYR B 455 10.71 -14.86 -17.12
C TYR B 455 9.29 -14.34 -17.14
N PHE B 456 8.37 -15.16 -16.65
CA PHE B 456 7.01 -14.69 -16.40
C PHE B 456 6.46 -15.28 -15.10
N ILE B 457 5.49 -14.59 -14.53
CA ILE B 457 4.68 -15.16 -13.48
C ILE B 457 3.26 -15.24 -14.02
N GLY B 458 2.75 -16.46 -14.14
CA GLY B 458 1.43 -16.70 -14.70
C GLY B 458 0.40 -16.84 -13.59
N VAL B 459 -0.63 -15.99 -13.63
CA VAL B 459 -1.69 -16.05 -12.63
C VAL B 459 -2.94 -16.59 -13.30
N LEU B 460 -3.35 -17.79 -12.88
CA LEU B 460 -4.56 -18.43 -13.36
C LEU B 460 -5.69 -18.21 -12.36
N ASP B 461 -6.79 -17.66 -12.85
CA ASP B 461 -8.00 -17.37 -12.10
C ASP B 461 -9.14 -18.06 -12.86
N ILE B 462 -9.59 -19.20 -12.36
CA ILE B 462 -10.60 -20.03 -13.05
C ILE B 462 -11.41 -20.88 -12.05
N ALA B 463 -12.66 -21.22 -12.38
CA ALA B 463 -13.49 -22.04 -11.48
C ALA B 463 -12.90 -23.43 -11.29
N GLY B 464 -13.05 -23.96 -10.08
CA GLY B 464 -12.60 -25.33 -9.77
C GLY B 464 -13.68 -26.32 -10.14
N PHE B 465 -13.57 -27.55 -9.65
CA PHE B 465 -14.58 -28.56 -9.97
C PHE B 465 -15.97 -28.02 -9.71
N GLU B 466 -16.86 -28.25 -10.67
CA GLU B 466 -18.27 -27.87 -10.56
C GLU B 466 -19.11 -29.14 -10.48
N ILE B 467 -19.72 -29.37 -9.32
CA ILE B 467 -20.76 -30.39 -9.18
C ILE B 467 -22.09 -29.76 -8.80
N PHE B 468 -22.99 -29.65 -9.78
CA PHE B 468 -24.31 -29.03 -9.59
C PHE B 468 -25.42 -30.05 -9.72
N ASP B 469 -26.65 -29.63 -9.43
CA ASP B 469 -27.84 -30.46 -9.65
C ASP B 469 -28.03 -30.77 -11.13
N PHE B 470 -27.54 -29.87 -11.99
CA PHE B 470 -27.55 -30.07 -13.44
C PHE B 470 -26.15 -29.90 -14.00
N ASN B 471 -25.58 -30.99 -14.53
CA ASN B 471 -24.25 -30.96 -15.11
C ASN B 471 -24.26 -31.30 -16.60
N SER B 472 -23.75 -30.35 -17.38
CA SER B 472 -23.78 -30.50 -18.82
C SER B 472 -22.39 -30.32 -19.40
N PHE B 473 -22.31 -30.25 -20.72
CA PHE B 473 -21.05 -30.09 -21.45
C PHE B 473 -20.10 -28.99 -20.89
N GLU B 474 -20.68 -27.84 -20.54
CA GLU B 474 -19.94 -26.76 -19.90
C GLU B 474 -19.19 -27.29 -18.67
N GLN B 475 -19.92 -27.98 -17.80
CA GLN B 475 -19.35 -28.61 -16.62
C GLN B 475 -18.25 -29.61 -16.94
N LEU B 476 -18.47 -30.47 -17.93
CA LEU B 476 -17.41 -31.40 -18.37
C LEU B 476 -16.15 -30.66 -18.75
N CYS B 477 -16.29 -29.56 -19.48
CA CYS B 477 -15.14 -28.74 -19.88
C CYS B 477 -14.31 -28.24 -18.71
N ILE B 478 -14.93 -27.59 -17.70
CA ILE B 478 -14.14 -27.09 -16.56
C ILE B 478 -13.62 -28.22 -15.69
N ASN B 479 -14.44 -29.27 -15.51
CA ASN B 479 -14.06 -30.40 -14.69
C ASN B 479 -12.88 -31.15 -15.29
N PHE B 480 -12.86 -31.25 -16.61
CA PHE B 480 -11.72 -31.82 -17.31
C PHE B 480 -10.47 -30.98 -17.05
N THR B 481 -10.58 -29.66 -17.20
CA THR B 481 -9.47 -28.75 -16.93
C THR B 481 -8.91 -28.95 -15.52
N ASN B 482 -9.80 -28.95 -14.53
CA ASN B 482 -9.42 -29.17 -13.14
C ASN B 482 -8.78 -30.54 -12.87
N GLU B 483 -9.21 -31.57 -13.59
CA GLU B 483 -8.51 -32.86 -13.57
C GLU B 483 -7.02 -32.66 -13.87
N LYS B 484 -6.73 -31.99 -14.98
CA LYS B 484 -5.34 -31.72 -15.39
C LYS B 484 -4.62 -30.84 -14.36
N LEU B 485 -5.34 -29.89 -13.78
CA LEU B 485 -4.78 -29.06 -12.73
C LEU B 485 -4.41 -29.87 -11.48
N GLN B 486 -5.31 -30.74 -11.03
CA GLN B 486 -4.99 -31.60 -9.89
C GLN B 486 -3.81 -32.52 -10.19
N GLN B 487 -3.83 -33.16 -11.36
CA GLN B 487 -2.74 -34.03 -11.75
C GLN B 487 -1.43 -33.27 -11.74
N PHE B 488 -1.49 -32.02 -12.18
CA PHE B 488 -0.34 -31.12 -12.18
C PHE B 488 0.17 -30.87 -10.75
N PHE B 489 -0.77 -30.64 -9.83
CA PHE B 489 -0.43 -30.51 -8.43
C PHE B 489 0.16 -31.79 -7.87
N ASN B 490 -0.55 -32.90 -8.06
CA ASN B 490 -0.10 -34.21 -7.56
C ASN B 490 1.29 -34.52 -8.05
N HIS B 491 1.53 -34.26 -9.32
CA HIS B 491 2.82 -34.54 -9.94
C HIS B 491 3.92 -33.70 -9.30
N HIS B 492 3.64 -32.41 -9.12
CA HIS B 492 4.59 -31.49 -8.48
C HIS B 492 4.94 -31.94 -7.06
N MET B 493 3.95 -32.48 -6.35
CA MET B 493 4.15 -32.99 -5.01
C MET B 493 5.12 -34.17 -5.05
N PHE B 494 4.89 -35.05 -6.00
CA PHE B 494 5.75 -36.21 -6.24
C PHE B 494 7.21 -35.79 -6.48
N VAL B 495 7.39 -34.79 -7.35
CA VAL B 495 8.73 -34.29 -7.70
C VAL B 495 9.44 -33.65 -6.49
N LEU B 496 8.74 -32.79 -5.75
CA LEU B 496 9.30 -32.18 -4.53
C LEU B 496 9.71 -33.23 -3.51
N GLU B 497 8.86 -34.24 -3.32
CA GLU B 497 9.11 -35.31 -2.36
C GLU B 497 10.26 -36.22 -2.79
N GLN B 498 10.44 -36.35 -4.10
CA GLN B 498 11.54 -37.13 -4.67
C GLN B 498 12.89 -36.44 -4.49
N GLU B 499 12.90 -35.11 -4.67
CA GLU B 499 14.12 -34.33 -4.53
C GLU B 499 14.54 -34.08 -3.06
N GLU B 500 13.57 -34.12 -2.14
CA GLU B 500 13.86 -33.99 -0.71
C GLU B 500 14.40 -35.30 -0.12
N TYR B 501 13.88 -36.42 -0.60
CA TYR B 501 14.36 -37.75 -0.21
C TYR B 501 15.75 -38.05 -0.78
N LYS B 502 15.89 -37.86 -2.09
CA LYS B 502 17.12 -38.19 -2.82
C LYS B 502 18.33 -37.35 -2.36
N LYS B 503 18.12 -36.06 -2.15
CA LYS B 503 19.18 -35.18 -1.64
C LYS B 503 19.56 -35.47 -0.17
N GLU B 504 18.69 -36.18 0.54
CA GLU B 504 18.96 -36.56 1.92
C GLU B 504 19.46 -38.02 2.00
N GLY B 505 19.01 -38.86 1.06
CA GLY B 505 19.57 -40.20 0.89
C GLY B 505 18.68 -41.38 1.22
N ILE B 506 17.37 -41.18 1.27
CA ILE B 506 16.42 -42.25 1.61
C ILE B 506 15.85 -42.93 0.36
N GLU B 507 16.26 -44.18 0.15
CA GLU B 507 15.80 -44.98 -0.99
C GLU B 507 14.32 -45.35 -0.83
N TRP B 508 13.47 -44.82 -1.72
CA TRP B 508 12.02 -45.01 -1.57
C TRP B 508 11.27 -45.33 -2.87
N THR B 509 10.24 -46.17 -2.76
CA THR B 509 9.55 -46.75 -3.91
C THR B 509 8.20 -46.08 -4.21
N PHE B 510 8.18 -44.74 -4.19
CA PHE B 510 6.94 -43.98 -4.52
C PHE B 510 6.56 -44.04 -6.00
N ILE B 511 5.27 -44.27 -6.27
CA ILE B 511 4.72 -44.10 -7.62
C ILE B 511 4.28 -42.64 -7.79
N ASP B 512 4.23 -42.17 -9.03
CA ASP B 512 3.78 -40.80 -9.33
C ASP B 512 2.29 -40.62 -9.02
N PHE B 513 1.99 -39.72 -8.09
CA PHE B 513 0.60 -39.46 -7.69
C PHE B 513 -0.26 -38.83 -8.77
N GLY B 514 0.39 -38.26 -9.79
CA GLY B 514 -0.31 -37.78 -10.96
C GLY B 514 -1.10 -38.86 -11.67
N MET B 515 -0.65 -40.10 -11.55
CA MET B 515 -1.24 -41.21 -12.29
C MET B 515 -2.64 -41.60 -11.82
N ASP B 516 -2.97 -41.23 -10.58
CA ASP B 516 -4.30 -41.49 -10.02
C ASP B 516 -5.40 -40.73 -10.75
N LEU B 517 -5.02 -39.75 -11.56
CA LEU B 517 -5.99 -38.96 -12.32
C LEU B 517 -5.99 -39.33 -13.79
N GLN B 518 -4.97 -40.07 -14.21
CA GLN B 518 -4.76 -40.45 -15.59
C GLN B 518 -5.94 -41.19 -16.23
N ALA B 519 -6.57 -42.08 -15.47
CA ALA B 519 -7.66 -42.91 -16.02
C ALA B 519 -8.85 -42.04 -16.47
N CYS B 520 -9.25 -41.11 -15.61
CA CYS B 520 -10.31 -40.18 -15.93
C CYS B 520 -9.94 -39.28 -17.10
N ILE B 521 -8.75 -38.78 -17.10
CA ILE B 521 -8.22 -37.95 -18.17
C ILE B 521 -8.30 -38.68 -19.52
N ASP B 522 -7.70 -39.87 -19.62
CA ASP B 522 -7.78 -40.70 -20.84
C ASP B 522 -9.20 -40.86 -21.38
N LEU B 523 -10.14 -41.07 -20.46
CA LEU B 523 -11.55 -41.28 -20.80
C LEU B 523 -12.12 -40.08 -21.52
N ILE B 524 -11.74 -38.90 -21.06
CA ILE B 524 -12.17 -37.66 -21.65
C ILE B 524 -11.31 -37.34 -22.88
N GLU B 525 -10.01 -37.65 -22.79
CA GLU B 525 -8.97 -37.05 -23.62
C GLU B 525 -8.55 -37.85 -24.85
N LYS B 526 -8.39 -39.17 -24.69
CA LYS B 526 -7.80 -39.99 -25.75
C LYS B 526 -8.70 -40.15 -26.96
N PRO B 527 -8.12 -40.57 -28.10
CA PRO B 527 -8.95 -40.96 -29.24
C PRO B 527 -9.91 -42.09 -28.87
N MET B 528 -11.16 -41.96 -29.33
CA MET B 528 -12.29 -42.81 -28.92
C MET B 528 -12.78 -42.53 -27.50
N GLY B 529 -12.25 -41.48 -26.87
CA GLY B 529 -12.74 -41.01 -25.58
C GLY B 529 -13.95 -40.12 -25.78
N ILE B 530 -14.48 -39.58 -24.67
CA ILE B 530 -15.70 -38.77 -24.70
C ILE B 530 -15.67 -37.61 -25.70
N MET B 531 -14.66 -36.74 -25.62
CA MET B 531 -14.53 -35.65 -26.58
C MET B 531 -14.37 -36.16 -28.01
N SER B 532 -13.56 -37.19 -28.15
CA SER B 532 -13.19 -37.74 -29.44
C SER B 532 -14.42 -38.28 -30.19
N ILE B 533 -15.24 -39.05 -29.47
CA ILE B 533 -16.54 -39.53 -29.93
C ILE B 533 -17.47 -38.35 -30.29
N LEU B 534 -17.52 -37.36 -29.42
CA LEU B 534 -18.31 -36.15 -29.67
C LEU B 534 -17.91 -35.45 -30.97
N GLU B 535 -16.59 -35.32 -31.21
CA GLU B 535 -16.09 -34.70 -32.43
C GLU B 535 -16.39 -35.55 -33.66
N GLU B 536 -16.33 -36.86 -33.50
CA GLU B 536 -16.75 -37.79 -34.54
C GLU B 536 -18.23 -37.58 -34.90
N GLU B 537 -19.08 -37.54 -33.87
CA GLU B 537 -20.54 -37.39 -34.06
C GLU B 537 -20.92 -36.08 -34.73
N CYS B 538 -20.21 -35.02 -34.36
CA CYS B 538 -20.42 -33.73 -34.96
C CYS B 538 -20.20 -33.72 -36.48
N MET B 539 -19.34 -34.61 -36.97
CA MET B 539 -19.05 -34.76 -38.40
C MET B 539 -20.18 -35.46 -39.17
N PHE B 540 -21.08 -36.16 -38.47
CA PHE B 540 -22.24 -36.81 -39.11
C PHE B 540 -23.56 -36.04 -38.89
N PRO B 541 -24.20 -35.59 -39.98
CA PRO B 541 -25.41 -34.75 -39.88
C PRO B 541 -26.70 -35.49 -39.48
N LYS B 542 -26.73 -36.80 -39.71
CA LYS B 542 -27.85 -37.65 -39.27
C LYS B 542 -27.77 -38.02 -37.77
N ALA B 543 -26.79 -37.45 -37.06
CA ALA B 543 -26.56 -37.81 -35.67
C ALA B 543 -27.44 -37.07 -34.68
N THR B 544 -27.80 -37.74 -33.59
CA THR B 544 -28.67 -37.18 -32.54
C THR B 544 -28.07 -37.35 -31.14
N ASP B 545 -28.66 -36.66 -30.16
CA ASP B 545 -28.33 -36.85 -28.74
C ASP B 545 -28.29 -38.34 -28.34
N MET B 546 -29.25 -39.11 -28.82
CA MET B 546 -29.35 -40.53 -28.45
C MET B 546 -28.33 -41.40 -29.19
N THR B 547 -27.91 -40.96 -30.37
CA THR B 547 -26.88 -41.67 -31.11
C THR B 547 -25.50 -41.41 -30.47
N PHE B 548 -25.34 -40.21 -29.89
CA PHE B 548 -24.16 -39.87 -29.11
C PHE B 548 -24.15 -40.70 -27.81
N LYS B 549 -25.26 -40.68 -27.08
CA LYS B 549 -25.38 -41.43 -25.84
C LYS B 549 -25.00 -42.90 -26.03
N ALA B 550 -25.53 -43.51 -27.09
CA ALA B 550 -25.32 -44.92 -27.37
C ALA B 550 -23.87 -45.23 -27.69
N LYS B 551 -23.20 -44.34 -28.43
CA LYS B 551 -21.77 -44.51 -28.72
C LYS B 551 -20.91 -44.47 -27.45
N LEU B 552 -21.17 -43.50 -26.57
CA LEU B 552 -20.48 -43.42 -25.28
C LEU B 552 -20.68 -44.72 -24.48
N PHE B 553 -21.93 -45.13 -24.34
CA PHE B 553 -22.24 -46.34 -23.59
C PHE B 553 -21.62 -47.58 -24.21
N ASP B 554 -21.85 -47.78 -25.51
CA ASP B 554 -21.27 -48.90 -26.25
C ASP B 554 -19.76 -49.00 -26.15
N ASN B 555 -19.09 -47.85 -26.14
CA ASN B 555 -17.62 -47.79 -26.10
C ASN B 555 -16.95 -47.73 -24.73
N HIS B 556 -17.69 -47.43 -23.67
CA HIS B 556 -17.05 -47.16 -22.38
C HIS B 556 -17.64 -47.80 -21.13
N LEU B 557 -18.94 -48.09 -21.13
CA LEU B 557 -19.52 -48.77 -19.96
C LEU B 557 -18.90 -50.15 -19.81
N GLY B 558 -18.52 -50.50 -18.59
CA GLY B 558 -17.71 -51.69 -18.31
C GLY B 558 -16.25 -51.42 -18.61
N LYS B 559 -15.93 -51.34 -19.92
CA LYS B 559 -14.58 -51.08 -20.42
C LYS B 559 -13.76 -50.02 -19.67
N SER B 560 -14.27 -48.80 -19.57
CA SER B 560 -13.61 -47.71 -18.83
C SER B 560 -14.32 -47.54 -17.49
N ALA B 561 -13.61 -47.82 -16.40
CA ALA B 561 -14.19 -47.83 -15.04
C ALA B 561 -14.66 -46.46 -14.55
N ASN B 562 -14.12 -45.41 -15.15
CA ASN B 562 -14.49 -44.04 -14.81
C ASN B 562 -15.80 -43.60 -15.46
N PHE B 563 -16.31 -44.43 -16.37
CA PHE B 563 -17.62 -44.22 -17.01
C PHE B 563 -18.63 -45.18 -16.37
N GLN B 564 -19.68 -44.62 -15.78
CA GLN B 564 -20.70 -45.41 -15.09
C GLN B 564 -22.11 -45.00 -15.48
N LYS B 565 -23.09 -45.84 -15.14
CA LYS B 565 -24.50 -45.50 -15.30
C LYS B 565 -24.82 -44.26 -14.45
N PRO B 566 -25.82 -43.46 -14.87
CA PRO B 566 -26.15 -42.34 -14.01
C PRO B 566 -26.94 -42.79 -12.78
N ARG B 567 -26.88 -41.99 -11.73
CA ARG B 567 -27.67 -42.20 -10.52
C ARG B 567 -28.84 -41.22 -10.59
N ASN B 568 -30.04 -41.73 -10.76
CA ASN B 568 -31.19 -40.85 -10.92
C ASN B 568 -32.17 -40.94 -9.75
N ILE B 569 -32.32 -39.82 -9.04
CA ILE B 569 -33.36 -39.65 -8.04
C ILE B 569 -34.48 -38.77 -8.61
N LYS B 570 -35.72 -39.01 -8.18
CA LYS B 570 -36.85 -38.13 -8.51
C LYS B 570 -36.65 -36.77 -7.86
N GLY B 571 -37.22 -35.73 -8.47
CA GLY B 571 -36.94 -34.36 -8.06
C GLY B 571 -35.72 -33.86 -8.81
N LYS B 572 -34.56 -34.42 -8.46
CA LYS B 572 -33.30 -34.15 -9.16
C LYS B 572 -33.42 -34.41 -10.68
N PRO B 573 -32.86 -33.49 -11.49
CA PRO B 573 -32.95 -33.59 -12.95
C PRO B 573 -32.35 -34.88 -13.48
N GLU B 574 -32.71 -35.22 -14.72
CA GLU B 574 -32.26 -36.45 -15.36
C GLU B 574 -30.84 -36.31 -15.92
N ALA B 575 -30.03 -37.35 -15.73
CA ALA B 575 -28.69 -37.43 -16.31
C ALA B 575 -28.54 -38.73 -17.08
N HIS B 576 -27.63 -38.73 -18.07
CA HIS B 576 -27.46 -39.89 -18.92
C HIS B 576 -26.24 -40.76 -18.61
N PHE B 577 -25.19 -40.20 -18.00
CA PHE B 577 -24.09 -41.02 -17.51
C PHE B 577 -23.42 -40.45 -16.27
N SER B 578 -22.41 -41.15 -15.78
CA SER B 578 -21.73 -40.79 -14.55
C SER B 578 -20.23 -40.84 -14.79
N LEU B 579 -19.53 -39.75 -14.48
CA LEU B 579 -18.08 -39.73 -14.53
C LEU B 579 -17.52 -39.75 -13.13
N ILE B 580 -16.65 -40.71 -12.85
CA ILE B 580 -15.93 -40.70 -11.59
C ILE B 580 -14.73 -39.79 -11.76
N HIS B 581 -14.79 -38.64 -11.08
CA HIS B 581 -13.73 -37.65 -11.16
C HIS B 581 -12.88 -37.77 -9.91
N TYR B 582 -11.76 -37.06 -9.90
CA TYR B 582 -10.97 -36.85 -8.70
C TYR B 582 -11.86 -36.35 -7.55
N ALA B 583 -12.75 -35.41 -7.89
CA ALA B 583 -13.56 -34.70 -6.91
C ALA B 583 -14.80 -35.48 -6.49
N GLY B 584 -15.09 -36.58 -7.19
CA GLY B 584 -16.24 -37.42 -6.89
C GLY B 584 -17.11 -37.74 -8.09
N ILE B 585 -18.22 -38.46 -7.84
CA ILE B 585 -19.12 -38.91 -8.90
C ILE B 585 -19.97 -37.73 -9.37
N VAL B 586 -19.90 -37.45 -10.67
CA VAL B 586 -20.67 -36.36 -11.28
C VAL B 586 -21.64 -36.95 -12.29
N ASP B 587 -22.92 -36.59 -12.19
CA ASP B 587 -23.92 -37.04 -13.14
C ASP B 587 -24.05 -36.03 -14.29
N TYR B 588 -23.97 -36.52 -15.53
CA TYR B 588 -24.00 -35.65 -16.70
C TYR B 588 -25.24 -35.83 -17.59
N ASN B 589 -25.83 -34.69 -17.93
CA ASN B 589 -26.94 -34.63 -18.88
C ASN B 589 -26.42 -34.43 -20.31
N ILE B 590 -26.86 -35.30 -21.21
CA ILE B 590 -26.28 -35.45 -22.54
C ILE B 590 -26.89 -34.53 -23.60
N ILE B 591 -28.01 -33.90 -23.28
CA ILE B 591 -28.78 -33.12 -24.26
C ILE B 591 -28.05 -31.88 -24.79
N GLY B 592 -28.10 -31.69 -26.09
CA GLY B 592 -27.65 -30.47 -26.73
C GLY B 592 -26.16 -30.36 -26.93
N TRP B 593 -25.41 -31.43 -26.65
CA TRP B 593 -23.95 -31.37 -26.71
C TRP B 593 -23.46 -31.22 -28.14
N LEU B 594 -24.05 -32.00 -29.04
CA LEU B 594 -23.74 -31.92 -30.47
C LEU B 594 -23.91 -30.49 -30.99
N GLN B 595 -25.00 -29.85 -30.60
CA GLN B 595 -25.31 -28.52 -31.06
C GLN B 595 -24.38 -27.51 -30.42
N LYS B 596 -24.19 -27.63 -29.11
CA LYS B 596 -23.28 -26.75 -28.38
C LYS B 596 -21.85 -26.81 -28.94
N ASN B 597 -21.43 -28.00 -29.33
CA ASN B 597 -20.09 -28.18 -29.83
C ASN B 597 -19.85 -27.63 -31.24
N LYS B 598 -20.82 -27.80 -32.13
CA LYS B 598 -20.71 -27.28 -33.51
C LYS B 598 -21.12 -25.82 -33.62
N ASP B 599 -22.31 -25.48 -33.09
CA ASP B 599 -22.80 -24.11 -33.07
C ASP B 599 -22.96 -23.55 -34.49
N PRO B 600 -23.86 -24.16 -35.30
CA PRO B 600 -24.02 -23.68 -36.67
C PRO B 600 -24.70 -22.31 -36.73
N LEU B 601 -24.32 -21.52 -37.72
CA LEU B 601 -24.89 -20.19 -37.91
C LEU B 601 -25.53 -20.08 -39.29
N ASN B 602 -26.40 -19.08 -39.44
CA ASN B 602 -26.93 -18.70 -40.73
C ASN B 602 -25.79 -18.15 -41.57
N GLU B 603 -25.33 -18.95 -42.52
CA GLU B 603 -24.17 -18.59 -43.34
C GLU B 603 -24.47 -17.41 -44.28
N THR B 604 -25.71 -17.27 -44.72
CA THR B 604 -26.12 -16.09 -45.49
C THR B 604 -25.95 -14.82 -44.66
N VAL B 605 -26.29 -14.88 -43.38
CA VAL B 605 -26.12 -13.71 -42.51
C VAL B 605 -24.65 -13.47 -42.14
N VAL B 606 -23.88 -14.54 -42.03
CA VAL B 606 -22.43 -14.43 -41.82
C VAL B 606 -21.78 -13.74 -43.01
N GLY B 607 -22.20 -14.14 -44.21
CA GLY B 607 -21.75 -13.51 -45.45
C GLY B 607 -21.98 -12.00 -45.43
N LEU B 608 -23.13 -11.59 -44.92
CA LEU B 608 -23.43 -10.18 -44.77
C LEU B 608 -22.47 -9.50 -43.79
N TYR B 609 -22.14 -10.16 -42.67
CA TYR B 609 -21.23 -9.59 -41.68
C TYR B 609 -19.85 -9.33 -42.28
N GLN B 610 -19.42 -10.24 -43.14
CA GLN B 610 -18.13 -10.15 -43.80
C GLN B 610 -17.99 -8.94 -44.72
N LYS B 611 -19.12 -8.51 -45.29
CA LYS B 611 -19.16 -7.38 -46.21
C LYS B 611 -19.75 -6.14 -45.55
N SER B 612 -19.74 -6.12 -44.21
CA SER B 612 -20.23 -5.01 -43.44
C SER B 612 -19.32 -3.80 -43.63
N SER B 613 -19.90 -2.61 -43.55
CA SER B 613 -19.14 -1.38 -43.71
C SER B 613 -18.47 -0.97 -42.41
N LEU B 614 -18.95 -1.52 -41.29
CA LEU B 614 -18.31 -1.38 -39.99
C LEU B 614 -17.10 -2.31 -39.95
N LYS B 615 -15.90 -1.73 -39.93
CA LYS B 615 -14.66 -2.49 -40.02
C LYS B 615 -14.50 -3.58 -38.98
N LEU B 616 -15.05 -3.36 -37.79
CA LEU B 616 -14.94 -4.30 -36.69
C LEU B 616 -15.69 -5.60 -36.97
N LEU B 617 -16.94 -5.48 -37.41
CA LEU B 617 -17.77 -6.64 -37.68
C LEU B 617 -17.13 -7.47 -38.77
N SER B 618 -16.63 -6.77 -39.78
CA SER B 618 -15.93 -7.35 -40.90
C SER B 618 -14.73 -8.18 -40.46
N THR B 619 -13.95 -7.61 -39.54
CA THR B 619 -12.78 -8.28 -38.97
C THR B 619 -13.16 -9.53 -38.17
N LEU B 620 -14.27 -9.44 -37.45
CA LEU B 620 -14.73 -10.52 -36.58
C LEU B 620 -15.14 -11.81 -37.29
N PHE B 621 -15.45 -11.74 -38.58
CA PHE B 621 -15.88 -12.92 -39.29
C PHE B 621 -15.04 -13.16 -40.54
N ALA B 622 -14.01 -12.34 -40.70
CA ALA B 622 -13.10 -12.41 -41.85
C ALA B 622 -12.59 -13.84 -42.03
N ASN B 623 -12.17 -14.45 -40.92
CA ASN B 623 -11.71 -15.82 -40.92
C ASN B 623 -12.85 -16.72 -40.46
N TYR B 624 -13.84 -16.95 -41.30
CA TYR B 624 -14.94 -17.82 -40.90
C TYR B 624 -14.95 -19.14 -41.63
N ALA B 625 -15.16 -20.21 -40.85
CA ALA B 625 -15.42 -21.52 -41.41
C ALA B 625 -16.39 -22.29 -40.52
N GLY B 626 -17.50 -22.70 -41.13
CA GLY B 626 -18.41 -23.69 -40.54
C GLY B 626 -18.04 -25.05 -41.10
N GLN B 645 -13.26 -24.56 -35.24
CA GLN B 645 -14.71 -24.52 -35.26
C GLN B 645 -15.32 -25.08 -33.97
N THR B 646 -14.94 -26.33 -33.64
CA THR B 646 -15.48 -27.07 -32.50
C THR B 646 -15.12 -26.47 -31.14
N VAL B 647 -16.11 -26.35 -30.24
CA VAL B 647 -15.85 -25.85 -28.88
C VAL B 647 -14.86 -26.74 -28.10
N SER B 648 -15.04 -28.05 -28.19
CA SER B 648 -14.15 -28.99 -27.50
C SER B 648 -12.73 -29.05 -28.08
N ALA B 649 -12.61 -28.78 -29.37
CA ALA B 649 -11.30 -28.74 -30.02
C ALA B 649 -10.54 -27.46 -29.68
N LEU B 650 -11.29 -26.38 -29.48
CA LEU B 650 -10.70 -25.11 -29.08
C LEU B 650 -10.27 -25.22 -27.63
N HIS B 651 -11.09 -25.91 -26.83
CA HIS B 651 -10.77 -26.17 -25.44
C HIS B 651 -9.53 -27.04 -25.28
N ARG B 652 -9.44 -28.10 -26.09
CA ARG B 652 -8.25 -28.95 -26.04
C ARG B 652 -7.00 -28.15 -26.37
N GLU B 653 -7.06 -27.39 -27.46
CA GLU B 653 -5.96 -26.53 -27.87
C GLU B 653 -5.59 -25.55 -26.76
N ASN B 654 -6.58 -24.85 -26.21
CA ASN B 654 -6.33 -23.88 -25.13
C ASN B 654 -5.73 -24.53 -23.90
N LEU B 655 -6.30 -25.67 -23.51
CA LEU B 655 -5.82 -26.39 -22.33
C LEU B 655 -4.36 -26.84 -22.52
N ASN B 656 -4.02 -27.34 -23.70
CA ASN B 656 -2.64 -27.77 -23.96
C ASN B 656 -1.62 -26.64 -23.84
N LYS B 657 -1.92 -25.50 -24.45
CA LYS B 657 -1.08 -24.32 -24.32
C LYS B 657 -0.93 -23.92 -22.85
N LEU B 658 -2.04 -24.00 -22.11
CA LEU B 658 -2.02 -23.64 -20.70
C LEU B 658 -1.08 -24.54 -19.91
N MET B 659 -1.18 -25.84 -20.16
CA MET B 659 -0.43 -26.84 -19.43
C MET B 659 1.04 -26.80 -19.78
N THR B 660 1.36 -26.50 -21.04
CA THR B 660 2.74 -26.28 -21.46
C THR B 660 3.33 -25.10 -20.69
N ASN B 661 2.53 -24.06 -20.46
CA ASN B 661 3.00 -22.90 -19.71
C ASN B 661 3.23 -23.20 -18.25
N LEU B 662 2.26 -23.88 -17.64
CA LEU B 662 2.37 -24.25 -16.23
C LEU B 662 3.51 -25.23 -16.00
N ARG B 663 3.71 -26.15 -16.95
CA ARG B 663 4.79 -27.13 -16.86
C ARG B 663 6.20 -26.54 -16.92
N SER B 664 6.32 -25.28 -17.35
CA SER B 664 7.61 -24.61 -17.41
C SER B 664 7.77 -23.65 -16.23
N THR B 665 7.17 -24.03 -15.12
CA THR B 665 6.91 -23.10 -14.03
C THR B 665 7.14 -23.75 -12.66
N HIS B 666 7.63 -22.97 -11.71
CA HIS B 666 7.46 -23.29 -10.30
C HIS B 666 6.04 -22.83 -9.91
N PRO B 667 5.16 -23.79 -9.58
CA PRO B 667 3.76 -23.44 -9.29
C PRO B 667 3.45 -23.18 -7.81
N HIS B 668 2.47 -22.31 -7.59
CA HIS B 668 1.99 -21.97 -6.26
C HIS B 668 0.49 -22.02 -6.27
N PHE B 669 -0.08 -22.65 -5.27
CA PHE B 669 -1.49 -23.02 -5.27
C PHE B 669 -2.33 -22.31 -4.23
N VAL B 670 -3.43 -21.72 -4.67
CA VAL B 670 -4.27 -20.92 -3.81
C VAL B 670 -5.69 -21.42 -3.93
N ARG B 671 -6.27 -21.84 -2.81
CA ARG B 671 -7.63 -22.37 -2.81
C ARG B 671 -8.57 -21.45 -2.06
N CYS B 672 -9.61 -21.02 -2.76
CA CYS B 672 -10.57 -20.09 -2.19
C CYS B 672 -11.84 -20.83 -1.80
N ILE B 673 -12.36 -20.49 -0.61
CA ILE B 673 -13.54 -21.12 -0.05
C ILE B 673 -14.61 -20.07 0.18
N ILE B 674 -15.81 -20.32 -0.35
CA ILE B 674 -17.00 -19.54 -0.02
C ILE B 674 -17.64 -20.09 1.27
N PRO B 675 -17.73 -19.26 2.31
CA PRO B 675 -18.22 -19.76 3.61
C PRO B 675 -19.71 -20.08 3.67
N ASN B 676 -20.54 -19.37 2.90
CA ASN B 676 -22.00 -19.52 3.00
C ASN B 676 -22.76 -19.04 1.76
N GLU B 677 -24.06 -19.36 1.71
CA GLU B 677 -24.91 -19.03 0.57
C GLU B 677 -25.47 -17.60 0.55
N THR B 678 -25.41 -16.90 1.68
CA THR B 678 -26.13 -15.62 1.82
C THR B 678 -25.27 -14.34 1.94
N LYS B 679 -24.04 -14.35 1.39
CA LYS B 679 -23.08 -13.23 1.52
C LYS B 679 -22.87 -12.72 2.95
N SER B 680 -22.98 -13.60 3.94
CA SER B 680 -22.92 -13.16 5.34
C SER B 680 -21.52 -13.24 5.94
N PRO B 681 -20.98 -12.09 6.38
CA PRO B 681 -19.64 -12.04 6.98
C PRO B 681 -19.48 -12.91 8.23
N GLY B 682 -18.45 -13.75 8.25
CA GLY B 682 -18.08 -14.47 9.46
C GLY B 682 -18.87 -15.74 9.76
N VAL B 683 -19.88 -16.01 8.94
CA VAL B 683 -20.74 -17.18 9.11
C VAL B 683 -20.23 -18.33 8.24
N MET B 684 -20.18 -19.53 8.81
CA MET B 684 -19.73 -20.70 8.08
C MET B 684 -20.73 -21.85 8.15
N ASP B 685 -21.13 -22.35 6.98
CA ASP B 685 -21.88 -23.60 6.88
C ASP B 685 -20.89 -24.74 6.82
N ASN B 686 -20.98 -25.68 7.75
CA ASN B 686 -20.08 -26.82 7.72
C ASN B 686 -20.19 -27.65 6.43
N PRO B 687 -21.41 -28.10 6.06
CA PRO B 687 -21.50 -28.98 4.88
C PRO B 687 -20.95 -28.35 3.59
N LEU B 688 -21.23 -27.07 3.37
CA LEU B 688 -20.74 -26.36 2.20
C LEU B 688 -19.21 -26.28 2.18
N VAL B 689 -18.60 -25.98 3.32
CA VAL B 689 -17.14 -25.93 3.40
C VAL B 689 -16.52 -27.32 3.17
N MET B 690 -17.07 -28.33 3.85
CA MET B 690 -16.66 -29.72 3.64
C MET B 690 -16.72 -30.09 2.16
N HIS B 691 -17.83 -29.75 1.51
CA HIS B 691 -17.98 -30.08 0.10
C HIS B 691 -16.77 -29.58 -0.68
N GLN B 692 -16.43 -28.31 -0.45
CA GLN B 692 -15.32 -27.65 -1.10
C GLN B 692 -13.99 -28.32 -0.78
N LEU B 693 -13.79 -28.67 0.49
CA LEU B 693 -12.57 -29.37 0.91
C LEU B 693 -12.33 -30.70 0.18
N ARG B 694 -13.40 -31.50 0.08
CA ARG B 694 -13.39 -32.74 -0.71
C ARG B 694 -13.07 -32.50 -2.19
N CYS B 695 -13.53 -31.37 -2.73
CA CYS B 695 -13.31 -31.00 -4.13
C CYS B 695 -12.02 -30.22 -4.39
N ASN B 696 -11.60 -29.43 -3.40
CA ASN B 696 -10.41 -28.58 -3.46
C ASN B 696 -9.11 -29.24 -3.86
N GLY B 697 -8.93 -30.48 -3.40
CA GLY B 697 -7.63 -31.11 -3.43
C GLY B 697 -6.84 -30.86 -2.15
N VAL B 698 -7.40 -30.03 -1.27
CA VAL B 698 -6.82 -29.78 0.04
C VAL B 698 -6.87 -31.06 0.87
N LEU B 699 -7.90 -31.88 0.63
CA LEU B 699 -8.08 -33.15 1.33
C LEU B 699 -7.31 -34.33 0.74
N GLU B 700 -7.55 -34.65 -0.53
CA GLU B 700 -6.80 -35.72 -1.20
C GLU B 700 -5.49 -35.19 -1.79
N GLY B 701 -4.98 -34.13 -1.17
CA GLY B 701 -3.61 -33.67 -1.33
C GLY B 701 -2.90 -33.93 -0.02
N ILE B 702 -3.70 -34.06 1.05
CA ILE B 702 -3.23 -34.41 2.39
C ILE B 702 -2.62 -35.81 2.43
N ARG B 703 -3.44 -36.82 2.15
CA ARG B 703 -3.06 -38.24 2.16
C ARG B 703 -1.59 -38.50 1.84
N ILE B 704 -1.20 -38.12 0.62
CA ILE B 704 0.17 -38.25 0.10
C ILE B 704 1.25 -37.92 1.12
N CYS B 705 1.14 -36.75 1.77
CA CYS B 705 2.14 -36.27 2.72
C CYS B 705 2.48 -37.29 3.80
N ARG B 706 1.45 -37.71 4.55
CA ARG B 706 1.64 -38.60 5.70
C ARG B 706 1.87 -40.08 5.32
N LYS B 707 1.70 -40.41 4.04
CA LYS B 707 1.96 -41.77 3.52
C LYS B 707 3.45 -42.16 3.52
N GLY B 708 4.32 -41.16 3.40
CA GLY B 708 5.76 -41.39 3.49
C GLY B 708 6.27 -40.99 4.86
N PHE B 709 7.30 -40.14 4.87
CA PHE B 709 7.79 -39.53 6.10
C PHE B 709 7.61 -38.00 6.04
N PRO B 710 6.50 -37.49 6.62
CA PRO B 710 6.19 -36.06 6.56
C PRO B 710 7.18 -35.18 7.34
N ASN B 711 7.43 -35.56 8.60
CA ASN B 711 8.32 -34.80 9.46
C ASN B 711 9.80 -35.06 9.17
N ARG B 712 10.52 -33.98 8.88
CA ARG B 712 11.93 -34.02 8.48
C ARG B 712 12.76 -33.22 9.50
N ILE B 713 13.20 -33.87 10.59
CA ILE B 713 13.84 -33.18 11.72
C ILE B 713 15.34 -33.42 11.89
N LEU B 714 16.06 -32.36 12.24
CA LEU B 714 17.52 -32.40 12.43
C LEU B 714 17.88 -32.68 13.91
N TYR B 715 18.91 -33.50 14.12
CA TYR B 715 19.36 -33.91 15.46
C TYR B 715 18.32 -34.74 16.23
N ALA B 742 23.36 -40.30 18.91
CA ALA B 742 23.23 -39.64 17.62
C ALA B 742 22.14 -40.30 16.79
N GLU B 743 22.39 -41.54 16.38
CA GLU B 743 21.38 -42.36 15.69
C GLU B 743 20.86 -43.45 16.64
N LYS B 744 21.56 -43.67 17.75
CA LYS B 744 21.18 -44.65 18.75
C LYS B 744 20.12 -44.09 19.72
N LEU B 745 19.88 -42.79 19.65
CA LEU B 745 18.87 -42.10 20.47
C LEU B 745 17.48 -42.72 20.33
N LEU B 746 17.02 -42.86 19.08
CA LEU B 746 15.71 -43.46 18.79
C LEU B 746 15.71 -44.99 18.87
N SER B 747 16.88 -45.59 19.10
CA SER B 747 17.01 -47.04 19.15
C SER B 747 16.41 -47.64 20.41
N SER B 748 16.63 -47.01 21.56
CA SER B 748 16.27 -47.56 22.87
C SER B 748 14.77 -47.66 23.15
N LEU B 749 14.01 -46.65 22.72
CA LEU B 749 12.55 -46.64 22.93
C LEU B 749 11.85 -47.79 22.20
N ASP B 750 10.88 -48.41 22.88
CA ASP B 750 10.30 -49.70 22.48
C ASP B 750 9.92 -49.87 21.00
N ILE B 751 8.73 -49.39 20.60
CA ILE B 751 8.26 -49.74 19.25
C ILE B 751 7.22 -48.91 18.46
N ASP B 752 7.79 -48.28 17.39
CA ASP B 752 7.67 -49.02 16.12
C ASP B 752 9.09 -49.02 15.54
N HIS B 753 9.44 -50.04 14.77
CA HIS B 753 10.74 -50.09 14.11
C HIS B 753 10.59 -50.05 12.59
N ASN B 754 9.37 -49.78 12.15
CA ASN B 754 9.05 -49.55 10.75
C ASN B 754 8.47 -48.14 10.56
N GLN B 755 9.05 -47.17 11.27
CA GLN B 755 8.64 -45.77 11.16
C GLN B 755 9.80 -44.80 11.43
N TYR B 756 10.96 -45.34 11.76
CA TYR B 756 12.18 -44.55 11.92
C TYR B 756 13.03 -44.63 10.65
N LYS B 757 13.57 -43.49 10.23
CA LYS B 757 14.47 -43.43 9.06
C LYS B 757 15.50 -42.31 9.24
N PHE B 758 16.73 -42.56 8.78
CA PHE B 758 17.84 -41.63 8.97
C PHE B 758 18.53 -41.23 7.66
N GLY B 759 18.73 -39.93 7.48
CA GLY B 759 19.41 -39.39 6.30
C GLY B 759 20.69 -38.64 6.61
N HIS B 760 21.20 -37.91 5.62
CA HIS B 760 22.44 -37.15 5.75
C HIS B 760 22.33 -36.00 6.76
N THR B 761 21.47 -35.03 6.47
CA THR B 761 21.27 -33.88 7.36
C THR B 761 20.27 -34.19 8.48
N LYS B 762 19.13 -34.75 8.10
CA LYS B 762 18.00 -34.94 9.02
C LYS B 762 17.62 -36.41 9.26
N VAL B 763 16.74 -36.62 10.24
CA VAL B 763 16.09 -37.91 10.47
C VAL B 763 14.60 -37.82 10.12
N PHE B 764 14.11 -38.82 9.39
CA PHE B 764 12.74 -38.83 8.84
C PHE B 764 11.81 -39.72 9.67
N PHE B 765 10.60 -39.24 9.94
CA PHE B 765 9.65 -39.98 10.76
C PHE B 765 8.27 -40.06 10.12
N LYS B 766 7.65 -41.22 10.21
CA LYS B 766 6.23 -41.35 9.95
C LYS B 766 5.50 -40.60 11.06
N ALA B 767 4.43 -39.89 10.72
CA ALA B 767 3.62 -39.18 11.72
C ALA B 767 2.77 -40.19 12.51
N GLY B 768 2.02 -39.69 13.49
CA GLY B 768 1.20 -40.55 14.33
C GLY B 768 2.05 -41.26 15.38
N LEU B 769 3.13 -41.89 14.92
CA LEU B 769 4.13 -42.50 15.80
C LEU B 769 4.84 -41.40 16.59
N LEU B 770 5.07 -40.26 15.93
CA LEU B 770 5.56 -39.05 16.57
C LEU B 770 4.46 -38.43 17.44
N GLY B 771 3.20 -38.70 17.06
CA GLY B 771 2.03 -38.23 17.80
C GLY B 771 1.99 -38.75 19.22
N LEU B 772 2.63 -39.90 19.46
CA LEU B 772 2.79 -40.45 20.81
C LEU B 772 4.12 -40.03 21.45
N LEU B 773 5.11 -39.74 20.60
CA LEU B 773 6.47 -39.42 21.06
C LEU B 773 6.58 -38.05 21.70
N GLU B 774 5.67 -37.14 21.35
CA GLU B 774 5.63 -35.80 21.94
C GLU B 774 5.00 -35.79 23.34
N GLU B 775 4.21 -36.83 23.65
CA GLU B 775 3.52 -36.94 24.94
C GLU B 775 4.50 -37.35 26.05
PG ANP C . 7.45 18.54 15.21
O1G ANP C . 8.50 19.51 14.80
O2G ANP C . 6.82 18.92 16.53
O3G ANP C . 7.91 17.08 15.15
PB ANP C . 5.98 17.68 12.78
O1B ANP C . 6.23 18.58 11.65
O2B ANP C . 6.91 16.48 12.93
N3B ANP C . 6.14 18.76 14.12
PA ANP C . 3.95 15.78 12.70
O1A ANP C . 4.44 15.15 11.44
O2A ANP C . 4.16 15.08 14.02
O3A ANP C . 4.44 17.27 12.77
O5' ANP C . 2.39 16.09 12.56
C5' ANP C . 1.71 16.38 13.77
C4' ANP C . 0.29 15.84 13.73
O4' ANP C . -0.40 16.42 12.63
C3' ANP C . 0.22 14.35 13.46
O3' ANP C . 0.22 13.61 14.65
C2' ANP C . -1.11 14.18 12.78
O2' ANP C . -2.13 14.10 13.77
C1' ANP C . -1.27 15.48 12.02
N9 ANP C . -0.86 15.29 10.60
C8 ANP C . 0.27 15.75 10.02
N7 ANP C . 0.31 15.42 8.71
C5 ANP C . -0.80 14.72 8.43
C6 ANP C . -1.39 14.07 7.24
N6 ANP C . -0.74 14.09 6.06
N1 ANP C . -2.58 13.45 7.37
C2 ANP C . -3.22 13.42 8.55
N3 ANP C . -2.75 13.98 9.66
C4 ANP C . -1.57 14.64 9.67
MN MN D . 8.32 15.63 14.16
PG ANP E . -16.63 -16.11 -9.80
O1G ANP E . -16.19 -17.53 -9.93
O2G ANP E . -18.13 -15.96 -9.91
O3G ANP E . -15.78 -15.09 -10.58
PB ANP E . -14.79 -15.28 -7.63
O1B ANP E . -14.23 -16.48 -6.93
O2B ANP E . -14.01 -14.59 -8.79
N3B ANP E . -16.36 -15.79 -8.14
PA ANP E . -14.90 -12.81 -6.35
O1A ANP E . -13.41 -12.67 -6.27
O2A ANP E . -15.63 -12.09 -7.44
O3A ANP E . -15.19 -14.36 -6.41
O5' ANP E . -15.50 -12.49 -4.91
C5' ANP E . -16.91 -12.37 -4.70
C4' ANP E . -17.22 -11.21 -3.76
O4' ANP E . -16.81 -11.51 -2.43
C3' ANP E . -16.46 -9.94 -4.10
O3' ANP E . -17.19 -9.15 -5.02
C2' ANP E . -16.25 -9.23 -2.77
O2' ANP E . -17.37 -8.41 -2.50
C1' ANP E . -16.28 -10.37 -1.78
N9 ANP E . -14.90 -10.71 -1.38
C8 ANP E . -14.21 -11.76 -1.82
N7 ANP E . -12.99 -11.82 -1.25
C5 ANP E . -12.90 -10.77 -0.43
C6 ANP E . -11.88 -10.22 0.49
N6 ANP E . -10.69 -10.82 0.64
N1 ANP E . -12.20 -9.10 1.18
C2 ANP E . -13.37 -8.48 1.04
N3 ANP E . -14.34 -8.92 0.22
C4 ANP E . -14.16 -10.04 -0.51
MN MN F . -14.20 -14.17 -10.67
#